data_2XP6
# 
_entry.id   2XP6 
# 
_audit_conform.dict_name       mmcif_pdbx.dic 
_audit_conform.dict_version    5.383 
_audit_conform.dict_location   http://mmcif.pdb.org/dictionaries/ascii/mmcif_pdbx.dic 
# 
loop_
_database_2.database_id 
_database_2.database_code 
_database_2.pdbx_database_accession 
_database_2.pdbx_DOI 
PDB   2XP6         pdb_00002xp6 10.2210/pdb2xp6/pdb 
PDBE  EBI-45159    ?            ?                   
WWPDB D_1290045159 ?            ?                   
# 
loop_
_pdbx_database_related.db_name 
_pdbx_database_related.db_id 
_pdbx_database_related.content_type 
_pdbx_database_related.details 
PDB 1F8A unspecified 'STRUCTURAL BASIS FOR THE PHOSPHOSERINE-PROLINE RECOGNITIONBY GROUP IV WW DOMAINS'                 
PDB 1I8G unspecified 'SOLUTION STRUCTURE OF PIN1 WW DOMAIN COMPLEXED WITH CDC25PHOSPHOTHREONINE PEPTIDE'                
PDB 1PIN unspecified 'PIN1 PEPTIDYL-PROLYL CIS-TRANS ISOMERASE FROM HOMO SAPIENS'                                       
PDB 2XPB unspecified 'DISCOVERY OF CELL-ACTIVE PHENYL-IMIDAZOLE PIN1 INHIBITORS BY STRUCTURE-GUIDED FRAGMENT EVOLUTION' 
PDB 2XP3 unspecified 'DISCOVERY OF CELL-ACTIVE PHENYL-IMIDAZOLE PIN1 INHIBITORS BY STRUCTURE-GUIDED FRAGMENT EVOLUTION' 
PDB 2XP5 unspecified 'DISCOVERY OF CELL-ACTIVE PHENYL-IMIDAZOLE PIN1 INHIBITORS BY STRUCTURE-GUIDED FRAGMENT EVOLUTION' 
PDB 1NMW unspecified 'SOLUTION STRUCTURE OF THE PPIASE DOMAIN OF HUMAN PIN1'                                            
PDB 2XP4 unspecified 'DISCOVERY OF CELL-ACTIVE PHENYL-IMIDAZOLE PIN1 INHIBITORS BY STRUCTURE-GUIDED FRAGMENT EVOLUTION' 
PDB 1ZCN unspecified 'HUMAN PIN1 NG MUTANT'                                                                             
PDB 2F21 unspecified 'HUMAN PIN1 FIP MUTANT'                                                                            
PDB 2XP8 unspecified 'DISCOVERY OF CELL-ACTIVE PHENYL-IMIDAZOLE PIN1 INHIBITORS BY STRUCTURE-GUIDED FRAGMENT EVOLUTION' 
PDB 1NMV unspecified 'SOLUTION STRUCTURE OF HUMAN PIN1'                                                                 
PDB 2XP9 unspecified 'DISCOVERY OF CELL-ACTIVE PHENYL-IMIDAZOLE PIN1 INHIBITORS BY STRUCTURE-GUIDED FRAGMENT EVOLUTION' 
PDB 2XP7 unspecified 'DISCOVERY OF CELL-ACTIVE PHENYL-IMIDAZOLE PIN1 INHIBITORS BY STRUCTURE-GUIDED FRAGMENT EVOLUTION' 
PDB 1I8H unspecified 'SOLUTION STRUCTURE OF PIN1 WW DOMAIN COMPLEXED WITH HUMANTAU PHOSPHOTHREONINE PEPTIDE'            
PDB 2XPA unspecified 'DISCOVERY OF CELL-ACTIVE PHENYL-IMIDAZOLE PIN1 INHIBITORS BY STRUCTURE-GUIDED FRAGMENT EVOLUTION' 
PDB 1I6C unspecified 'SOLUTION STRUCTURE OF PIN1 WW DOMAIN'                                                             
# 
_pdbx_database_status.status_code                     REL 
_pdbx_database_status.entry_id                        2XP6 
_pdbx_database_status.deposit_site                    PDBE 
_pdbx_database_status.process_site                    PDBE 
_pdbx_database_status.SG_entry                        . 
_pdbx_database_status.recvd_initial_deposition_date   2010-08-25 
_pdbx_database_status.pdb_format_compatible           Y 
_pdbx_database_status.status_code_sf                  REL 
_pdbx_database_status.status_code_mr                  ? 
_pdbx_database_status.status_code_cs                  ? 
_pdbx_database_status.methods_development_category    ? 
_pdbx_database_status.status_code_nmr_data            ? 
# 
loop_
_audit_author.name 
_audit_author.pdbx_ordinal 
'Potter, A.'       1  
'Oldfield, V.'     2  
'Nunns, C.'        3  
'Fromont, C.'      4  
'Ray, S.'          5  
'Northfield, C.J.' 6  
'Bryant, C.J.'     7  
'Scrace, S.F.'     8  
'Robinson, D.'     9  
'Matossova, N.'    10 
'Baker, L.'        11 
'Dokurno, P.'      12 
'Surgenor, A.E.'   13 
'Davis, B.E.'      14 
'Richardson, C.M.' 15 
'Murray, J.B.'     16 
'Moore, J.D.'      17 
# 
_citation.id                        primary 
_citation.title                     
'Discovery of Cell-Active Phenyl-Imidazole Pin1 Inhibitors by Structure-Guided Fragment Evolution.' 
_citation.journal_abbrev            Bioorg.Med.Chem.Lett. 
_citation.journal_volume            20 
_citation.page_first                6483 
_citation.page_last                 ? 
_citation.year                      2010 
_citation.journal_id_ASTM           BMCLE8 
_citation.country                   UK 
_citation.journal_id_ISSN           0960-894X 
_citation.journal_id_CSD            1127 
_citation.book_publisher            ? 
_citation.pdbx_database_id_PubMed   20932746 
_citation.pdbx_database_id_DOI      10.1016/J.BMCL.2010.09.063 
# 
loop_
_citation_author.citation_id 
_citation_author.name 
_citation_author.ordinal 
_citation_author.identifier_ORCID 
primary 'Potter, A.'       1  ? 
primary 'Oldfield, V.'     2  ? 
primary 'Nunns, C.'        3  ? 
primary 'Fromont, C.'      4  ? 
primary 'Ray, S.'          5  ? 
primary 'Northfield, C.J.' 6  ? 
primary 'Bryant, C.J.'     7  ? 
primary 'Scrace, S.F.'     8  ? 
primary 'Robinson, D.'     9  ? 
primary 'Matossova, N.'    10 ? 
primary 'Baker, L.'        11 ? 
primary 'Dokurno, P.'      12 ? 
primary 'Surgenor, A.E.'   13 ? 
primary 'Davis, B.'        14 ? 
primary 'Richardson, C.M.' 15 ? 
primary 'Murray, J.B.'     16 ? 
primary 'Moore, J.D.'      17 ? 
# 
_cell.entry_id           2XP6 
_cell.length_a           68.736 
_cell.length_b           68.736 
_cell.length_c           79.972 
_cell.angle_alpha        90.00 
_cell.angle_beta         90.00 
_cell.angle_gamma        120.00 
_cell.Z_PDB              6 
_cell.pdbx_unique_axis   ? 
# 
_symmetry.entry_id                         2XP6 
_symmetry.space_group_name_H-M             'P 31 2 1' 
_symmetry.pdbx_full_space_group_name_H-M   ? 
_symmetry.cell_setting                     ? 
_symmetry.Int_Tables_number                152 
# 
loop_
_entity.id 
_entity.type 
_entity.src_method 
_entity.pdbx_description 
_entity.formula_weight 
_entity.pdbx_number_of_molecules 
_entity.pdbx_ec 
_entity.pdbx_mutation 
_entity.pdbx_fragment 
_entity.details 
1 polymer     man 'PEPTIDYL-PROLYL CIS-TRANS ISOMERASE NIMA-INTERACTING 1'      18467.475 1   5.2.1.8 YES ? ? 
2 non-polymer syn 'DODECAETHYLENE GLYCOL'                                       546.646   1   ?       ?   ? ? 
3 non-polymer syn '2-(3-CHLORO-PHENYL)-5-METHYL-1H-IMIDAZOLE-4-CARBOXYLIC ACID' 236.654   1   ?       ?   ? ? 
4 water       nat water                                                         18.015    136 ?       ?   ? ? 
# 
_entity_name_com.entity_id   1 
_entity_name_com.name        'PIN1, PEPTIDYL-PROLYL CIS-TRANS ISOMERASE PIN1, PPIASE PIN1, ROTAMASE PIN1' 
# 
_entity_poly.entity_id                      1 
_entity_poly.type                           'polypeptide(L)' 
_entity_poly.nstd_linkage                   no 
_entity_poly.nstd_monomer                   no 
_entity_poly.pdbx_seq_one_letter_code       
;GSHGMADEEKLPPGWEKAMSRSSGRVYYFNHITNASQWERPSGNSSSGGKNGQGEPARVRCSHLLVKHSQSRRPSSWRQE
KITRTKEEALELINGYIQKIKSGEEDFESLASQFSDCSSAKARGDLGAFSRGQMAKPFEDASFALRTGEMSGPVFTDSGI
HIILRTE
;
_entity_poly.pdbx_seq_one_letter_code_can   
;GSHGMADEEKLPPGWEKAMSRSSGRVYYFNHITNASQWERPSGNSSSGGKNGQGEPARVRCSHLLVKHSQSRRPSSWRQE
KITRTKEEALELINGYIQKIKSGEEDFESLASQFSDCSSAKARGDLGAFSRGQMAKPFEDASFALRTGEMSGPVFTDSGI
HIILRTE
;
_entity_poly.pdbx_strand_id                 A 
_entity_poly.pdbx_target_identifier         ? 
# 
loop_
_entity_poly_seq.entity_id 
_entity_poly_seq.num 
_entity_poly_seq.mon_id 
_entity_poly_seq.hetero 
1 1   GLY n 
1 2   SER n 
1 3   HIS n 
1 4   GLY n 
1 5   MET n 
1 6   ALA n 
1 7   ASP n 
1 8   GLU n 
1 9   GLU n 
1 10  LYS n 
1 11  LEU n 
1 12  PRO n 
1 13  PRO n 
1 14  GLY n 
1 15  TRP n 
1 16  GLU n 
1 17  LYS n 
1 18  ALA n 
1 19  MET n 
1 20  SER n 
1 21  ARG n 
1 22  SER n 
1 23  SER n 
1 24  GLY n 
1 25  ARG n 
1 26  VAL n 
1 27  TYR n 
1 28  TYR n 
1 29  PHE n 
1 30  ASN n 
1 31  HIS n 
1 32  ILE n 
1 33  THR n 
1 34  ASN n 
1 35  ALA n 
1 36  SER n 
1 37  GLN n 
1 38  TRP n 
1 39  GLU n 
1 40  ARG n 
1 41  PRO n 
1 42  SER n 
1 43  GLY n 
1 44  ASN n 
1 45  SER n 
1 46  SER n 
1 47  SER n 
1 48  GLY n 
1 49  GLY n 
1 50  LYS n 
1 51  ASN n 
1 52  GLY n 
1 53  GLN n 
1 54  GLY n 
1 55  GLU n 
1 56  PRO n 
1 57  ALA n 
1 58  ARG n 
1 59  VAL n 
1 60  ARG n 
1 61  CYS n 
1 62  SER n 
1 63  HIS n 
1 64  LEU n 
1 65  LEU n 
1 66  VAL n 
1 67  LYS n 
1 68  HIS n 
1 69  SER n 
1 70  GLN n 
1 71  SER n 
1 72  ARG n 
1 73  ARG n 
1 74  PRO n 
1 75  SER n 
1 76  SER n 
1 77  TRP n 
1 78  ARG n 
1 79  GLN n 
1 80  GLU n 
1 81  LYS n 
1 82  ILE n 
1 83  THR n 
1 84  ARG n 
1 85  THR n 
1 86  LYS n 
1 87  GLU n 
1 88  GLU n 
1 89  ALA n 
1 90  LEU n 
1 91  GLU n 
1 92  LEU n 
1 93  ILE n 
1 94  ASN n 
1 95  GLY n 
1 96  TYR n 
1 97  ILE n 
1 98  GLN n 
1 99  LYS n 
1 100 ILE n 
1 101 LYS n 
1 102 SER n 
1 103 GLY n 
1 104 GLU n 
1 105 GLU n 
1 106 ASP n 
1 107 PHE n 
1 108 GLU n 
1 109 SER n 
1 110 LEU n 
1 111 ALA n 
1 112 SER n 
1 113 GLN n 
1 114 PHE n 
1 115 SER n 
1 116 ASP n 
1 117 CYS n 
1 118 SER n 
1 119 SER n 
1 120 ALA n 
1 121 LYS n 
1 122 ALA n 
1 123 ARG n 
1 124 GLY n 
1 125 ASP n 
1 126 LEU n 
1 127 GLY n 
1 128 ALA n 
1 129 PHE n 
1 130 SER n 
1 131 ARG n 
1 132 GLY n 
1 133 GLN n 
1 134 MET n 
1 135 ALA n 
1 136 LYS n 
1 137 PRO n 
1 138 PHE n 
1 139 GLU n 
1 140 ASP n 
1 141 ALA n 
1 142 SER n 
1 143 PHE n 
1 144 ALA n 
1 145 LEU n 
1 146 ARG n 
1 147 THR n 
1 148 GLY n 
1 149 GLU n 
1 150 MET n 
1 151 SER n 
1 152 GLY n 
1 153 PRO n 
1 154 VAL n 
1 155 PHE n 
1 156 THR n 
1 157 ASP n 
1 158 SER n 
1 159 GLY n 
1 160 ILE n 
1 161 HIS n 
1 162 ILE n 
1 163 ILE n 
1 164 LEU n 
1 165 ARG n 
1 166 THR n 
1 167 GLU n 
# 
_entity_src_gen.entity_id                          1 
_entity_src_gen.pdbx_src_id                        1 
_entity_src_gen.pdbx_alt_source_flag               sample 
_entity_src_gen.pdbx_seq_type                      ? 
_entity_src_gen.pdbx_beg_seq_num                   ? 
_entity_src_gen.pdbx_end_seq_num                   ? 
_entity_src_gen.gene_src_common_name               HUMAN 
_entity_src_gen.gene_src_genus                     ? 
_entity_src_gen.pdbx_gene_src_gene                 ? 
_entity_src_gen.gene_src_species                   ? 
_entity_src_gen.gene_src_strain                    ? 
_entity_src_gen.gene_src_tissue                    ? 
_entity_src_gen.gene_src_tissue_fraction           ? 
_entity_src_gen.gene_src_details                   ? 
_entity_src_gen.pdbx_gene_src_fragment             ? 
_entity_src_gen.pdbx_gene_src_scientific_name      'HOMO SAPIENS' 
_entity_src_gen.pdbx_gene_src_ncbi_taxonomy_id     9606 
_entity_src_gen.pdbx_gene_src_variant              ? 
_entity_src_gen.pdbx_gene_src_cell_line            ? 
_entity_src_gen.pdbx_gene_src_atcc                 ? 
_entity_src_gen.pdbx_gene_src_organ                ? 
_entity_src_gen.pdbx_gene_src_organelle            ? 
_entity_src_gen.pdbx_gene_src_cell                 ? 
_entity_src_gen.pdbx_gene_src_cellular_location    ? 
_entity_src_gen.host_org_common_name               ? 
_entity_src_gen.pdbx_host_org_scientific_name      'ESCHERICHIA COLI' 
_entity_src_gen.pdbx_host_org_ncbi_taxonomy_id     469008 
_entity_src_gen.host_org_genus                     ? 
_entity_src_gen.pdbx_host_org_gene                 ? 
_entity_src_gen.pdbx_host_org_organ                ? 
_entity_src_gen.host_org_species                   ? 
_entity_src_gen.pdbx_host_org_tissue               ? 
_entity_src_gen.pdbx_host_org_tissue_fraction      ? 
_entity_src_gen.pdbx_host_org_strain               'BL21(DE3)' 
_entity_src_gen.pdbx_host_org_variant              ? 
_entity_src_gen.pdbx_host_org_cell_line            ? 
_entity_src_gen.pdbx_host_org_atcc                 ? 
_entity_src_gen.pdbx_host_org_culture_collection   ? 
_entity_src_gen.pdbx_host_org_cell                 ? 
_entity_src_gen.pdbx_host_org_organelle            ? 
_entity_src_gen.pdbx_host_org_cellular_location    ? 
_entity_src_gen.pdbx_host_org_vector_type          PLASMID 
_entity_src_gen.pdbx_host_org_vector               ? 
_entity_src_gen.host_org_details                   ? 
_entity_src_gen.expression_system_id               ? 
_entity_src_gen.plasmid_name                       PET28A 
_entity_src_gen.plasmid_details                    ? 
_entity_src_gen.pdbx_description                   ? 
# 
_struct_ref.id                         1 
_struct_ref.db_name                    UNP 
_struct_ref.db_code                    PIN1_HUMAN 
_struct_ref.entity_id                  1 
_struct_ref.pdbx_seq_one_letter_code   ? 
_struct_ref.pdbx_align_begin           ? 
_struct_ref.pdbx_db_accession          Q13526 
_struct_ref.pdbx_db_isoform            ? 
# 
_struct_ref_seq.align_id                      1 
_struct_ref_seq.ref_id                        1 
_struct_ref_seq.pdbx_PDB_id_code              2XP6 
_struct_ref_seq.pdbx_strand_id                A 
_struct_ref_seq.seq_align_beg                 5 
_struct_ref_seq.pdbx_seq_align_beg_ins_code   ? 
_struct_ref_seq.seq_align_end                 167 
_struct_ref_seq.pdbx_seq_align_end_ins_code   ? 
_struct_ref_seq.pdbx_db_accession             Q13526 
_struct_ref_seq.db_align_beg                  1 
_struct_ref_seq.pdbx_db_align_beg_ins_code    ? 
_struct_ref_seq.db_align_end                  163 
_struct_ref_seq.pdbx_db_align_end_ins_code    ? 
_struct_ref_seq.pdbx_auth_seq_align_beg       1 
_struct_ref_seq.pdbx_auth_seq_align_end       163 
# 
loop_
_struct_ref_seq_dif.align_id 
_struct_ref_seq_dif.pdbx_pdb_id_code 
_struct_ref_seq_dif.mon_id 
_struct_ref_seq_dif.pdbx_pdb_strand_id 
_struct_ref_seq_dif.seq_num 
_struct_ref_seq_dif.pdbx_pdb_ins_code 
_struct_ref_seq_dif.pdbx_seq_db_name 
_struct_ref_seq_dif.pdbx_seq_db_accession_code 
_struct_ref_seq_dif.db_mon_id 
_struct_ref_seq_dif.pdbx_seq_db_seq_num 
_struct_ref_seq_dif.details 
_struct_ref_seq_dif.pdbx_auth_seq_num 
_struct_ref_seq_dif.pdbx_ordinal 
1 2XP6 GLY A 1   ? UNP Q13526 ?   ?   'expression tag'      -3  1 
1 2XP6 SER A 2   ? UNP Q13526 ?   ?   'expression tag'      -2  2 
1 2XP6 HIS A 3   ? UNP Q13526 ?   ?   'expression tag'      -1  3 
1 2XP6 GLY A 4   ? UNP Q13526 ?   ?   'expression tag'      0   4 
1 2XP6 ALA A 18  ? UNP Q13526 ARG 14  conflict              14  5 
1 2XP6 ALA A 135 ? UNP Q13526 GLN 131 'engineered mutation' 131 6 
# 
loop_
_chem_comp.id 
_chem_comp.type 
_chem_comp.mon_nstd_flag 
_chem_comp.name 
_chem_comp.pdbx_synonyms 
_chem_comp.formula 
_chem_comp.formula_weight 
12P non-polymer         . 'DODECAETHYLENE GLYCOL'                                       'POLYETHYLENE GLYCOL PEG400' 'C24 H50 O13' 
546.646 
4G2 non-polymer         . '2-(3-CHLORO-PHENYL)-5-METHYL-1H-IMIDAZOLE-4-CARBOXYLIC ACID' ?                            
'C11 H9 Cl N2 O2' 236.654 
ALA 'L-peptide linking' y ALANINE                                                       ?                            'C3 H7 N O2' 
89.093  
ARG 'L-peptide linking' y ARGININE                                                      ?                            
'C6 H15 N4 O2 1'  175.209 
ASN 'L-peptide linking' y ASPARAGINE                                                    ?                            'C4 H8 N2 O3' 
132.118 
ASP 'L-peptide linking' y 'ASPARTIC ACID'                                               ?                            'C4 H7 N O4' 
133.103 
CYS 'L-peptide linking' y CYSTEINE                                                      ?                            
'C3 H7 N O2 S'    121.158 
GLN 'L-peptide linking' y GLUTAMINE                                                     ?                            
'C5 H10 N2 O3'    146.144 
GLU 'L-peptide linking' y 'GLUTAMIC ACID'                                               ?                            'C5 H9 N O4' 
147.129 
GLY 'peptide linking'   y GLYCINE                                                       ?                            'C2 H5 N O2' 
75.067  
HIS 'L-peptide linking' y HISTIDINE                                                     ?                            
'C6 H10 N3 O2 1'  156.162 
HOH non-polymer         . WATER                                                         ?                            'H2 O' 18.015 
ILE 'L-peptide linking' y ISOLEUCINE                                                    ?                            'C6 H13 N O2' 
131.173 
LEU 'L-peptide linking' y LEUCINE                                                       ?                            'C6 H13 N O2' 
131.173 
LYS 'L-peptide linking' y LYSINE                                                        ?                            
'C6 H15 N2 O2 1'  147.195 
MET 'L-peptide linking' y METHIONINE                                                    ?                            
'C5 H11 N O2 S'   149.211 
PHE 'L-peptide linking' y PHENYLALANINE                                                 ?                            'C9 H11 N O2' 
165.189 
PRO 'L-peptide linking' y PROLINE                                                       ?                            'C5 H9 N O2' 
115.130 
SER 'L-peptide linking' y SERINE                                                        ?                            'C3 H7 N O3' 
105.093 
THR 'L-peptide linking' y THREONINE                                                     ?                            'C4 H9 N O3' 
119.119 
TRP 'L-peptide linking' y TRYPTOPHAN                                                    ?                            
'C11 H12 N2 O2'   204.225 
TYR 'L-peptide linking' y TYROSINE                                                      ?                            'C9 H11 N O3' 
181.189 
VAL 'L-peptide linking' y VALINE                                                        ?                            'C5 H11 N O2' 
117.146 
# 
_exptl.entry_id          2XP6 
_exptl.method            'X-RAY DIFFRACTION' 
_exptl.crystals_number   1 
# 
_exptl_crystal.id                    1 
_exptl_crystal.density_meas          ? 
_exptl_crystal.density_Matthews      2.87 
_exptl_crystal.density_percent_sol   57 
_exptl_crystal.description           NONE 
_exptl_crystal.preparation           ? 
# 
_exptl_crystal_grow.crystal_id      1 
_exptl_crystal_grow.method          'VAPOR DIFFUSION, HANGING DROP' 
_exptl_crystal_grow.temp            277 
_exptl_crystal_grow.temp_details    ? 
_exptl_crystal_grow.pH              7.5 
_exptl_crystal_grow.pdbx_pH_range   ? 
_exptl_crystal_grow.pdbx_details    
'2.2M AMMONIUM SULPHATE, 0.1M HEPES BUFFER, 1% PEG 400, 5MM DTT, PH 7.5, VAPOR DIFFUSION, HANGING DROP, TEMPERATURE 277.0K' 
# 
_diffrn.id                               1 
_diffrn.ambient_temp                     277.0 
_diffrn.ambient_temp_details             ? 
_diffrn.crystal_id                       1 
_diffrn.pdbx_serial_crystal_experiment   ? 
# 
_diffrn_detector.diffrn_id              1 
_diffrn_detector.detector               'IMAGE PLATE' 
_diffrn_detector.type                   'RIGAKU IMAGE PLATE' 
_diffrn_detector.pdbx_collection_date   ? 
_diffrn_detector.details                MIRRORS 
# 
_diffrn_radiation.diffrn_id                        1 
_diffrn_radiation.wavelength_id                    1 
_diffrn_radiation.pdbx_monochromatic_or_laue_m_l   M 
_diffrn_radiation.monochromator                    'CU FILTER' 
_diffrn_radiation.pdbx_diffrn_protocol             'SINGLE WAVELENGTH' 
_diffrn_radiation.pdbx_scattering_type             x-ray 
# 
_diffrn_radiation_wavelength.id           1 
_diffrn_radiation_wavelength.wavelength   1.5418 
_diffrn_radiation_wavelength.wt           1.0 
# 
_diffrn_source.diffrn_id                   1 
_diffrn_source.source                      'ROTATING ANODE' 
_diffrn_source.type                        'RIGAKU RUH3R' 
_diffrn_source.pdbx_synchrotron_site       ? 
_diffrn_source.pdbx_synchrotron_beamline   ? 
_diffrn_source.pdbx_wavelength             1.5418 
_diffrn_source.pdbx_wavelength_list        ? 
# 
_reflns.pdbx_diffrn_id               1 
_reflns.pdbx_ordinal                 1 
_reflns.entry_id                     2XP6 
_reflns.observed_criterion_sigma_I   2.0 
_reflns.observed_criterion_sigma_F   ? 
_reflns.d_resolution_low             30.00 
_reflns.d_resolution_high            1.90 
_reflns.number_obs                   16613 
_reflns.number_all                   ? 
_reflns.percent_possible_obs         93.9 
_reflns.pdbx_Rmerge_I_obs            0.07 
_reflns.pdbx_Rsym_value              ? 
_reflns.pdbx_netI_over_sigmaI        6.80 
_reflns.B_iso_Wilson_estimate        ? 
_reflns.pdbx_redundancy              2.02 
# 
_reflns_shell.pdbx_diffrn_id         1 
_reflns_shell.pdbx_ordinal           1 
_reflns_shell.d_res_high             1.90 
_reflns_shell.d_res_low              ? 
_reflns_shell.percent_possible_all   85.8 
_reflns_shell.Rmerge_I_obs           0.42 
_reflns_shell.pdbx_Rsym_value        ? 
_reflns_shell.meanI_over_sigI_obs    1.50 
_reflns_shell.pdbx_redundancy        1.95 
# 
_refine.pdbx_refine_id                           'X-RAY DIFFRACTION' 
_refine.entry_id                                 2XP6 
_refine.pdbx_diffrn_id                           1 
_refine.pdbx_TLS_residual_ADP_flag               ? 
_refine.ls_number_reflns_obs                     15713 
_refine.ls_number_reflns_all                     ? 
_refine.pdbx_ls_sigma_I                          ? 
_refine.pdbx_ls_sigma_F                          . 
_refine.pdbx_data_cutoff_high_absF               ? 
_refine.pdbx_data_cutoff_low_absF                ? 
_refine.pdbx_data_cutoff_high_rms_absF           ? 
_refine.ls_d_res_low                             59.55 
_refine.ls_d_res_high                            1.90 
_refine.ls_percent_reflns_obs                    93.46 
_refine.ls_R_factor_obs                          0.22229 
_refine.ls_R_factor_all                          ? 
_refine.ls_R_factor_R_work                       0.21977 
_refine.ls_R_factor_R_free                       0.27129 
_refine.ls_R_factor_R_free_error                 ? 
_refine.ls_R_factor_R_free_error_details         ? 
_refine.ls_percent_reflns_R_free                 5.0 
_refine.ls_number_reflns_R_free                  828 
_refine.ls_number_parameters                     ? 
_refine.ls_number_restraints                     ? 
_refine.occupancy_min                            ? 
_refine.occupancy_max                            ? 
_refine.correlation_coeff_Fo_to_Fc               0.948 
_refine.correlation_coeff_Fo_to_Fc_free          0.917 
_refine.B_iso_mean                               29.971 
_refine.aniso_B[1][1]                            0.77 
_refine.aniso_B[2][2]                            0.77 
_refine.aniso_B[3][3]                            -1.16 
_refine.aniso_B[1][2]                            0.39 
_refine.aniso_B[1][3]                            0.00 
_refine.aniso_B[2][3]                            0.00 
_refine.solvent_model_details                    MASK 
_refine.solvent_model_param_ksol                 ? 
_refine.solvent_model_param_bsol                 ? 
_refine.pdbx_solvent_vdw_probe_radii             1.40 
_refine.pdbx_solvent_ion_probe_radii             0.80 
_refine.pdbx_solvent_shrinkage_radii             0.80 
_refine.pdbx_ls_cross_valid_method               THROUGHOUT 
_refine.details                                  'HYDROGENS HAVE BEEN ADDED IN THE RIDING POSITIONS.' 
_refine.pdbx_starting_model                      'PDB ENTRY 3KCE' 
_refine.pdbx_method_to_determine_struct          'MOLECULAR REPLACEMENT' 
_refine.pdbx_isotropic_thermal_model             ? 
_refine.pdbx_stereochemistry_target_values       'MAXIMUM LIKELIHOOD' 
_refine.pdbx_stereochem_target_val_spec_case     ? 
_refine.pdbx_R_Free_selection_details            RANDOM 
_refine.pdbx_overall_ESU_R                       0.156 
_refine.pdbx_overall_ESU_R_Free                  0.157 
_refine.overall_SU_ML                            0.125 
_refine.pdbx_overall_phase_error                 ? 
_refine.overall_SU_B                             4.481 
_refine.overall_SU_R_Cruickshank_DPI             ? 
_refine.pdbx_overall_SU_R_free_Cruickshank_DPI   ? 
_refine.pdbx_overall_SU_R_Blow_DPI               ? 
_refine.pdbx_overall_SU_R_free_Blow_DPI          ? 
# 
_refine_hist.pdbx_refine_id                   'X-RAY DIFFRACTION' 
_refine_hist.cycle_id                         LAST 
_refine_hist.pdbx_number_atoms_protein        1152 
_refine_hist.pdbx_number_atoms_nucleic_acid   0 
_refine_hist.pdbx_number_atoms_ligand         38 
_refine_hist.number_atoms_solvent             136 
_refine_hist.number_atoms_total               1326 
_refine_hist.d_res_high                       1.90 
_refine_hist.d_res_low                        59.55 
# 
loop_
_refine_ls_restr.type 
_refine_ls_restr.dev_ideal 
_refine_ls_restr.dev_ideal_target 
_refine_ls_restr.weight 
_refine_ls_restr.number 
_refine_ls_restr.pdbx_refine_id 
_refine_ls_restr.pdbx_restraint_function 
r_bond_refined_d             0.024  0.021  ? 1232 'X-RAY DIFFRACTION' ? 
r_bond_other_d               ?      ?      ? ?    'X-RAY DIFFRACTION' ? 
r_angle_refined_deg          2.008  1.973  ? 1651 'X-RAY DIFFRACTION' ? 
r_angle_other_deg            ?      ?      ? ?    'X-RAY DIFFRACTION' ? 
r_dihedral_angle_1_deg       7.498  5.000  ? 147  'X-RAY DIFFRACTION' ? 
r_dihedral_angle_2_deg       31.869 22.542 ? 59   'X-RAY DIFFRACTION' ? 
r_dihedral_angle_3_deg       17.108 15.000 ? 212  'X-RAY DIFFRACTION' ? 
r_dihedral_angle_4_deg       22.388 15.000 ? 13   'X-RAY DIFFRACTION' ? 
r_chiral_restr               0.141  0.200  ? 164  'X-RAY DIFFRACTION' ? 
r_gen_planes_refined         0.009  0.021  ? 943  'X-RAY DIFFRACTION' ? 
r_gen_planes_other           ?      ?      ? ?    'X-RAY DIFFRACTION' ? 
r_nbd_refined                ?      ?      ? ?    'X-RAY DIFFRACTION' ? 
r_nbd_other                  ?      ?      ? ?    'X-RAY DIFFRACTION' ? 
r_nbtor_refined              ?      ?      ? ?    'X-RAY DIFFRACTION' ? 
r_nbtor_other                ?      ?      ? ?    'X-RAY DIFFRACTION' ? 
r_xyhbond_nbd_refined        ?      ?      ? ?    'X-RAY DIFFRACTION' ? 
r_xyhbond_nbd_other          ?      ?      ? ?    'X-RAY DIFFRACTION' ? 
r_metal_ion_refined          ?      ?      ? ?    'X-RAY DIFFRACTION' ? 
r_metal_ion_other            ?      ?      ? ?    'X-RAY DIFFRACTION' ? 
r_symmetry_vdw_refined       ?      ?      ? ?    'X-RAY DIFFRACTION' ? 
r_symmetry_vdw_other         ?      ?      ? ?    'X-RAY DIFFRACTION' ? 
r_symmetry_hbond_refined     ?      ?      ? ?    'X-RAY DIFFRACTION' ? 
r_symmetry_hbond_other       ?      ?      ? ?    'X-RAY DIFFRACTION' ? 
r_symmetry_metal_ion_refined ?      ?      ? ?    'X-RAY DIFFRACTION' ? 
r_symmetry_metal_ion_other   ?      ?      ? ?    'X-RAY DIFFRACTION' ? 
r_mcbond_it                  1.180  1.500  ? 727  'X-RAY DIFFRACTION' ? 
r_mcbond_other               ?      ?      ? ?    'X-RAY DIFFRACTION' ? 
r_mcangle_it                 2.074  2.000  ? 1166 'X-RAY DIFFRACTION' ? 
r_mcangle_other              ?      ?      ? ?    'X-RAY DIFFRACTION' ? 
r_scbond_it                  3.713  3.000  ? 505  'X-RAY DIFFRACTION' ? 
r_scbond_other               ?      ?      ? ?    'X-RAY DIFFRACTION' ? 
r_scangle_it                 5.634  4.500  ? 483  'X-RAY DIFFRACTION' ? 
r_scangle_other              ?      ?      ? ?    'X-RAY DIFFRACTION' ? 
r_long_range_B_refined       ?      ?      ? ?    'X-RAY DIFFRACTION' ? 
r_long_range_B_other         ?      ?      ? ?    'X-RAY DIFFRACTION' ? 
r_rigid_bond_restr           ?      ?      ? ?    'X-RAY DIFFRACTION' ? 
r_sphericity_free            ?      ?      ? ?    'X-RAY DIFFRACTION' ? 
r_sphericity_bonded          ?      ?      ? ?    'X-RAY DIFFRACTION' ? 
# 
_refine_ls_shell.pdbx_refine_id                   'X-RAY DIFFRACTION' 
_refine_ls_shell.pdbx_total_number_of_bins_used   20 
_refine_ls_shell.d_res_high                       1.900 
_refine_ls_shell.d_res_low                        1.949 
_refine_ls_shell.number_reflns_R_work             1025 
_refine_ls_shell.R_factor_R_work                  0.418 
_refine_ls_shell.percent_reflns_obs               83.55 
_refine_ls_shell.R_factor_R_free                  0.465 
_refine_ls_shell.R_factor_R_free_error            ? 
_refine_ls_shell.percent_reflns_R_free            ? 
_refine_ls_shell.number_reflns_R_free             57 
_refine_ls_shell.number_reflns_all                ? 
_refine_ls_shell.R_factor_all                     ? 
# 
_struct.entry_id                  2XP6 
_struct.title                     
'DISCOVERY OF CELL-ACTIVE PHENYL-IMIDAZOLE PIN1 INHIBITORS BY STRUCTURE-GUIDED FRAGMENT EVOLUTION' 
_struct.pdbx_model_details        ? 
_struct.pdbx_CASP_flag            ? 
_struct.pdbx_model_type_details   ? 
# 
_struct_keywords.entry_id        2XP6 
_struct_keywords.pdbx_keywords   ISOMERASE 
_struct_keywords.text            'ISOMERASE, PROLINE DIRECTED KINASE, CELL CYCLE, ONCOGENIC TRANSFORMATION' 
# 
loop_
_struct_asym.id 
_struct_asym.pdbx_blank_PDB_chainid_flag 
_struct_asym.pdbx_modified 
_struct_asym.entity_id 
_struct_asym.details 
A N N 1 ? 
B N N 2 ? 
C N N 3 ? 
D N N 4 ? 
# 
loop_
_struct_conf.conf_type_id 
_struct_conf.id 
_struct_conf.pdbx_PDB_helix_id 
_struct_conf.beg_label_comp_id 
_struct_conf.beg_label_asym_id 
_struct_conf.beg_label_seq_id 
_struct_conf.pdbx_beg_PDB_ins_code 
_struct_conf.end_label_comp_id 
_struct_conf.end_label_asym_id 
_struct_conf.end_label_seq_id 
_struct_conf.pdbx_end_PDB_ins_code 
_struct_conf.beg_auth_comp_id 
_struct_conf.beg_auth_asym_id 
_struct_conf.beg_auth_seq_id 
_struct_conf.end_auth_comp_id 
_struct_conf.end_auth_asym_id 
_struct_conf.end_auth_seq_id 
_struct_conf.pdbx_PDB_helix_class 
_struct_conf.details 
_struct_conf.pdbx_PDB_helix_length 
HELX_P HELX_P1 1 THR A 85  ? GLY A 103 ? THR A 81  GLY A 99  1 ? 19 
HELX_P HELX_P2 2 ASP A 106 ? SER A 115 ? ASP A 102 SER A 111 1 ? 10 
HELX_P HELX_P3 3 CYS A 117 ? ARG A 123 ? CYS A 113 ARG A 119 5 ? 7  
HELX_P HELX_P4 4 ALA A 135 ? LEU A 145 ? ALA A 131 LEU A 141 1 ? 11 
# 
_struct_conf_type.id          HELX_P 
_struct_conf_type.criteria    ? 
_struct_conf_type.reference   ? 
# 
loop_
_struct_sheet.id 
_struct_sheet.type 
_struct_sheet.number_strands 
_struct_sheet.details 
AA ? 3 ? 
AB ? 4 ? 
# 
loop_
_struct_sheet_order.sheet_id 
_struct_sheet_order.range_id_1 
_struct_sheet_order.range_id_2 
_struct_sheet_order.offset 
_struct_sheet_order.sense 
AA 1 2 ? anti-parallel 
AA 2 3 ? anti-parallel 
AB 1 2 ? anti-parallel 
AB 2 3 ? anti-parallel 
AB 3 4 ? anti-parallel 
# 
loop_
_struct_sheet_range.sheet_id 
_struct_sheet_range.id 
_struct_sheet_range.beg_label_comp_id 
_struct_sheet_range.beg_label_asym_id 
_struct_sheet_range.beg_label_seq_id 
_struct_sheet_range.pdbx_beg_PDB_ins_code 
_struct_sheet_range.end_label_comp_id 
_struct_sheet_range.end_label_asym_id 
_struct_sheet_range.end_label_seq_id 
_struct_sheet_range.pdbx_end_PDB_ins_code 
_struct_sheet_range.beg_auth_comp_id 
_struct_sheet_range.beg_auth_asym_id 
_struct_sheet_range.beg_auth_seq_id 
_struct_sheet_range.end_auth_comp_id 
_struct_sheet_range.end_auth_asym_id 
_struct_sheet_range.end_auth_seq_id 
AA 1 TRP A 15  ? MET A 19  ? TRP A 11  MET A 15  
AA 2 VAL A 26  ? ASN A 30  ? VAL A 22  ASN A 26  
AA 3 SER A 36  ? GLN A 37  ? SER A 32  GLN A 33  
AB 1 ASP A 125 ? SER A 130 ? ASP A 121 SER A 126 
AB 2 ARG A 58  ? VAL A 66  ? ARG A 54  VAL A 62  
AB 3 GLY A 159 ? GLU A 167 ? GLY A 155 GLU A 163 
AB 4 VAL A 154 ? THR A 156 ? VAL A 150 THR A 152 
# 
loop_
_pdbx_struct_sheet_hbond.sheet_id 
_pdbx_struct_sheet_hbond.range_id_1 
_pdbx_struct_sheet_hbond.range_id_2 
_pdbx_struct_sheet_hbond.range_1_label_atom_id 
_pdbx_struct_sheet_hbond.range_1_label_comp_id 
_pdbx_struct_sheet_hbond.range_1_label_asym_id 
_pdbx_struct_sheet_hbond.range_1_label_seq_id 
_pdbx_struct_sheet_hbond.range_1_PDB_ins_code 
_pdbx_struct_sheet_hbond.range_1_auth_atom_id 
_pdbx_struct_sheet_hbond.range_1_auth_comp_id 
_pdbx_struct_sheet_hbond.range_1_auth_asym_id 
_pdbx_struct_sheet_hbond.range_1_auth_seq_id 
_pdbx_struct_sheet_hbond.range_2_label_atom_id 
_pdbx_struct_sheet_hbond.range_2_label_comp_id 
_pdbx_struct_sheet_hbond.range_2_label_asym_id 
_pdbx_struct_sheet_hbond.range_2_label_seq_id 
_pdbx_struct_sheet_hbond.range_2_PDB_ins_code 
_pdbx_struct_sheet_hbond.range_2_auth_atom_id 
_pdbx_struct_sheet_hbond.range_2_auth_comp_id 
_pdbx_struct_sheet_hbond.range_2_auth_asym_id 
_pdbx_struct_sheet_hbond.range_2_auth_seq_id 
AA 1 2 N ALA A 18  ? N ALA A 14  O TYR A 27  ? O TYR A 23  
AA 2 3 N TYR A 28  ? N TYR A 24  O GLN A 37  ? O GLN A 33  
AB 1 2 N PHE A 129 ? N PHE A 125 O VAL A 59  ? O VAL A 55  
AB 2 3 N VAL A 66  ? N VAL A 62  O ILE A 160 ? O ILE A 156 
AB 3 4 N HIS A 161 ? N HIS A 157 O VAL A 154 ? O VAL A 150 
# 
loop_
_struct_site.id 
_struct_site.pdbx_evidence_code 
_struct_site.pdbx_auth_asym_id 
_struct_site.pdbx_auth_comp_id 
_struct_site.pdbx_auth_seq_id 
_struct_site.pdbx_auth_ins_code 
_struct_site.pdbx_num_residues 
_struct_site.details 
AC1 Software A 12P 1164 ? 16 'BINDING SITE FOR RESIDUE 12P A 1164' 
AC2 Software A 4G2 1165 ? 10 'BINDING SITE FOR RESIDUE 4G2 A 1165' 
# 
loop_
_struct_site_gen.id 
_struct_site_gen.site_id 
_struct_site_gen.pdbx_num_res 
_struct_site_gen.label_comp_id 
_struct_site_gen.label_asym_id 
_struct_site_gen.label_seq_id 
_struct_site_gen.pdbx_auth_ins_code 
_struct_site_gen.auth_comp_id 
_struct_site_gen.auth_asym_id 
_struct_site_gen.auth_seq_id 
_struct_site_gen.label_atom_id 
_struct_site_gen.label_alt_id 
_struct_site_gen.symmetry 
_struct_site_gen.details 
1  AC1 16 TYR A 27  ? TYR A 23   . ? 1_555 ? 
2  AC1 16 ALA A 35  ? ALA A 31   . ? 1_555 ? 
3  AC1 16 SER A 36  ? SER A 32   . ? 1_555 ? 
4  AC1 16 GLN A 37  ? GLN A 33   . ? 1_555 ? 
5  AC1 16 TRP A 38  ? TRP A 34   . ? 1_555 ? 
6  AC1 16 ILE A 97  ? ILE A 93   . ? 1_555 ? 
7  AC1 16 LYS A 101 ? LYS A 97   . ? 1_555 ? 
8  AC1 16 LYS A 101 ? LYS A 97   . ? 5_555 ? 
9  AC1 16 SER A 102 ? SER A 98   . ? 5_555 ? 
10 AC1 16 MET A 150 ? MET A 146  . ? 1_555 ? 
11 AC1 16 SER A 151 ? SER A 147  . ? 1_555 ? 
12 AC1 16 GLY A 152 ? GLY A 148  . ? 1_555 ? 
13 AC1 16 HOH D .   ? HOH A 2001 . ? 1_555 ? 
14 AC1 16 HOH D .   ? HOH A 2002 . ? 1_555 ? 
15 AC1 16 HOH D .   ? HOH A 2018 . ? 1_555 ? 
16 AC1 16 HOH D .   ? HOH A 2034 . ? 1_555 ? 
17 AC2 10 HIS A 63  ? HIS A 59   . ? 1_555 ? 
18 AC2 10 LYS A 67  ? LYS A 63   . ? 1_555 ? 
19 AC2 10 ARG A 72  ? ARG A 68   . ? 1_555 ? 
20 AC2 10 ARG A 73  ? ARG A 69   . ? 1_555 ? 
21 AC2 10 CYS A 117 ? CYS A 113  . ? 1_555 ? 
22 AC2 10 ALA A 135 ? ALA A 131  . ? 1_555 ? 
23 AC2 10 PHE A 138 ? PHE A 134  . ? 1_555 ? 
24 AC2 10 SER A 158 ? SER A 154  . ? 1_555 ? 
25 AC2 10 HIS A 161 ? HIS A 157  . ? 1_555 ? 
26 AC2 10 HOH D .   ? HOH A 2136 . ? 1_555 ? 
# 
_atom_sites.entry_id                    2XP6 
_atom_sites.fract_transf_matrix[1][1]   -0.00496892 
_atom_sites.fract_transf_matrix[1][2]   0.01367171 
_atom_sites.fract_transf_matrix[1][3]   -0.00840230 
_atom_sites.fract_transf_matrix[2][1]   0.00551009 
_atom_sites.fract_transf_matrix[2][2]   0.00271472 
_atom_sites.fract_transf_matrix[2][3]   -0.01563572 
_atom_sites.fract_transf_matrix[3][1]   -0.00977008 
_atom_sites.fract_transf_matrix[3][2]   -0.00634379 
_atom_sites.fract_transf_matrix[3][3]   -0.00454444 
_atom_sites.fract_transf_vector[1]      -0.369717 
_atom_sites.fract_transf_vector[2]      0.238568 
_atom_sites.fract_transf_vector[3]      0.351385 
# 
loop_
_atom_type.symbol 
C  
CL 
N  
O  
S  
# 
loop_
_atom_site.group_PDB 
_atom_site.id 
_atom_site.type_symbol 
_atom_site.label_atom_id 
_atom_site.label_alt_id 
_atom_site.label_comp_id 
_atom_site.label_asym_id 
_atom_site.label_entity_id 
_atom_site.label_seq_id 
_atom_site.pdbx_PDB_ins_code 
_atom_site.Cartn_x 
_atom_site.Cartn_y 
_atom_site.Cartn_z 
_atom_site.occupancy 
_atom_site.B_iso_or_equiv 
_atom_site.pdbx_formal_charge 
_atom_site.auth_seq_id 
_atom_site.auth_comp_id 
_atom_site.auth_asym_id 
_atom_site.auth_atom_id 
_atom_site.pdbx_PDB_model_num 
ATOM   1    N  N   . LEU A 1 11  ? -19.213 9.448   6.233   1.00 37.91 ? 7    LEU A N   1 
ATOM   2    C  CA  . LEU A 1 11  ? -17.845 8.778   6.228   1.00 37.35 ? 7    LEU A CA  1 
ATOM   3    C  C   . LEU A 1 11  ? -17.056 9.329   5.050   1.00 35.90 ? 7    LEU A C   1 
ATOM   4    O  O   . LEU A 1 11  ? -17.643 9.548   4.033   1.00 36.01 ? 7    LEU A O   1 
ATOM   5    C  CB  . LEU A 1 11  ? -17.974 7.245   6.062   1.00 37.67 ? 7    LEU A CB  1 
ATOM   6    C  CG  . LEU A 1 11  ? -18.474 6.385   7.239   1.00 39.00 ? 7    LEU A CG  1 
ATOM   7    C  CD1 . LEU A 1 11  ? -18.639 4.934   6.857   1.00 41.01 ? 7    LEU A CD1 1 
ATOM   8    C  CD2 . LEU A 1 11  ? -17.540 6.534   8.472   1.00 42.05 ? 7    LEU A CD2 1 
ATOM   9    N  N   . PRO A 1 12  ? -15.722 9.483   5.152   1.00 35.03 ? 8    PRO A N   1 
ATOM   10   C  CA  . PRO A 1 12  ? -15.038 10.130  4.024   1.00 34.50 ? 8    PRO A CA  1 
ATOM   11   C  C   . PRO A 1 12  ? -14.850 9.254   2.754   1.00 35.08 ? 8    PRO A C   1 
ATOM   12   O  O   . PRO A 1 12  ? -15.152 8.030   2.777   1.00 34.62 ? 8    PRO A O   1 
ATOM   13   C  CB  . PRO A 1 12  ? -13.688 10.547  4.619   1.00 34.30 ? 8    PRO A CB  1 
ATOM   14   C  CG  . PRO A 1 12  ? -13.759 10.248  6.062   1.00 34.69 ? 8    PRO A CG  1 
ATOM   15   C  CD  . PRO A 1 12  ? -14.747 9.115   6.183   1.00 35.05 ? 8    PRO A CD  1 
ATOM   16   N  N   . PRO A 1 13  ? -14.388 9.889   1.633   1.00 34.87 ? 9    PRO A N   1 
ATOM   17   C  CA  . PRO A 1 13  ? -14.328 9.190   0.340   1.00 34.11 ? 9    PRO A CA  1 
ATOM   18   C  C   . PRO A 1 13  ? -13.754 7.762   0.423   1.00 33.04 ? 9    PRO A C   1 
ATOM   19   O  O   . PRO A 1 13  ? -12.645 7.551   0.953   1.00 32.20 ? 9    PRO A O   1 
ATOM   20   C  CB  . PRO A 1 13  ? -13.416 10.110  -0.536  1.00 34.04 ? 9    PRO A CB  1 
ATOM   21   C  CG  . PRO A 1 13  ? -13.559 11.482  0.066   1.00 36.62 ? 9    PRO A CG  1 
ATOM   22   C  CD  . PRO A 1 13  ? -13.956 11.310  1.526   1.00 34.36 ? 9    PRO A CD  1 
ATOM   23   N  N   . GLY A 1 14  ? -14.507 6.802   -0.133  1.00 32.05 ? 10   GLY A N   1 
ATOM   24   C  CA  . GLY A 1 14  ? -14.067 5.442   -0.267  1.00 30.05 ? 10   GLY A CA  1 
ATOM   25   C  C   . GLY A 1 14  ? -14.479 4.499   0.843   1.00 28.58 ? 10   GLY A C   1 
ATOM   26   O  O   . GLY A 1 14  ? -14.447 3.308   0.656   1.00 27.18 ? 10   GLY A O   1 
ATOM   27   N  N   . TRP A 1 15  ? -14.809 5.069   1.993   1.00 28.48 ? 11   TRP A N   1 
ATOM   28   C  CA  . TRP A 1 15  ? -15.065 4.347   3.264   1.00 30.03 ? 11   TRP A CA  1 
ATOM   29   C  C   . TRP A 1 15  ? -16.466 3.776   3.362   1.00 31.19 ? 11   TRP A C   1 
ATOM   30   O  O   . TRP A 1 15  ? -17.465 4.483   3.106   1.00 31.79 ? 11   TRP A O   1 
ATOM   31   C  CB  . TRP A 1 15  ? -14.827 5.241   4.516   1.00 27.14 ? 11   TRP A CB  1 
ATOM   32   C  CG  . TRP A 1 15  ? -13.394 5.428   4.776   1.00 26.09 ? 11   TRP A CG  1 
ATOM   33   C  CD1 . TRP A 1 15  ? -12.661 6.516   4.469   1.00 21.86 ? 11   TRP A CD1 1 
ATOM   34   C  CD2 . TRP A 1 15  ? -12.474 4.485   5.391   1.00 27.24 ? 11   TRP A CD2 1 
ATOM   35   N  NE1 . TRP A 1 15  ? -11.351 6.353   4.852   1.00 24.31 ? 11   TRP A NE1 1 
ATOM   36   C  CE2 . TRP A 1 15  ? -11.203 5.111   5.422   1.00 26.71 ? 11   TRP A CE2 1 
ATOM   37   C  CE3 . TRP A 1 15  ? -12.603 3.180   5.900   1.00 23.45 ? 11   TRP A CE3 1 
ATOM   38   C  CZ2 . TRP A 1 15  ? -10.064 4.489   5.963   1.00 26.81 ? 11   TRP A CZ2 1 
ATOM   39   C  CZ3 . TRP A 1 15  ? -11.465 2.563   6.442   1.00 24.71 ? 11   TRP A CZ3 1 
ATOM   40   C  CH2 . TRP A 1 15  ? -10.217 3.213   6.460   1.00 28.01 ? 11   TRP A CH2 1 
ATOM   41   N  N   . GLU A 1 16  ? -16.549 2.505   3.768   1.00 33.21 ? 12   GLU A N   1 
ATOM   42   C  CA  . GLU A 1 16  ? -17.880 1.903   3.965   1.00 34.44 ? 12   GLU A CA  1 
ATOM   43   C  C   . GLU A 1 16  ? -17.893 1.001   5.203   1.00 34.81 ? 12   GLU A C   1 
ATOM   44   O  O   . GLU A 1 16  ? -16.839 0.461   5.619   1.00 32.12 ? 12   GLU A O   1 
ATOM   45   C  CB  . GLU A 1 16  ? -18.339 1.070   2.732   1.00 36.22 ? 12   GLU A CB  1 
ATOM   46   C  CG  . GLU A 1 16  ? -18.351 1.783   1.335   1.00 43.36 ? 12   GLU A CG  1 
ATOM   47   C  CD  . GLU A 1 16  ? -19.425 2.940   1.155   1.00 53.11 ? 12   GLU A CD  1 
ATOM   48   O  OE1 . GLU A 1 16  ? -19.574 3.379   -0.022  1.00 55.83 ? 12   GLU A OE1 1 
ATOM   49   O  OE2 . GLU A 1 16  ? -20.093 3.414   2.142   1.00 54.52 ? 12   GLU A OE2 1 
ATOM   50   N  N   . LYS A 1 17  ? -19.091 0.808   5.750   1.00 34.26 ? 13   LYS A N   1 
ATOM   51   C  CA  . LYS A 1 17  ? -19.233 -0.107  6.856   1.00 36.30 ? 13   LYS A CA  1 
ATOM   52   C  C   . LYS A 1 17  ? -19.397 -1.538  6.400   1.00 35.45 ? 13   LYS A C   1 
ATOM   53   O  O   . LYS A 1 17  ? -20.111 -1.804  5.419   1.00 36.41 ? 13   LYS A O   1 
ATOM   54   C  CB  . LYS A 1 17  ? -20.409 0.305   7.708   1.00 37.76 ? 13   LYS A CB  1 
ATOM   55   C  CG  . LYS A 1 17  ? -20.140 0.073   9.182   1.00 43.21 ? 13   LYS A CG  1 
ATOM   56   C  CD  . LYS A 1 17  ? -21.345 0.398   10.017  1.00 51.50 ? 13   LYS A CD  1 
ATOM   57   C  CE  . LYS A 1 17  ? -21.716 1.875   9.955   1.00 53.99 ? 13   LYS A CE  1 
ATOM   58   N  NZ  . LYS A 1 17  ? -22.481 2.280   11.193  1.00 58.17 ? 13   LYS A NZ  1 
ATOM   59   N  N   . ALA A 1 18  ? -18.730 -2.468  7.087   1.00 34.21 ? 14   ALA A N   1 
ATOM   60   C  CA  . ALA A 1 18  ? -18.917 -3.867  6.805   1.00 33.80 ? 14   ALA A CA  1 
ATOM   61   C  C   . ALA A 1 18  ? -19.144 -4.678  8.100   1.00 34.36 ? 14   ALA A C   1 
ATOM   62   O  O   . ALA A 1 18  ? -18.918 -4.180  9.216   1.00 33.12 ? 14   ALA A O   1 
ATOM   63   C  CB  . ALA A 1 18  ? -17.726 -4.385  6.100   1.00 33.33 ? 14   ALA A CB  1 
ATOM   64   N  N   . MET A 1 19  ? -19.583 -5.925  7.945   1.00 35.21 ? 15   MET A N   1 
ATOM   65   C  CA  . MET A 1 19  ? -19.649 -6.862  9.111   1.00 35.79 ? 15   MET A CA  1 
ATOM   66   C  C   . MET A 1 19  ? -18.500 -7.823  9.108   1.00 34.58 ? 15   MET A C   1 
ATOM   67   O  O   . MET A 1 19  ? -18.224 -8.419  8.072   1.00 34.18 ? 15   MET A O   1 
ATOM   68   C  CB  . MET A 1 19  ? -20.941 -7.702  9.198   1.00 36.64 ? 15   MET A CB  1 
ATOM   69   C  CG  . MET A 1 19  ? -21.189 -8.243  10.684  1.00 38.65 ? 15   MET A CG  1 
ATOM   70   S  SD  . MET A 1 19  ? -22.508 -7.242  11.504  1.00 58.88 ? 15   MET A SD  1 
ATOM   71   C  CE  . MET A 1 19  ? -22.449 -5.585  10.712  1.00 53.23 ? 15   MET A CE  1 
ATOM   72   N  N   . SER A 1 20  ? -17.874 -8.023  10.278  1.00 34.72 ? 16   SER A N   1 
ATOM   73   C  CA  . SER A 1 20  ? -16.772 -9.000  10.395  1.00 35.48 ? 16   SER A CA  1 
ATOM   74   C  C   . SER A 1 20  ? -17.325 -10.448 10.372  1.00 36.79 ? 16   SER A C   1 
ATOM   75   O  O   . SER A 1 20  ? -18.278 -10.744 11.092  1.00 36.73 ? 16   SER A O   1 
ATOM   76   C  CB  . SER A 1 20  ? -15.993 -8.827  11.692  1.00 34.67 ? 16   SER A CB  1 
ATOM   77   O  OG  . SER A 1 20  ? -15.114 -9.940  11.837  1.00 35.64 ? 16   SER A OG  1 
ATOM   78   N  N   . ARG A 1 21  ? -16.752 -11.333 9.571   1.00 36.77 ? 17   ARG A N   1 
ATOM   79   C  CA  . ARG A 1 21  ? -17.384 -12.617 9.486   1.00 39.22 ? 17   ARG A CA  1 
ATOM   80   C  C   . ARG A 1 21  ? -16.823 -13.548 10.553  1.00 39.88 ? 17   ARG A C   1 
ATOM   81   O  O   . ARG A 1 21  ? -17.477 -14.495 11.000  1.00 37.43 ? 17   ARG A O   1 
ATOM   82   C  CB  . ARG A 1 21  ? -17.458 -13.133 8.039   1.00 40.28 ? 17   ARG A CB  1 
ATOM   83   C  CG  . ARG A 1 21  ? -16.480 -14.155 7.533   1.00 43.94 ? 17   ARG A CG  1 
ATOM   84   C  CD  . ARG A 1 21  ? -17.013 -14.599 6.157   1.00 46.87 ? 17   ARG A CD  1 
ATOM   85   N  NE  . ARG A 1 21  ? -17.749 -13.462 5.596   1.00 51.00 ? 17   ARG A NE  1 
ATOM   86   C  CZ  . ARG A 1 21  ? -17.921 -13.197 4.290   1.00 51.83 ? 17   ARG A CZ  1 
ATOM   87   N  NH1 . ARG A 1 21  ? -17.445 -14.027 3.341   1.00 50.27 ? 17   ARG A NH1 1 
ATOM   88   N  NH2 . ARG A 1 21  ? -18.593 -12.088 3.936   1.00 45.82 ? 17   ARG A NH2 1 
ATOM   89   N  N   . SER A 1 22  ? -15.658 -13.189 11.079  1.00 39.95 ? 18   SER A N   1 
ATOM   90   C  CA  . SER A 1 22  ? -15.162 -13.944 12.239  1.00 40.36 ? 18   SER A CA  1 
ATOM   91   C  C   . SER A 1 22  ? -15.872 -13.539 13.499  1.00 39.76 ? 18   SER A C   1 
ATOM   92   O  O   . SER A 1 22  ? -16.354 -14.388 14.247  1.00 39.92 ? 18   SER A O   1 
ATOM   93   C  CB  . SER A 1 22  ? -13.663 -13.770 12.402  1.00 40.98 ? 18   SER A CB  1 
ATOM   94   O  OG  . SER A 1 22  ? -13.039 -14.712 11.561  1.00 42.94 ? 18   SER A OG  1 
ATOM   95   N  N   . SER A 1 23  ? -15.996 -12.231 13.691  1.00 37.96 ? 19   SER A N   1 
ATOM   96   C  CA  . SER A 1 23  ? -16.285 -11.674 15.006  1.00 36.46 ? 19   SER A CA  1 
ATOM   97   C  C   . SER A 1 23  ? -17.731 -11.190 15.159  1.00 35.05 ? 19   SER A C   1 
ATOM   98   O  O   . SER A 1 23  ? -18.233 -11.123 16.263  1.00 34.53 ? 19   SER A O   1 
ATOM   99   C  CB  . SER A 1 23  ? -15.302 -10.518 15.283  1.00 35.95 ? 19   SER A CB  1 
ATOM   100  O  OG  . SER A 1 23  ? -15.991 -9.282  15.375  1.00 40.05 ? 19   SER A OG  1 
ATOM   101  N  N   . GLY A 1 24  ? -18.401 -10.836 14.059  1.00 32.93 ? 20   GLY A N   1 
ATOM   102  C  CA  . GLY A 1 24  ? -19.705 -10.213 14.165  1.00 32.10 ? 20   GLY A CA  1 
ATOM   103  C  C   . GLY A 1 24  ? -19.683 -8.697  14.410  1.00 31.67 ? 20   GLY A C   1 
ATOM   104  O  O   . GLY A 1 24  ? -20.715 -8.022  14.246  1.00 32.60 ? 20   GLY A O   1 
ATOM   105  N  N   . ARG A 1 25  ? -18.528 -8.133  14.797  1.00 30.58 ? 21   ARG A N   1 
ATOM   106  C  CA  . ARG A 1 25  ? -18.422 -6.674  14.908  1.00 30.27 ? 21   ARG A CA  1 
ATOM   107  C  C   . ARG A 1 25  ? -18.346 -5.965  13.545  1.00 29.27 ? 21   ARG A C   1 
ATOM   108  O  O   . ARG A 1 25  ? -17.781 -6.501  12.565  1.00 29.96 ? 21   ARG A O   1 
ATOM   109  C  CB  . ARG A 1 25  ? -17.226 -6.264  15.806  1.00 30.92 ? 21   ARG A CB  1 
ATOM   110  C  CG  . ARG A 1 25  ? -17.638 -5.910  17.279  1.00 35.43 ? 21   ARG A CG  1 
ATOM   111  C  CD  . ARG A 1 25  ? -16.431 -5.450  18.108  1.00 36.80 ? 21   ARG A CD  1 
ATOM   112  N  NE  . ARG A 1 25  ? -15.361 -6.445  17.965  1.00 35.31 ? 21   ARG A NE  1 
ATOM   113  C  CZ  . ARG A 1 25  ? -14.116 -6.198  17.607  1.00 34.71 ? 21   ARG A CZ  1 
ATOM   114  N  NH1 . ARG A 1 25  ? -13.678 -4.956  17.319  1.00 29.51 ? 21   ARG A NH1 1 
ATOM   115  N  NH2 . ARG A 1 25  ? -13.287 -7.242  17.551  1.00 34.75 ? 21   ARG A NH2 1 
ATOM   116  N  N   . VAL A 1 26  ? -18.942 -4.788  13.496  1.00 27.94 ? 22   VAL A N   1 
ATOM   117  C  CA  . VAL A 1 26  ? -18.857 -3.878  12.354  1.00 27.32 ? 22   VAL A CA  1 
ATOM   118  C  C   . VAL A 1 26  ? -17.375 -3.403  12.253  1.00 26.20 ? 22   VAL A C   1 
ATOM   119  O  O   . VAL A 1 26  ? -16.688 -3.248  13.261  1.00 27.05 ? 22   VAL A O   1 
ATOM   120  C  CB  . VAL A 1 26  ? -19.792 -2.622  12.514  1.00 27.21 ? 22   VAL A CB  1 
ATOM   121  C  CG1 . VAL A 1 26  ? -21.314 -2.979  12.800  1.00 30.15 ? 22   VAL A CG1 1 
ATOM   122  C  CG2 . VAL A 1 26  ? -19.321 -1.757  13.633  1.00 25.06 ? 22   VAL A CG2 1 
ATOM   123  N  N   . TYR A 1 27  ? -16.906 -3.143  11.041  1.00 25.69 ? 23   TYR A N   1 
ATOM   124  C  CA  . TYR A 1 27  ? -15.612 -2.523  10.845  1.00 24.73 ? 23   TYR A CA  1 
ATOM   125  C  C   . TYR A 1 27  ? -15.803 -1.580  9.652   1.00 25.23 ? 23   TYR A C   1 
ATOM   126  O  O   . TYR A 1 27  ? -16.888 -1.504  9.087   1.00 25.55 ? 23   TYR A O   1 
ATOM   127  C  CB  . TYR A 1 27  ? -14.546 -3.573  10.590  1.00 23.28 ? 23   TYR A CB  1 
ATOM   128  C  CG  . TYR A 1 27  ? -14.663 -4.360  9.328   1.00 25.61 ? 23   TYR A CG  1 
ATOM   129  C  CD1 . TYR A 1 27  ? -13.823 -4.072  8.217   1.00 24.14 ? 23   TYR A CD1 1 
ATOM   130  C  CD2 . TYR A 1 27  ? -15.542 -5.445  9.226   1.00 26.25 ? 23   TYR A CD2 1 
ATOM   131  C  CE1 . TYR A 1 27  ? -13.880 -4.798  7.084   1.00 24.91 ? 23   TYR A CE1 1 
ATOM   132  C  CE2 . TYR A 1 27  ? -15.613 -6.185  8.061   1.00 27.82 ? 23   TYR A CE2 1 
ATOM   133  C  CZ  . TYR A 1 27  ? -14.796 -5.846  6.995   1.00 25.62 ? 23   TYR A CZ  1 
ATOM   134  O  OH  . TYR A 1 27  ? -14.827 -6.552  5.832   1.00 31.27 ? 23   TYR A OH  1 
ATOM   135  N  N   . TYR A 1 28  ? -14.738 -0.891  9.263   1.00 25.18 ? 24   TYR A N   1 
ATOM   136  C  CA  . TYR A 1 28  ? -14.772 -0.025  8.127   1.00 23.48 ? 24   TYR A CA  1 
ATOM   137  C  C   . TYR A 1 28  ? -13.706 -0.480  7.084   1.00 22.92 ? 24   TYR A C   1 
ATOM   138  O  O   . TYR A 1 28  ? -12.605 -0.860  7.427   1.00 21.15 ? 24   TYR A O   1 
ATOM   139  C  CB  . TYR A 1 28  ? -14.578 1.388   8.602   1.00 23.78 ? 24   TYR A CB  1 
ATOM   140  C  CG  . TYR A 1 28  ? -15.602 1.759   9.644   1.00 26.74 ? 24   TYR A CG  1 
ATOM   141  C  CD1 . TYR A 1 28  ? -15.450 1.365   10.990  1.00 29.74 ? 24   TYR A CD1 1 
ATOM   142  C  CD2 . TYR A 1 28  ? -16.756 2.491   9.288   1.00 31.95 ? 24   TYR A CD2 1 
ATOM   143  C  CE1 . TYR A 1 28  ? -16.433 1.705   11.972  1.00 35.06 ? 24   TYR A CE1 1 
ATOM   144  C  CE2 . TYR A 1 28  ? -17.741 2.838   10.238  1.00 35.63 ? 24   TYR A CE2 1 
ATOM   145  C  CZ  . TYR A 1 28  ? -17.573 2.438   11.575  1.00 40.37 ? 24   TYR A CZ  1 
ATOM   146  O  OH  . TYR A 1 28  ? -18.520 2.771   12.517  1.00 44.37 ? 24   TYR A OH  1 
ATOM   147  N  N   . PHE A 1 29  ? -14.083 -0.421  5.807   1.00 21.89 ? 25   PHE A N   1 
ATOM   148  C  CA  A PHE A 1 29  ? -13.237 -0.778  4.651   0.50 22.64 ? 25   PHE A CA  1 
ATOM   149  C  CA  B PHE A 1 29  ? -13.114 -0.691  4.728   0.50 22.87 ? 25   PHE A CA  1 
ATOM   150  C  C   . PHE A 1 29  ? -13.239 0.430   3.693   1.00 23.17 ? 25   PHE A C   1 
ATOM   151  O  O   . PHE A 1 29  ? -14.261 1.147   3.623   1.00 24.19 ? 25   PHE A O   1 
ATOM   152  C  CB  A PHE A 1 29  ? -13.866 -1.997  3.949   0.50 22.53 ? 25   PHE A CB  1 
ATOM   153  C  CB  B PHE A 1 29  ? -13.353 -2.055  4.072   0.50 22.91 ? 25   PHE A CB  1 
ATOM   154  C  CG  A PHE A 1 29  ? -13.203 -2.373  2.653   0.50 19.45 ? 25   PHE A CG  1 
ATOM   155  C  CG  B PHE A 1 29  ? -14.632 -2.115  3.265   0.50 22.26 ? 25   PHE A CG  1 
ATOM   156  C  CD1 A PHE A 1 29  ? -11.913 -2.907  2.647   0.50 21.61 ? 25   PHE A CD1 1 
ATOM   157  C  CD1 B PHE A 1 29  ? -14.596 -2.097  1.872   0.50 22.12 ? 25   PHE A CD1 1 
ATOM   158  C  CD2 A PHE A 1 29  ? -13.865 -2.219  1.449   0.50 15.17 ? 25   PHE A CD2 1 
ATOM   159  C  CD2 B PHE A 1 29  ? -15.865 -2.188  3.897   0.50 24.03 ? 25   PHE A CD2 1 
ATOM   160  C  CE1 A PHE A 1 29  ? -11.261 -3.278  1.427   0.50 16.92 ? 25   PHE A CE1 1 
ATOM   161  C  CE1 B PHE A 1 29  ? -15.789 -2.128  1.109   0.50 22.20 ? 25   PHE A CE1 1 
ATOM   162  C  CE2 A PHE A 1 29  ? -13.240 -2.575  0.262   0.50 17.38 ? 25   PHE A CE2 1 
ATOM   163  C  CE2 B PHE A 1 29  ? -17.075 -2.245  3.137   0.50 25.32 ? 25   PHE A CE2 1 
ATOM   164  C  CZ  A PHE A 1 29  ? -11.892 -3.115  0.276   0.50 11.89 ? 25   PHE A CZ  1 
ATOM   165  C  CZ  B PHE A 1 29  ? -17.029 -2.208  1.745   0.50 25.53 ? 25   PHE A CZ  1 
ATOM   166  N  N   . ASN A 1 30  ? -12.155 0.622   2.958   1.00 23.20 ? 26   ASN A N   1 
ATOM   167  C  CA  . ASN A 1 30  ? -12.094 1.701   1.972   1.00 22.29 ? 26   ASN A CA  1 
ATOM   168  C  C   . ASN A 1 30  ? -11.835 1.067   0.635   1.00 22.36 ? 26   ASN A C   1 
ATOM   169  O  O   . ASN A 1 30  ? -10.843 0.353   0.473   1.00 22.96 ? 26   ASN A O   1 
ATOM   170  C  CB  . ASN A 1 30  ? -11.007 2.685   2.325   1.00 21.49 ? 26   ASN A CB  1 
ATOM   171  C  CG  . ASN A 1 30  ? -11.066 3.913   1.405   1.00 21.56 ? 26   ASN A CG  1 
ATOM   172  O  OD1 . ASN A 1 30  ? -10.945 3.765   0.222   1.00 20.38 ? 26   ASN A OD1 1 
ATOM   173  N  ND2 . ASN A 1 30  ? -11.247 5.090   1.964   1.00 19.25 ? 26   ASN A ND2 1 
ATOM   174  N  N   . HIS A 1 31  ? -12.747 1.260   -0.326  1.00 22.01 ? 27   HIS A N   1 
ATOM   175  C  CA  . HIS A 1 31  ? -12.651 0.446   -1.571  1.00 22.11 ? 27   HIS A CA  1 
ATOM   176  C  C   . HIS A 1 31  ? -11.653 1.099   -2.514  1.00 22.33 ? 27   HIS A C   1 
ATOM   177  O  O   . HIS A 1 31  ? -11.271 0.510   -3.532  1.00 21.26 ? 27   HIS A O   1 
ATOM   178  C  CB  . HIS A 1 31  ? -14.050 0.240   -2.252  1.00 21.96 ? 27   HIS A CB  1 
ATOM   179  C  CG  . HIS A 1 31  ? -14.789 1.519   -2.522  1.00 23.79 ? 27   HIS A CG  1 
ATOM   180  N  ND1 . HIS A 1 31  ? -14.550 2.298   -3.643  1.00 28.28 ? 27   HIS A ND1 1 
ATOM   181  C  CD2 . HIS A 1 31  ? -15.789 2.139   -1.845  1.00 29.64 ? 27   HIS A CD2 1 
ATOM   182  C  CE1 . HIS A 1 31  ? -15.336 3.362   -3.621  1.00 27.81 ? 27   HIS A CE1 1 
ATOM   183  N  NE2 . HIS A 1 31  ? -16.088 3.303   -2.533  1.00 29.82 ? 27   HIS A NE2 1 
ATOM   184  N  N   . ILE A 1 32  ? -11.185 2.284   -2.120  1.00 22.06 ? 28   ILE A N   1 
ATOM   185  C  CA  . ILE A 1 32  ? -10.196 2.974   -2.936  1.00 22.22 ? 28   ILE A CA  1 
ATOM   186  C  C   . ILE A 1 32  ? -8.789  2.588   -2.487  1.00 22.17 ? 28   ILE A C   1 
ATOM   187  O  O   . ILE A 1 32  ? -7.942  2.331   -3.335  1.00 21.35 ? 28   ILE A O   1 
ATOM   188  C  CB  . ILE A 1 32  ? -10.373 4.501   -2.996  1.00 22.27 ? 28   ILE A CB  1 
ATOM   189  C  CG1 . ILE A 1 32  ? -11.786 4.835   -3.489  1.00 20.30 ? 28   ILE A CG1 1 
ATOM   190  C  CG2 . ILE A 1 32  ? -9.225  5.120   -3.999  1.00 20.39 ? 28   ILE A CG2 1 
ATOM   191  C  CD1 . ILE A 1 32  ? -12.233 6.255   -3.164  1.00 23.07 ? 28   ILE A CD1 1 
ATOM   192  N  N   . THR A 1 33  ? -8.547  2.495   -1.165  1.00 20.38 ? 29   THR A N   1 
ATOM   193  C  CA  . THR A 1 33  ? -7.168  2.286   -0.686  1.00 20.95 ? 29   THR A CA  1 
ATOM   194  C  C   . THR A 1 33  ? -6.988  0.863   -0.169  1.00 22.43 ? 29   THR A C   1 
ATOM   195  O  O   . THR A 1 33  ? -5.880  0.509   0.230   1.00 23.02 ? 29   THR A O   1 
ATOM   196  C  CB  . THR A 1 33  ? -6.884  3.171   0.491   1.00 20.81 ? 29   THR A CB  1 
ATOM   197  O  OG1 . THR A 1 33  ? -7.810  2.814   1.565   1.00 21.26 ? 29   THR A OG1 1 
ATOM   198  C  CG2 . THR A 1 33  ? -7.071  4.606   0.126   1.00 18.60 ? 29   THR A CG2 1 
ATOM   199  N  N   . ASN A 1 34  ? -8.092  0.057   -0.178  1.00 22.38 ? 30   ASN A N   1 
ATOM   200  C  CA  . ASN A 1 34  ? -8.142  -1.267  0.416   1.00 21.07 ? 30   ASN A CA  1 
ATOM   201  C  C   . ASN A 1 34  ? -7.727  -1.335  1.905   1.00 20.91 ? 30   ASN A C   1 
ATOM   202  O  O   . ASN A 1 34  ? -7.355  -2.436  2.403   1.00 18.87 ? 30   ASN A O   1 
ATOM   203  C  CB  . ASN A 1 34  ? -7.311  -2.240  -0.406  1.00 20.84 ? 30   ASN A CB  1 
ATOM   204  C  CG  . ASN A 1 34  ? -7.988  -2.622  -1.739  1.00 21.53 ? 30   ASN A CG  1 
ATOM   205  O  OD1 . ASN A 1 34  ? -7.321  -2.869  -2.747  1.00 24.27 ? 30   ASN A OD1 1 
ATOM   206  N  ND2 . ASN A 1 34  ? -9.292  -2.715  -1.720  1.00 15.78 ? 30   ASN A ND2 1 
ATOM   207  N  N   . ALA A 1 35  ? -7.771  -0.186  2.587   1.00 19.41 ? 31   ALA A N   1 
ATOM   208  C  CA  . ALA A 1 35  ? -7.611  -0.132  4.047   1.00 20.65 ? 31   ALA A CA  1 
ATOM   209  C  C   . ALA A 1 35  ? -8.839  -0.725  4.746   1.00 21.50 ? 31   ALA A C   1 
ATOM   210  O  O   . ALA A 1 35  ? -10.000 -0.638  4.243   1.00 20.60 ? 31   ALA A O   1 
ATOM   211  C  CB  . ALA A 1 35  ? -7.409  1.346   4.551   1.00 20.05 ? 31   ALA A CB  1 
ATOM   212  N  N   . SER A 1 36  ? -8.589  -1.297  5.940   1.00 21.98 ? 32   SER A N   1 
ATOM   213  C  CA  . SER A 1 36  ? -9.668  -1.832  6.727   1.00 22.33 ? 32   SER A CA  1 
ATOM   214  C  C   . SER A 1 36  ? -9.246  -1.703  8.180   1.00 23.34 ? 32   SER A C   1 
ATOM   215  O  O   . SER A 1 36  ? -8.079  -1.894  8.487   1.00 23.61 ? 32   SER A O   1 
ATOM   216  C  CB  . SER A 1 36  ? -9.991  -3.274  6.325   1.00 22.41 ? 32   SER A CB  1 
ATOM   217  O  OG  . SER A 1 36  ? -8.869  -4.158  6.513   1.00 22.42 ? 32   SER A OG  1 
ATOM   218  N  N   . GLN A 1 37  ? -10.187 -1.311  9.051   1.00 23.38 ? 33   GLN A N   1 
ATOM   219  C  CA  . GLN A 1 37  ? -9.932  -1.088  10.457  1.00 23.86 ? 33   GLN A CA  1 
ATOM   220  C  C   . GLN A 1 37  ? -11.240 -1.240  11.274  1.00 24.89 ? 33   GLN A C   1 
ATOM   221  O  O   . GLN A 1 37  ? -12.322 -1.122  10.707  1.00 26.12 ? 33   GLN A O   1 
ATOM   222  C  CB  . GLN A 1 37  ? -9.398  0.340   10.672  1.00 23.48 ? 33   GLN A CB  1 
ATOM   223  C  CG  . GLN A 1 37  ? -10.317 1.450   10.182  1.00 23.11 ? 33   GLN A CG  1 
ATOM   224  C  CD  . GLN A 1 37  ? -9.554  2.780   10.110  1.00 26.46 ? 33   GLN A CD  1 
ATOM   225  O  OE1 . GLN A 1 37  ? -8.425  2.805   9.624   1.00 28.55 ? 33   GLN A OE1 1 
ATOM   226  N  NE2 . GLN A 1 37  ? -10.151 3.868   10.625  1.00 23.90 ? 33   GLN A NE2 1 
ATOM   227  N  N   . TRP A 1 38  ? -11.131 -1.424  12.594  1.00 25.10 ? 34   TRP A N   1 
ATOM   228  C  CA  . TRP A 1 38  ? -12.325 -1.446  13.506  1.00 24.94 ? 34   TRP A CA  1 
ATOM   229  C  C   . TRP A 1 38  ? -12.853 -0.084  13.777  1.00 26.83 ? 34   TRP A C   1 
ATOM   230  O  O   . TRP A 1 38  ? -14.100 0.164   13.848  1.00 25.94 ? 34   TRP A O   1 
ATOM   231  C  CB  . TRP A 1 38  ? -11.966 -2.105  14.859  1.00 24.34 ? 34   TRP A CB  1 
ATOM   232  C  CG  . TRP A 1 38  ? -11.506 -3.485  14.704  1.00 24.09 ? 34   TRP A CG  1 
ATOM   233  C  CD1 . TRP A 1 38  ? -10.287 -3.928  14.969  1.00 21.31 ? 34   TRP A CD1 1 
ATOM   234  C  CD2 . TRP A 1 38  ? -12.271 -4.622  14.229  1.00 23.83 ? 34   TRP A CD2 1 
ATOM   235  N  NE1 . TRP A 1 38  ? -10.207 -5.254  14.712  1.00 25.99 ? 34   TRP A NE1 1 
ATOM   236  C  CE2 . TRP A 1 38  ? -11.419 -5.709  14.258  1.00 22.76 ? 34   TRP A CE2 1 
ATOM   237  C  CE3 . TRP A 1 38  ? -13.620 -4.818  13.839  1.00 26.56 ? 34   TRP A CE3 1 
ATOM   238  C  CZ2 . TRP A 1 38  ? -11.817 -7.005  13.840  1.00 24.44 ? 34   TRP A CZ2 1 
ATOM   239  C  CZ3 . TRP A 1 38  ? -14.018 -6.095  13.395  1.00 22.22 ? 34   TRP A CZ3 1 
ATOM   240  C  CH2 . TRP A 1 38  ? -13.131 -7.171  13.437  1.00 24.06 ? 34   TRP A CH2 1 
ATOM   241  N  N   . GLU A 1 39  ? -11.902 0.829   13.969  1.00 29.03 ? 35   GLU A N   1 
ATOM   242  C  CA  . GLU A 1 39  ? -12.219 2.214   14.343  1.00 32.20 ? 35   GLU A CA  1 
ATOM   243  C  C   . GLU A 1 39  ? -12.951 2.975   13.207  1.00 34.66 ? 35   GLU A C   1 
ATOM   244  O  O   . GLU A 1 39  ? -12.627 2.812   12.025  1.00 33.24 ? 35   GLU A O   1 
ATOM   245  C  CB  . GLU A 1 39  ? -10.914 2.941   14.747  1.00 33.07 ? 35   GLU A CB  1 
ATOM   246  C  CG  . GLU A 1 39  ? -10.109 2.355   15.954  1.00 32.72 ? 35   GLU A CG  1 
ATOM   247  C  CD  . GLU A 1 39  ? -9.308  1.064   15.659  1.00 34.94 ? 35   GLU A CD  1 
ATOM   248  O  OE1 . GLU A 1 39  ? -8.991  0.793   14.438  1.00 31.43 ? 35   GLU A OE1 1 
ATOM   249  O  OE2 . GLU A 1 39  ? -9.029  0.305   16.683  1.00 32.14 ? 35   GLU A OE2 1 
ATOM   250  N  N   . ARG A 1 40  ? -13.945 3.794   13.558  1.00 37.21 ? 36   ARG A N   1 
ATOM   251  C  CA  . ARG A 1 40  ? -14.606 4.636   12.592  1.00 41.62 ? 36   ARG A CA  1 
ATOM   252  C  C   . ARG A 1 40  ? -13.632 5.704   12.064  1.00 44.13 ? 36   ARG A C   1 
ATOM   253  O  O   . ARG A 1 40  ? -12.971 6.400   12.874  1.00 44.54 ? 36   ARG A O   1 
ATOM   254  C  CB  . ARG A 1 40  ? -15.803 5.342   13.225  1.00 42.04 ? 36   ARG A CB  1 
ATOM   255  C  CG  . ARG A 1 40  ? -16.696 6.114   12.237  1.00 45.69 ? 36   ARG A CG  1 
ATOM   256  C  CD  . ARG A 1 40  ? -17.993 6.651   12.905  1.00 52.06 ? 36   ARG A CD  1 
ATOM   257  N  NE  . ARG A 1 40  ? -19.198 6.301   12.126  1.00 54.31 ? 36   ARG A NE  1 
ATOM   258  C  CZ  . ARG A 1 40  ? -19.746 7.071   11.182  1.00 56.66 ? 36   ARG A CZ  1 
ATOM   259  N  NH1 . ARG A 1 40  ? -19.194 8.246   10.866  1.00 57.94 ? 36   ARG A NH1 1 
ATOM   260  N  NH2 . ARG A 1 40  ? -20.831 6.657   10.531  1.00 54.64 ? 36   ARG A NH2 1 
ATOM   261  N  N   . PRO A 1 41  ? -13.547 5.841   10.722  1.00 45.45 ? 37   PRO A N   1 
ATOM   262  C  CA  . PRO A 1 41  ? -12.792 6.921   10.084  1.00 47.56 ? 37   PRO A CA  1 
ATOM   263  C  C   . PRO A 1 41  ? -13.479 8.293   10.351  1.00 48.80 ? 37   PRO A C   1 
ATOM   264  O  O   . PRO A 1 41  ? -14.660 8.487   10.010  1.00 49.66 ? 37   PRO A O   1 
ATOM   265  C  CB  . PRO A 1 41  ? -12.826 6.559   8.592   1.00 46.84 ? 37   PRO A CB  1 
ATOM   266  C  CG  . PRO A 1 41  ? -13.911 5.573   8.428   1.00 46.09 ? 37   PRO A CG  1 
ATOM   267  C  CD  . PRO A 1 41  ? -14.328 5.045   9.758   1.00 45.58 ? 37   PRO A CD  1 
ATOM   268  N  N   . SER A 1 42  ? -12.731 9.279   10.835  1.00 50.81 ? 38   SER A N   1 
ATOM   269  C  CA  . SER A 1 42  ? -11.310 9.491   10.521  1.00 52.44 ? 38   SER A CA  1 
ATOM   270  C  C   . SER A 1 42  ? -10.729 10.471  11.520  1.00 54.20 ? 38   SER A C   1 
ATOM   271  O  O   . SER A 1 42  ? -11.254 11.603  11.645  1.00 55.87 ? 38   SER A O   1 
ATOM   272  C  CB  . SER A 1 42  ? -11.222 10.186  9.148   1.00 52.59 ? 38   SER A CB  1 
ATOM   273  O  OG  . SER A 1 42  ? -12.209 11.207  9.027   1.00 50.67 ? 38   SER A OG  1 
ATOM   274  N  N   . GLU A 1 55  ? -10.020 17.903  -0.702  1.00 56.26 ? 51   GLU A N   1 
ATOM   275  C  CA  . GLU A 1 55  ? -8.903  17.202  -1.348  1.00 55.62 ? 51   GLU A CA  1 
ATOM   276  C  C   . GLU A 1 55  ? -7.673  18.121  -1.617  1.00 55.93 ? 51   GLU A C   1 
ATOM   277  O  O   . GLU A 1 55  ? -7.805  19.175  -2.310  1.00 55.73 ? 51   GLU A O   1 
ATOM   278  C  CB  . GLU A 1 55  ? -9.345  16.439  -2.627  1.00 54.80 ? 51   GLU A CB  1 
ATOM   279  C  CG  . GLU A 1 55  ? -8.162  16.214  -3.620  1.00 51.59 ? 51   GLU A CG  1 
ATOM   280  C  CD  . GLU A 1 55  ? -8.327  15.071  -4.631  1.00 47.60 ? 51   GLU A CD  1 
ATOM   281  O  OE1 . GLU A 1 55  ? -7.754  15.223  -5.739  1.00 40.41 ? 51   GLU A OE1 1 
ATOM   282  O  OE2 . GLU A 1 55  ? -8.982  14.033  -4.309  1.00 44.19 ? 51   GLU A OE2 1 
ATOM   283  N  N   . PRO A 1 56  ? -6.466  17.715  -1.070  1.00 55.55 ? 52   PRO A N   1 
ATOM   284  C  CA  . PRO A 1 56  ? -5.146  18.402  -1.283  1.00 54.05 ? 52   PRO A CA  1 
ATOM   285  C  C   . PRO A 1 56  ? -4.757  18.441  -2.773  1.00 52.37 ? 52   PRO A C   1 
ATOM   286  O  O   . PRO A 1 56  ? -5.212  17.571  -3.531  1.00 53.00 ? 52   PRO A O   1 
ATOM   287  C  CB  . PRO A 1 56  ? -4.159  17.503  -0.512  1.00 54.41 ? 52   PRO A CB  1 
ATOM   288  C  CG  . PRO A 1 56  ? -4.884  16.135  -0.412  1.00 55.16 ? 52   PRO A CG  1 
ATOM   289  C  CD  . PRO A 1 56  ? -6.319  16.515  -0.203  1.00 55.36 ? 52   PRO A CD  1 
ATOM   290  N  N   . ALA A 1 57  ? -3.931  19.410  -3.171  1.00 49.77 ? 53   ALA A N   1 
ATOM   291  C  CA  . ALA A 1 57  ? -3.404  19.541  -4.557  1.00 47.15 ? 53   ALA A CA  1 
ATOM   292  C  C   . ALA A 1 57  ? -2.214  18.619  -4.855  1.00 45.13 ? 53   ALA A C   1 
ATOM   293  O  O   . ALA A 1 57  ? -2.032  18.092  -5.964  1.00 44.19 ? 53   ALA A O   1 
ATOM   294  C  CB  . ALA A 1 57  ? -2.991  20.979  -4.794  1.00 47.69 ? 53   ALA A CB  1 
ATOM   295  N  N   . ARG A 1 58  ? -1.361  18.479  -3.849  1.00 43.18 ? 54   ARG A N   1 
ATOM   296  C  CA  . ARG A 1 58  ? -0.261  17.535  -3.888  1.00 40.68 ? 54   ARG A CA  1 
ATOM   297  C  C   . ARG A 1 58  ? -0.331  16.723  -2.606  1.00 37.08 ? 54   ARG A C   1 
ATOM   298  O  O   . ARG A 1 58  ? -0.804  17.208  -1.552  1.00 34.38 ? 54   ARG A O   1 
ATOM   299  C  CB  . ARG A 1 58  ? 1.110   18.244  -3.940  1.00 42.64 ? 54   ARG A CB  1 
ATOM   300  C  CG  . ARG A 1 58  ? 1.250   19.475  -4.830  1.00 46.03 ? 54   ARG A CG  1 
ATOM   301  C  CD  . ARG A 1 58  ? 2.714   19.655  -5.191  1.00 51.33 ? 54   ARG A CD  1 
ATOM   302  N  NE  . ARG A 1 58  ? 2.937   19.061  -6.506  1.00 54.10 ? 54   ARG A NE  1 
ATOM   303  C  CZ  . ARG A 1 58  ? 4.101   18.579  -6.935  1.00 56.47 ? 54   ARG A CZ  1 
ATOM   304  N  NH1 . ARG A 1 58  ? 4.188   18.066  -8.178  1.00 54.26 ? 54   ARG A NH1 1 
ATOM   305  N  NH2 . ARG A 1 58  ? 5.183   18.626  -6.129  1.00 55.61 ? 54   ARG A NH2 1 
ATOM   306  N  N   . VAL A 1 59  ? 0.134   15.477  -2.705  1.00 33.51 ? 55   VAL A N   1 
ATOM   307  C  CA  . VAL A 1 59  ? 0.372   14.661  -1.497  1.00 30.11 ? 55   VAL A CA  1 
ATOM   308  C  C   . VAL A 1 59  ? 1.803   14.124  -1.554  1.00 28.18 ? 55   VAL A C   1 
ATOM   309  O  O   . VAL A 1 59  ? 2.413   14.010  -2.645  1.00 27.95 ? 55   VAL A O   1 
ATOM   310  C  CB  . VAL A 1 59  ? -0.654  13.452  -1.345  1.00 29.25 ? 55   VAL A CB  1 
ATOM   311  C  CG1 . VAL A 1 59  ? -2.104  13.966  -1.256  1.00 28.98 ? 55   VAL A CG1 1 
ATOM   312  C  CG2 . VAL A 1 59  ? -0.528  12.489  -2.515  1.00 29.43 ? 55   VAL A CG2 1 
ATOM   313  N  N   . ARG A 1 60  ? 2.332   13.755  -0.389  1.00 25.96 ? 56   ARG A N   1 
ATOM   314  C  CA  . ARG A 1 60  ? 3.608   13.057  -0.351  1.00 23.87 ? 56   ARG A CA  1 
ATOM   315  C  C   . ARG A 1 60  ? 3.405   11.634  0.198   1.00 23.33 ? 56   ARG A C   1 
ATOM   316  O  O   . ARG A 1 60  ? 2.750   11.504  1.218   1.00 23.69 ? 56   ARG A O   1 
ATOM   317  C  CB  . ARG A 1 60  ? 4.612   13.839  0.523   1.00 22.14 ? 56   ARG A CB  1 
ATOM   318  C  CG  . ARG A 1 60  ? 6.036   13.191  0.507   1.00 22.71 ? 56   ARG A CG  1 
ATOM   319  C  CD  . ARG A 1 60  ? 6.942   13.652  1.655   1.00 23.78 ? 56   ARG A CD  1 
ATOM   320  N  NE  . ARG A 1 60  ? 8.340   13.321  1.377   1.00 31.48 ? 56   ARG A NE  1 
ATOM   321  C  CZ  . ARG A 1 60  ? 9.380   13.898  1.978   1.00 30.40 ? 56   ARG A CZ  1 
ATOM   322  N  NH1 . ARG A 1 60  ? 9.201   14.867  2.894   1.00 30.98 ? 56   ARG A NH1 1 
ATOM   323  N  NH2 . ARG A 1 60  ? 10.592  13.502  1.650   1.00 30.68 ? 56   ARG A NH2 1 
ATOM   324  N  N   . CYS A 1 61  ? 3.967   10.589  -0.459  1.00 22.18 ? 57   CYS A N   1 
ATOM   325  C  CA  . CYS A 1 61  ? 3.789   9.196   -0.024  1.00 22.30 ? 57   CYS A CA  1 
ATOM   326  C  C   . CYS A 1 61  ? 5.088   8.463   -0.135  1.00 22.19 ? 57   CYS A C   1 
ATOM   327  O  O   . CYS A 1 61  ? 5.947   8.850   -0.938  1.00 22.60 ? 57   CYS A O   1 
ATOM   328  C  CB  . CYS A 1 61  ? 2.749   8.425   -0.888  1.00 20.19 ? 57   CYS A CB  1 
ATOM   329  S  SG  . CYS A 1 61  ? 1.077   9.133   -0.779  1.00 22.65 ? 57   CYS A SG  1 
ATOM   330  N  N   . SER A 1 62  ? 5.212   7.380   0.666   1.00 20.77 ? 58   SER A N   1 
ATOM   331  C  CA  . SER A 1 62  ? 6.171   6.327   0.444   1.00 20.42 ? 58   SER A CA  1 
ATOM   332  C  C   . SER A 1 62  ? 5.415   5.063   0.083   1.00 21.02 ? 58   SER A C   1 
ATOM   333  O  O   . SER A 1 62  ? 4.176   4.964   0.278   1.00 20.64 ? 58   SER A O   1 
ATOM   334  C  CB  . SER A 1 62  ? 7.001   6.054   1.712   1.00 20.61 ? 58   SER A CB  1 
ATOM   335  O  OG  . SER A 1 62  ? 7.488   7.257   2.240   1.00 21.72 ? 58   SER A OG  1 
ATOM   336  N  N   . HIS A 1 63  ? 6.116   4.108   -0.505  1.00 20.54 ? 59   HIS A N   1 
ATOM   337  C  CA  . HIS A 1 63  ? 5.449   2.865   -0.776  1.00 20.64 ? 59   HIS A CA  1 
ATOM   338  C  C   . HIS A 1 63  ? 6.400   1.694   -0.664  1.00 21.03 ? 59   HIS A C   1 
ATOM   339  O  O   . HIS A 1 63  ? 7.663   1.820   -0.562  1.00 21.35 ? 59   HIS A O   1 
ATOM   340  C  CB  . HIS A 1 63  ? 4.759   2.917   -2.142  1.00 19.25 ? 59   HIS A CB  1 
ATOM   341  C  CG  . HIS A 1 63  ? 5.692   2.694   -3.290  1.00 23.45 ? 59   HIS A CG  1 
ATOM   342  N  ND1 . HIS A 1 63  ? 5.397   1.851   -4.326  1.00 25.13 ? 59   HIS A ND1 1 
ATOM   343  C  CD2 . HIS A 1 63  ? 6.919   3.205   -3.564  1.00 24.93 ? 59   HIS A CD2 1 
ATOM   344  C  CE1 . HIS A 1 63  ? 6.406   1.823   -5.175  1.00 27.98 ? 59   HIS A CE1 1 
ATOM   345  N  NE2 . HIS A 1 63  ? 7.332   2.660   -4.755  1.00 26.13 ? 59   HIS A NE2 1 
ATOM   346  N  N   . LEU A 1 64  ? 5.815   0.515   -0.688  1.00 21.62 ? 60   LEU A N   1 
ATOM   347  C  CA  . LEU A 1 64  ? 6.617   -0.675  -0.697  1.00 21.74 ? 60   LEU A CA  1 
ATOM   348  C  C   . LEU A 1 64  ? 5.999   -1.450  -1.834  1.00 23.12 ? 60   LEU A C   1 
ATOM   349  O  O   . LEU A 1 64  ? 4.791   -1.744  -1.808  1.00 21.96 ? 60   LEU A O   1 
ATOM   350  C  CB  . LEU A 1 64  ? 6.478   -1.477  0.597   1.00 21.84 ? 60   LEU A CB  1 
ATOM   351  C  CG  . LEU A 1 64  ? 7.310   -2.746  0.843   1.00 22.47 ? 60   LEU A CG  1 
ATOM   352  C  CD1 . LEU A 1 64  ? 7.308   -3.017  2.367   1.00 21.64 ? 60   LEU A CD1 1 
ATOM   353  C  CD2 . LEU A 1 64  ? 6.831   -3.956  0.059   1.00 21.34 ? 60   LEU A CD2 1 
ATOM   354  N  N   . LEU A 1 65  ? 6.841   -1.850  -2.772  1.00 23.61 ? 61   LEU A N   1 
ATOM   355  C  CA  . LEU A 1 65  ? 6.377   -2.602  -3.928  1.00 23.26 ? 61   LEU A CA  1 
ATOM   356  C  C   . LEU A 1 65  ? 6.836   -4.039  -3.929  1.00 22.79 ? 61   LEU A C   1 
ATOM   357  O  O   . LEU A 1 65  ? 7.998   -4.344  -3.665  1.00 22.42 ? 61   LEU A O   1 
ATOM   358  C  CB  . LEU A 1 65  ? 6.804   -1.842  -5.200  1.00 21.95 ? 61   LEU A CB  1 
ATOM   359  C  CG  . LEU A 1 65  ? 6.643   -2.477  -6.579  1.00 22.91 ? 61   LEU A CG  1 
ATOM   360  C  CD1 . LEU A 1 65  ? 5.221   -2.479  -7.036  1.00 22.22 ? 61   LEU A CD1 1 
ATOM   361  C  CD2 . LEU A 1 65  ? 7.518   -1.662  -7.563  1.00 21.07 ? 61   LEU A CD2 1 
ATOM   362  N  N   . VAL A 1 66  ? 5.897   -4.953  -4.199  1.00 23.15 ? 62   VAL A N   1 
ATOM   363  C  CA  . VAL A 1 66  ? 6.273   -6.350  -4.342  1.00 23.60 ? 62   VAL A CA  1 
ATOM   364  C  C   . VAL A 1 66  ? 5.816   -6.627  -5.792  1.00 25.01 ? 62   VAL A C   1 
ATOM   365  O  O   . VAL A 1 66  ? 4.607   -6.527  -6.133  1.00 22.73 ? 62   VAL A O   1 
ATOM   366  C  CB  . VAL A 1 66  ? 5.597   -7.258  -3.288  1.00 24.55 ? 62   VAL A CB  1 
ATOM   367  C  CG1 . VAL A 1 66  ? 5.975   -8.759  -3.475  1.00 22.80 ? 62   VAL A CG1 1 
ATOM   368  C  CG2 . VAL A 1 66  ? 6.012   -6.843  -1.870  1.00 23.61 ? 62   VAL A CG2 1 
ATOM   369  N  N   . LYS A 1 67  ? 6.813   -6.901  -6.626  1.00 24.00 ? 63   LYS A N   1 
ATOM   370  C  CA  . LYS A 1 67  ? 6.577   -7.252  -8.032  1.00 26.61 ? 63   LYS A CA  1 
ATOM   371  C  C   . LYS A 1 67  ? 6.279   -8.734  -8.119  1.00 26.93 ? 63   LYS A C   1 
ATOM   372  O  O   . LYS A 1 67  ? 6.532   -9.477  -7.170  1.00 27.63 ? 63   LYS A O   1 
ATOM   373  C  CB  . LYS A 1 67  ? 7.840   -6.895  -8.867  1.00 27.09 ? 63   LYS A CB  1 
ATOM   374  C  CG  . LYS A 1 67  ? 7.900   -5.433  -9.232  1.00 27.52 ? 63   LYS A CG  1 
ATOM   375  C  CD  . LYS A 1 67  ? 9.067   -5.176  -10.277 1.00 29.00 ? 63   LYS A CD  1 
ATOM   376  C  CE  . LYS A 1 67  ? 9.321   -3.729  -10.430 1.00 29.84 ? 63   LYS A CE  1 
ATOM   377  N  NZ  . LYS A 1 67  ? 10.128  -3.479  -11.669 1.00 35.89 ? 63   LYS A NZ  1 
ATOM   378  N  N   . HIS A 1 68  ? 5.712   -9.164  -9.243  1.00 27.50 ? 64   HIS A N   1 
ATOM   379  C  CA  . HIS A 1 68  ? 5.462   -10.596 -9.493  1.00 28.95 ? 64   HIS A CA  1 
ATOM   380  C  C   . HIS A 1 68  ? 5.717   -10.903 -10.977 1.00 30.62 ? 64   HIS A C   1 
ATOM   381  O  O   . HIS A 1 68  ? 6.010   -9.988  -11.804 1.00 31.53 ? 64   HIS A O   1 
ATOM   382  C  CB  . HIS A 1 68  ? 4.025   -10.981 -9.086  1.00 26.08 ? 64   HIS A CB  1 
ATOM   383  C  CG  . HIS A 1 68  ? 3.003   -10.006 -9.574  1.00 27.80 ? 64   HIS A CG  1 
ATOM   384  N  ND1 . HIS A 1 68  ? 2.537   -9.992  -10.874 1.00 23.88 ? 64   HIS A ND1 1 
ATOM   385  C  CD2 . HIS A 1 68  ? 2.364   -8.990  -8.937  1.00 26.31 ? 64   HIS A CD2 1 
ATOM   386  C  CE1 . HIS A 1 68  ? 1.656   -9.019  -11.021 1.00 26.31 ? 64   HIS A CE1 1 
ATOM   387  N  NE2 . HIS A 1 68  ? 1.553   -8.368  -9.870  1.00 27.51 ? 64   HIS A NE2 1 
ATOM   388  N  N   . SER A 1 69  ? 5.574   -12.181 -11.305 1.00 32.57 ? 65   SER A N   1 
ATOM   389  C  CA  . SER A 1 69  ? 5.802   -12.681 -12.682 1.00 32.58 ? 65   SER A CA  1 
ATOM   390  C  C   . SER A 1 69  ? 4.946   -11.940 -13.734 1.00 33.59 ? 65   SER A C   1 
ATOM   391  O  O   . SER A 1 69  ? 5.379   -11.838 -14.912 1.00 32.94 ? 65   SER A O   1 
ATOM   392  C  CB  . SER A 1 69  ? 5.591   -14.208 -12.774 1.00 32.34 ? 65   SER A CB  1 
ATOM   393  O  OG  . SER A 1 69  ? 4.198   -14.449 -12.701 1.00 30.81 ? 65   SER A OG  1 
ATOM   394  N  N   . GLN A 1 70  ? 3.782   -11.406 -13.332 1.00 32.78 ? 66   GLN A N   1 
ATOM   395  C  CA  . GLN A 1 70  ? 2.995   -10.578 -14.273 1.00 34.58 ? 66   GLN A CA  1 
ATOM   396  C  C   . GLN A 1 70  ? 3.186   -9.054  -14.262 1.00 34.38 ? 66   GLN A C   1 
ATOM   397  O  O   . GLN A 1 70  ? 2.471   -8.375  -14.998 1.00 36.47 ? 66   GLN A O   1 
ATOM   398  C  CB  . GLN A 1 70  ? 1.494   -10.860 -14.155 1.00 34.18 ? 66   GLN A CB  1 
ATOM   399  C  CG  . GLN A 1 70  ? 1.077   -12.194 -14.747 1.00 36.99 ? 66   GLN A CG  1 
ATOM   400  C  CD  . GLN A 1 70  ? -0.439  -12.295 -14.873 1.00 44.39 ? 66   GLN A CD  1 
ATOM   401  O  OE1 . GLN A 1 70  ? -1.074  -11.732 -15.835 1.00 42.10 ? 66   GLN A OE1 1 
ATOM   402  N  NE2 . GLN A 1 70  ? -1.047  -12.957 -13.863 1.00 39.57 ? 66   GLN A NE2 1 
ATOM   403  N  N   . SER A 1 71  ? 4.084   -8.507  -13.434 1.00 34.87 ? 67   SER A N   1 
ATOM   404  C  CA  . SER A 1 71  ? 4.460   -7.076  -13.482 1.00 35.30 ? 67   SER A CA  1 
ATOM   405  C  C   . SER A 1 71  ? 4.951   -6.623  -14.902 1.00 35.95 ? 67   SER A C   1 
ATOM   406  O  O   . SER A 1 71  ? 5.477   -7.422  -15.656 1.00 34.98 ? 67   SER A O   1 
ATOM   407  C  CB  . SER A 1 71  ? 5.525   -6.740  -12.417 1.00 34.94 ? 67   SER A CB  1 
ATOM   408  O  OG  . SER A 1 71  ? 5.143   -7.093  -11.088 1.00 33.83 ? 67   SER A OG  1 
ATOM   409  N  N   . ARG A 1 72  ? 4.736   -5.351  -15.244 1.00 38.19 ? 68   ARG A N   1 
ATOM   410  C  CA  . ARG A 1 72  ? 5.163   -4.778  -16.531 1.00 39.14 ? 68   ARG A CA  1 
ATOM   411  C  C   . ARG A 1 72  ? 6.652   -5.053  -16.750 1.00 39.63 ? 68   ARG A C   1 
ATOM   412  O  O   . ARG A 1 72  ? 7.075   -5.430  -17.872 1.00 38.38 ? 68   ARG A O   1 
ATOM   413  C  CB  . ARG A 1 72  ? 4.799   -3.282  -16.660 1.00 40.14 ? 68   ARG A CB  1 
ATOM   414  C  CG  . ARG A 1 72  ? 5.197   -2.412  -15.429 1.00 45.87 ? 68   ARG A CG  1 
ATOM   415  C  CD  . ARG A 1 72  ? 5.136   -0.839  -15.632 1.00 53.30 ? 68   ARG A CD  1 
ATOM   416  N  NE  . ARG A 1 72  ? 3.795   -0.253  -15.843 1.00 58.68 ? 68   ARG A NE  1 
ATOM   417  C  CZ  . ARG A 1 72  ? 3.387   0.377   -16.956 1.00 61.81 ? 68   ARG A CZ  1 
ATOM   418  N  NH1 . ARG A 1 72  ? 4.204   0.532   -18.007 1.00 63.50 ? 68   ARG A NH1 1 
ATOM   419  N  NH2 . ARG A 1 72  ? 2.146   0.858   -17.029 1.00 62.46 ? 68   ARG A NH2 1 
ATOM   420  N  N   . ARG A 1 73  ? 7.463   -4.930  -15.695 1.00 38.90 ? 69   ARG A N   1 
ATOM   421  C  CA  . ARG A 1 73  ? 8.828   -5.439  -15.800 1.00 39.30 ? 69   ARG A CA  1 
ATOM   422  C  C   . ARG A 1 73  ? 9.210   -6.268  -14.630 1.00 37.51 ? 69   ARG A C   1 
ATOM   423  O  O   . ARG A 1 73  ? 9.476   -5.744  -13.561 1.00 39.80 ? 69   ARG A O   1 
ATOM   424  C  CB  . ARG A 1 73  ? 9.880   -4.368  -16.076 1.00 40.55 ? 69   ARG A CB  1 
ATOM   425  C  CG  . ARG A 1 73  ? 9.542   -3.044  -15.529 1.00 45.04 ? 69   ARG A CG  1 
ATOM   426  C  CD  . ARG A 1 73  ? 9.615   -1.999  -16.621 1.00 52.03 ? 69   ARG A CD  1 
ATOM   427  N  NE  . ARG A 1 73  ? 9.355   -0.681  -16.057 1.00 59.07 ? 69   ARG A NE  1 
ATOM   428  C  CZ  . ARG A 1 73  ? 8.216   0.007   -16.202 1.00 66.24 ? 69   ARG A CZ  1 
ATOM   429  N  NH1 . ARG A 1 73  ? 7.223   -0.483  -16.945 1.00 66.49 ? 69   ARG A NH1 1 
ATOM   430  N  NH2 . ARG A 1 73  ? 8.072   1.219   -15.630 1.00 69.46 ? 69   ARG A NH2 1 
ATOM   431  N  N   . PRO A 1 74  ? 9.275   -7.582  -14.843 1.00 35.58 ? 70   PRO A N   1 
ATOM   432  C  CA  . PRO A 1 74  ? 9.486   -8.500  -13.743 1.00 33.74 ? 70   PRO A CA  1 
ATOM   433  C  C   . PRO A 1 74  ? 10.981  -8.588  -13.370 1.00 32.91 ? 70   PRO A C   1 
ATOM   434  O  O   . PRO A 1 74  ? 11.591  -9.675  -13.404 1.00 31.38 ? 70   PRO A O   1 
ATOM   435  C  CB  . PRO A 1 74  ? 8.875   -9.810  -14.247 1.00 34.34 ? 70   PRO A CB  1 
ATOM   436  C  CG  . PRO A 1 74  ? 8.890   -9.720  -15.774 1.00 36.03 ? 70   PRO A CG  1 
ATOM   437  C  CD  . PRO A 1 74  ? 8.881   -8.240  -16.113 1.00 34.48 ? 70   PRO A CD  1 
ATOM   438  N  N   . SER A 1 75  ? 11.533  -7.435  -12.950 1.00 31.78 ? 71   SER A N   1 
ATOM   439  C  CA  . SER A 1 75  ? 12.953  -7.303  -12.648 1.00 31.00 ? 71   SER A CA  1 
ATOM   440  C  C   . SER A 1 75  ? 13.103  -6.249  -11.562 1.00 29.61 ? 71   SER A C   1 
ATOM   441  O  O   . SER A 1 75  ? 12.299  -5.299  -11.555 1.00 28.50 ? 71   SER A O   1 
ATOM   442  C  CB  . SER A 1 75  ? 13.630  -6.717  -13.884 1.00 30.60 ? 71   SER A CB  1 
ATOM   443  O  OG  . SER A 1 75  ? 15.012  -6.782  -13.663 1.00 36.66 ? 71   SER A OG  1 
ATOM   444  N  N   . SER A 1 76  ? 14.087  -6.390  -10.656 1.00 28.36 ? 72   SER A N   1 
ATOM   445  C  CA  . SER A 1 76  ? 14.348  -5.285  -9.685  1.00 28.69 ? 72   SER A CA  1 
ATOM   446  C  C   . SER A 1 76  ? 15.751  -5.291  -9.135  1.00 29.65 ? 72   SER A C   1 
ATOM   447  O  O   . SER A 1 76  ? 16.506  -6.254  -9.344  1.00 30.67 ? 72   SER A O   1 
ATOM   448  C  CB  . SER A 1 76  ? 13.347  -5.322  -8.509  1.00 26.65 ? 72   SER A CB  1 
ATOM   449  O  OG  . SER A 1 76  ? 13.767  -6.329  -7.595  1.00 23.56 ? 72   SER A OG  1 
ATOM   450  N  N   . TRP A 1 77  ? 16.093  -4.253  -8.374  1.00 29.99 ? 73   TRP A N   1 
ATOM   451  C  CA  . TRP A 1 77  ? 17.379  -4.245  -7.681  1.00 30.13 ? 73   TRP A CA  1 
ATOM   452  C  C   . TRP A 1 77  ? 17.534  -5.463  -6.777  1.00 30.96 ? 73   TRP A C   1 
ATOM   453  O  O   . TRP A 1 77  ? 18.655  -5.892  -6.576  1.00 31.99 ? 73   TRP A O   1 
ATOM   454  C  CB  . TRP A 1 77  ? 17.628  -2.933  -6.900  1.00 29.85 ? 73   TRP A CB  1 
ATOM   455  C  CG  . TRP A 1 77  ? 16.801  -2.783  -5.657  1.00 28.58 ? 73   TRP A CG  1 
ATOM   456  C  CD1 . TRP A 1 77  ? 15.606  -2.116  -5.553  1.00 29.16 ? 73   TRP A CD1 1 
ATOM   457  C  CD2 . TRP A 1 77  ? 17.087  -3.310  -4.328  1.00 28.45 ? 73   TRP A CD2 1 
ATOM   458  N  NE1 . TRP A 1 77  ? 15.132  -2.201  -4.251  1.00 27.11 ? 73   TRP A NE1 1 
ATOM   459  C  CE2 . TRP A 1 77  ? 16.025  -2.903  -3.482  1.00 28.18 ? 73   TRP A CE2 1 
ATOM   460  C  CE3 . TRP A 1 77  ? 18.174  -4.036  -3.763  1.00 27.13 ? 73   TRP A CE3 1 
ATOM   461  C  CZ2 . TRP A 1 77  ? 15.971  -3.240  -2.114  1.00 27.06 ? 73   TRP A CZ2 1 
ATOM   462  C  CZ3 . TRP A 1 77  ? 18.111  -4.391  -2.404  1.00 29.73 ? 73   TRP A CZ3 1 
ATOM   463  C  CH2 . TRP A 1 77  ? 17.009  -3.991  -1.597  1.00 29.75 ? 73   TRP A CH2 1 
ATOM   464  N  N   . ARG A 1 78  ? 16.433  -6.009  -6.218  1.00 31.56 ? 74   ARG A N   1 
ATOM   465  C  CA  . ARG A 1 78  ? 16.568  -7.171  -5.323  1.00 31.02 ? 74   ARG A CA  1 
ATOM   466  C  C   . ARG A 1 78  ? 16.832  -8.440  -6.107  1.00 31.88 ? 74   ARG A C   1 
ATOM   467  O  O   . ARG A 1 78  ? 17.502  -9.311  -5.589  1.00 31.83 ? 74   ARG A O   1 
ATOM   468  C  CB  . ARG A 1 78  ? 15.320  -7.427  -4.431  1.00 30.86 ? 74   ARG A CB  1 
ATOM   469  C  CG  . ARG A 1 78  ? 14.712  -6.202  -3.783  1.00 28.28 ? 74   ARG A CG  1 
ATOM   470  C  CD  . ARG A 1 78  ? 13.703  -6.519  -2.684  1.00 25.47 ? 74   ARG A CD  1 
ATOM   471  N  NE  . ARG A 1 78  ? 14.234  -7.460  -1.723  1.00 24.03 ? 74   ARG A NE  1 
ATOM   472  C  CZ  . ARG A 1 78  ? 13.626  -8.566  -1.348  1.00 27.17 ? 74   ARG A CZ  1 
ATOM   473  N  NH1 . ARG A 1 78  ? 12.373  -8.805  -1.746  1.00 30.52 ? 74   ARG A NH1 1 
ATOM   474  N  NH2 . ARG A 1 78  ? 14.234  -9.375  -0.495  1.00 27.96 ? 74   ARG A NH2 1 
ATOM   475  N  N   . GLN A 1 79  ? 16.272  -8.561  -7.311  1.00 31.07 ? 75   GLN A N   1 
ATOM   476  C  CA  . GLN A 1 79  ? 16.261  -9.844  -8.003  1.00 32.08 ? 75   GLN A CA  1 
ATOM   477  C  C   . GLN A 1 79  ? 16.154  -9.603  -9.512  1.00 31.09 ? 75   GLN A C   1 
ATOM   478  O  O   . GLN A 1 79  ? 15.267  -8.872  -9.989  1.00 31.05 ? 75   GLN A O   1 
ATOM   479  C  CB  . GLN A 1 79  ? 15.072  -10.627 -7.443  1.00 33.31 ? 75   GLN A CB  1 
ATOM   480  C  CG  . GLN A 1 79  ? 14.833  -11.991 -7.987  1.00 36.10 ? 75   GLN A CG  1 
ATOM   481  C  CD  . GLN A 1 79  ? 13.674  -12.647 -7.236  1.00 40.64 ? 75   GLN A CD  1 
ATOM   482  O  OE1 . GLN A 1 79  ? 12.594  -12.076 -7.132  1.00 42.64 ? 75   GLN A OE1 1 
ATOM   483  N  NE2 . GLN A 1 79  ? 13.913  -13.827 -6.675  1.00 37.49 ? 75   GLN A NE2 1 
ATOM   484  N  N   . GLU A 1 80  ? 17.109  -10.148 -10.259 1.00 31.16 ? 76   GLU A N   1 
ATOM   485  C  CA  . GLU A 1 80  ? 17.231  -9.885  -11.711 1.00 30.65 ? 76   GLU A CA  1 
ATOM   486  C  C   . GLU A 1 80  ? 15.993  -10.411 -12.462 1.00 30.22 ? 76   GLU A C   1 
ATOM   487  O  O   . GLU A 1 80  ? 15.447  -9.753  -13.363 1.00 30.15 ? 76   GLU A O   1 
ATOM   488  C  CB  . GLU A 1 80  ? 18.520  -10.503 -12.274 1.00 30.35 ? 76   GLU A CB  1 
ATOM   489  C  CG  . GLU A 1 80  ? 18.700  -10.242 -13.783 1.00 32.38 ? 76   GLU A CG  1 
ATOM   490  C  CD  . GLU A 1 80  ? 20.141  -10.408 -14.264 1.00 31.87 ? 76   GLU A CD  1 
ATOM   491  O  OE1 . GLU A 1 80  ? 20.480  -9.781  -15.300 1.00 31.11 ? 76   GLU A OE1 1 
ATOM   492  O  OE2 . GLU A 1 80  ? 20.918  -11.141 -13.626 1.00 28.02 ? 76   GLU A OE2 1 
ATOM   493  N  N   . LYS A 1 81  ? 15.510  -11.555 -12.020 1.00 31.43 ? 77   LYS A N   1 
ATOM   494  C  CA  . LYS A 1 81  ? 14.363  -12.159 -12.666 1.00 33.75 ? 77   LYS A CA  1 
ATOM   495  C  C   . LYS A 1 81  ? 13.344  -12.458 -11.584 1.00 32.84 ? 77   LYS A C   1 
ATOM   496  O  O   . LYS A 1 81  ? 13.570  -13.323 -10.725 1.00 33.13 ? 77   LYS A O   1 
ATOM   497  C  CB  . LYS A 1 81  ? 14.811  -13.432 -13.349 1.00 34.52 ? 77   LYS A CB  1 
ATOM   498  C  CG  . LYS A 1 81  ? 13.726  -14.093 -14.140 1.00 37.00 ? 77   LYS A CG  1 
ATOM   499  C  CD  . LYS A 1 81  ? 14.104  -15.582 -14.328 1.00 39.47 ? 77   LYS A CD  1 
ATOM   500  C  CE  . LYS A 1 81  ? 13.059  -16.263 -15.204 1.00 39.13 ? 77   LYS A CE  1 
ATOM   501  N  NZ  . LYS A 1 81  ? 12.333  -15.192 -15.933 1.00 37.84 ? 77   LYS A NZ  1 
ATOM   502  N  N   . ILE A 1 82  ? 12.228  -11.736 -11.628 1.00 33.22 ? 78   ILE A N   1 
ATOM   503  C  CA  . ILE A 1 82  ? 11.189  -11.897 -10.595 1.00 32.14 ? 78   ILE A CA  1 
ATOM   504  C  C   . ILE A 1 82  ? 10.334  -13.063 -11.057 1.00 32.91 ? 78   ILE A C   1 
ATOM   505  O  O   . ILE A 1 82  ? 9.678   -12.955 -12.114 1.00 30.92 ? 78   ILE A O   1 
ATOM   506  C  CB  . ILE A 1 82  ? 10.230  -10.631 -10.410 1.00 30.89 ? 78   ILE A CB  1 
ATOM   507  C  CG1 . ILE A 1 82  ? 11.012  -9.320  -10.134 1.00 30.23 ? 78   ILE A CG1 1 
ATOM   508  C  CG2 . ILE A 1 82  ? 9.089   -10.922 -9.349  1.00 27.96 ? 78   ILE A CG2 1 
ATOM   509  C  CD1 . ILE A 1 82  ? 11.559  -9.154  -8.798  1.00 27.38 ? 78   ILE A CD1 1 
ATOM   510  N  N   . THR A 1 83  ? 10.334  -14.136 -10.257 1.00 33.25 ? 79   THR A N   1 
ATOM   511  C  CA  . THR A 1 83  ? 9.527   -15.329 -10.555 1.00 35.12 ? 79   THR A CA  1 
ATOM   512  C  C   . THR A 1 83  ? 8.229   -15.522 -9.735  1.00 35.02 ? 79   THR A C   1 
ATOM   513  O  O   . THR A 1 83  ? 7.313   -16.263 -10.181 1.00 36.11 ? 79   THR A O   1 
ATOM   514  C  CB  . THR A 1 83  ? 10.332  -16.608 -10.370 1.00 35.18 ? 79   THR A CB  1 
ATOM   515  O  OG1 . THR A 1 83  ? 10.723  -16.716 -8.999  1.00 36.28 ? 79   THR A OG1 1 
ATOM   516  C  CG2 . THR A 1 83  ? 11.581  -16.633 -11.293 1.00 38.03 ? 79   THR A CG2 1 
ATOM   517  N  N   . ARG A 1 84  ? 8.131   -14.916 -8.547  1.00 33.73 ? 80   ARG A N   1 
ATOM   518  C  CA  . ARG A 1 84  ? 6.904   -15.138 -7.720  1.00 31.23 ? 80   ARG A CA  1 
ATOM   519  C  C   . ARG A 1 84  ? 5.599   -14.833 -8.489  1.00 29.57 ? 80   ARG A C   1 
ATOM   520  O  O   . ARG A 1 84  ? 5.531   -13.937 -9.319  1.00 29.51 ? 80   ARG A O   1 
ATOM   521  C  CB  . ARG A 1 84  ? 6.949   -14.319 -6.428  1.00 31.38 ? 80   ARG A CB  1 
ATOM   522  C  CG  . ARG A 1 84  ? 6.741   -12.787 -6.632  1.00 28.51 ? 80   ARG A CG  1 
ATOM   523  C  CD  . ARG A 1 84  ? 6.856   -12.180 -5.252  1.00 25.60 ? 80   ARG A CD  1 
ATOM   524  N  NE  . ARG A 1 84  ? 8.205   -12.185 -4.656  1.00 23.92 ? 80   ARG A NE  1 
ATOM   525  C  CZ  . ARG A 1 84  ? 9.082   -11.179 -4.754  1.00 21.82 ? 80   ARG A CZ  1 
ATOM   526  N  NH1 . ARG A 1 84  ? 8.774   -10.067 -5.488  1.00 21.25 ? 80   ARG A NH1 1 
ATOM   527  N  NH2 . ARG A 1 84  ? 10.222  -11.251 -4.088  1.00 19.87 ? 80   ARG A NH2 1 
ATOM   528  N  N   . THR A 1 85  ? 4.558   -15.595 -8.199  1.00 28.78 ? 81   THR A N   1 
ATOM   529  C  CA  . THR A 1 85  ? 3.247   -15.347 -8.763  1.00 28.67 ? 81   THR A CA  1 
ATOM   530  C  C   . THR A 1 85  ? 2.574   -14.145 -8.095  1.00 27.73 ? 81   THR A C   1 
ATOM   531  O  O   . THR A 1 85  ? 2.860   -13.821 -6.916  1.00 27.83 ? 81   THR A O   1 
ATOM   532  C  CB  . THR A 1 85  ? 2.329   -16.578 -8.575  1.00 28.79 ? 81   THR A CB  1 
ATOM   533  O  OG1 . THR A 1 85  ? 1.827   -16.585 -7.223  1.00 29.97 ? 81   THR A OG1 1 
ATOM   534  C  CG2 . THR A 1 85  ? 3.133   -17.900 -8.818  1.00 30.42 ? 81   THR A CG2 1 
ATOM   535  N  N   . LYS A 1 86  ? 1.705   -13.487 -8.840  1.00 26.97 ? 82   LYS A N   1 
ATOM   536  C  CA  . LYS A 1 86  ? 0.773   -12.481 -8.279  1.00 28.88 ? 82   LYS A CA  1 
ATOM   537  C  C   . LYS A 1 86  ? 0.167   -12.807 -6.891  1.00 29.07 ? 82   LYS A C   1 
ATOM   538  O  O   . LYS A 1 86  ? 0.044   -11.952 -5.967  1.00 29.73 ? 82   LYS A O   1 
ATOM   539  C  CB  . LYS A 1 86  ? -0.348  -12.184 -9.281  1.00 29.64 ? 82   LYS A CB  1 
ATOM   540  C  CG  . LYS A 1 86  ? -1.095  -10.896 -8.838  1.00 34.97 ? 82   LYS A CG  1 
ATOM   541  C  CD  . LYS A 1 86  ? -2.456  -10.661 -9.477  1.00 42.35 ? 82   LYS A CD  1 
ATOM   542  C  CE  . LYS A 1 86  ? -2.322  -10.177 -10.910 1.00 48.86 ? 82   LYS A CE  1 
ATOM   543  N  NZ  . LYS A 1 86  ? -3.513  -10.618 -11.736 1.00 48.59 ? 82   LYS A NZ  1 
ATOM   544  N  N   . GLU A 1 87  ? -0.215  -14.057 -6.709  1.00 29.40 ? 83   GLU A N   1 
ATOM   545  C  CA  . GLU A 1 87  ? -0.836  -14.455 -5.472  1.00 29.24 ? 83   GLU A CA  1 
ATOM   546  C  C   . GLU A 1 87  ? 0.197   -14.658 -4.343  1.00 27.08 ? 83   GLU A C   1 
ATOM   547  O  O   . GLU A 1 87  ? -0.062  -14.320 -3.203  1.00 24.81 ? 83   GLU A O   1 
ATOM   548  C  CB  . GLU A 1 87  ? -1.715  -15.690 -5.780  1.00 31.16 ? 83   GLU A CB  1 
ATOM   549  C  CG  . GLU A 1 87  ? -1.594  -16.926 -4.917  1.00 40.65 ? 83   GLU A CG  1 
ATOM   550  C  CD  . GLU A 1 87  ? -2.630  -18.036 -5.372  1.00 50.82 ? 83   GLU A CD  1 
ATOM   551  O  OE1 . GLU A 1 87  ? -3.588  -17.676 -6.110  1.00 51.40 ? 83   GLU A OE1 1 
ATOM   552  O  OE2 . GLU A 1 87  ? -2.474  -19.239 -5.007  1.00 53.52 ? 83   GLU A OE2 1 
ATOM   553  N  N   . GLU A 1 88  ? 1.379   -15.182 -4.652  1.00 25.36 ? 84   GLU A N   1 
ATOM   554  C  CA  . GLU A 1 88  ? 2.491   -15.213 -3.701  1.00 25.58 ? 84   GLU A CA  1 
ATOM   555  C  C   . GLU A 1 88  ? 2.909   -13.783 -3.259  1.00 26.04 ? 84   GLU A C   1 
ATOM   556  O  O   . GLU A 1 88  ? 3.169   -13.551 -2.032  1.00 25.45 ? 84   GLU A O   1 
ATOM   557  C  CB  . GLU A 1 88  ? 3.715   -15.937 -4.252  1.00 25.83 ? 84   GLU A CB  1 
ATOM   558  C  CG  . GLU A 1 88  ? 3.691   -17.469 -4.145  1.00 31.09 ? 84   GLU A CG  1 
ATOM   559  C  CD  . GLU A 1 88  ? 4.615   -18.142 -5.145  1.00 34.47 ? 84   GLU A CD  1 
ATOM   560  O  OE1 . GLU A 1 88  ? 4.707   -19.372 -5.089  1.00 39.83 ? 84   GLU A OE1 1 
ATOM   561  O  OE2 . GLU A 1 88  ? 5.249   -17.467 -5.986  1.00 36.12 ? 84   GLU A OE2 1 
ATOM   562  N  N   . ALA A 1 89  ? 2.921   -12.855 -4.221  1.00 24.83 ? 85   ALA A N   1 
ATOM   563  C  CA  . ALA A 1 89  ? 3.156   -11.406 -3.972  1.00 24.66 ? 85   ALA A CA  1 
ATOM   564  C  C   . ALA A 1 89  ? 2.130   -10.788 -3.009  1.00 23.51 ? 85   ALA A C   1 
ATOM   565  O  O   . ALA A 1 89  ? 2.500   -9.980  -2.099  1.00 22.62 ? 85   ALA A O   1 
ATOM   566  C  CB  . ALA A 1 89  ? 3.218   -10.602 -5.288  1.00 23.56 ? 85   ALA A CB  1 
ATOM   567  N  N   . LEU A 1 90  ? 0.855   -11.146 -3.189  1.00 22.15 ? 86   LEU A N   1 
ATOM   568  C  CA  . LEU A 1 90  ? -0.178  -10.680 -2.274  1.00 22.03 ? 86   LEU A CA  1 
ATOM   569  C  C   . LEU A 1 90  ? 0.071   -11.259 -0.855  1.00 22.64 ? 86   LEU A C   1 
ATOM   570  O  O   . LEU A 1 90  ? -0.057  -10.526 0.149   1.00 22.31 ? 86   LEU A O   1 
ATOM   571  C  CB  . LEU A 1 90  ? -1.566  -10.961 -2.803  1.00 21.83 ? 86   LEU A CB  1 
ATOM   572  C  CG  . LEU A 1 90  ? -2.760  -10.571 -1.908  1.00 24.08 ? 86   LEU A CG  1 
ATOM   573  C  CD1 . LEU A 1 90  ? -2.704  -9.048  -1.612  1.00 23.04 ? 86   LEU A CD1 1 
ATOM   574  C  CD2 . LEU A 1 90  ? -4.086  -10.979 -2.671  1.00 20.29 ? 86   LEU A CD2 1 
ATOM   575  N  N   . GLU A 1 91  ? 0.493   -12.523 -0.780  1.00 21.91 ? 87   GLU A N   1 
ATOM   576  C  CA  . GLU A 1 91  ? 0.840   -13.087 0.506   1.00 24.45 ? 87   GLU A CA  1 
ATOM   577  C  C   . GLU A 1 91  ? 1.961   -12.324 1.259   1.00 23.29 ? 87   GLU A C   1 
ATOM   578  O  O   . GLU A 1 91  ? 1.817   -12.060 2.447   1.00 23.00 ? 87   GLU A O   1 
ATOM   579  C  CB  . GLU A 1 91  ? 1.000   -14.641 0.499   1.00 25.32 ? 87   GLU A CB  1 
ATOM   580  C  CG  . GLU A 1 91  ? -0.185  -15.393 1.362   1.00 37.24 ? 87   GLU A CG  1 
ATOM   581  C  CD  . GLU A 1 91  ? -1.450  -14.461 1.850   1.00 46.08 ? 87   GLU A CD  1 
ATOM   582  O  OE1 . GLU A 1 91  ? -2.295  -14.078 0.969   1.00 49.74 ? 87   GLU A OE1 1 
ATOM   583  O  OE2 . GLU A 1 91  ? -1.623  -14.121 3.088   1.00 43.18 ? 87   GLU A OE2 1 
ATOM   584  N  N   . LEU A 1 92  ? 3.014   -11.937 0.551   1.00 21.50 ? 88   LEU A N   1 
ATOM   585  C  CA  . LEU A 1 92  ? 4.103   -11.131 1.101   1.00 21.64 ? 88   LEU A CA  1 
ATOM   586  C  C   . LEU A 1 92  ? 3.633   -9.793  1.624   1.00 20.68 ? 88   LEU A C   1 
ATOM   587  O  O   . LEU A 1 92  ? 3.960   -9.376  2.789   1.00 20.21 ? 88   LEU A O   1 
ATOM   588  C  CB  . LEU A 1 92  ? 5.160   -10.945 0.044   1.00 20.75 ? 88   LEU A CB  1 
ATOM   589  C  CG  . LEU A 1 92  ? 6.036   -12.223 -0.109  1.00 24.11 ? 88   LEU A CG  1 
ATOM   590  C  CD1 . LEU A 1 92  ? 6.777   -12.100 -1.449  1.00 25.18 ? 88   LEU A CD1 1 
ATOM   591  C  CD2 . LEU A 1 92  ? 7.029   -12.453 1.104   1.00 25.30 ? 88   LEU A CD2 1 
ATOM   592  N  N   . ILE A 1 93  ? 2.888   -9.100  0.760   1.00 20.88 ? 89   ILE A N   1 
ATOM   593  C  CA  . ILE A 1 93  ? 2.200   -7.810  1.116   1.00 20.34 ? 89   ILE A CA  1 
ATOM   594  C  C   . ILE A 1 93  ? 1.348   -7.925  2.384   1.00 20.87 ? 89   ILE A C   1 
ATOM   595  O  O   . ILE A 1 93  ? 1.475   -7.077  3.335   1.00 20.83 ? 89   ILE A O   1 
ATOM   596  C  CB  . ILE A 1 93  ? 1.340   -7.282  -0.094  1.00 18.66 ? 89   ILE A CB  1 
ATOM   597  C  CG1 . ILE A 1 93  ? 2.258   -6.764  -1.218  1.00 20.39 ? 89   ILE A CG1 1 
ATOM   598  C  CG2 . ILE A 1 93  ? 0.431   -6.116  0.340   1.00 20.14 ? 89   ILE A CG2 1 
ATOM   599  C  CD1 . ILE A 1 93  ? 2.819   -5.295  -1.046  1.00 19.49 ? 89   ILE A CD1 1 
ATOM   600  N  N   . ASN A 1 94  ? 0.502   -8.973  2.430   1.00 20.90 ? 90   ASN A N   1 
ATOM   601  C  CA  . ASN A 1 94  ? -0.366  -9.196  3.627   1.00 22.75 ? 90   ASN A CA  1 
ATOM   602  C  C   . ASN A 1 94  ? 0.494   -9.377  4.898   1.00 22.72 ? 90   ASN A C   1 
ATOM   603  O  O   . ASN A 1 94  ? 0.213   -8.742  5.925   1.00 23.72 ? 90   ASN A O   1 
ATOM   604  C  CB  . ASN A 1 94  ? -1.252  -10.426 3.480   1.00 23.18 ? 90   ASN A CB  1 
ATOM   605  C  CG  . ASN A 1 94  ? -2.383  -10.272 2.411   1.00 26.20 ? 90   ASN A CG  1 
ATOM   606  O  OD1 . ASN A 1 94  ? -2.883  -9.174  2.089   1.00 24.23 ? 90   ASN A OD1 1 
ATOM   607  N  ND2 . ASN A 1 94  ? -2.831  -11.431 1.914   1.00 25.44 ? 90   ASN A ND2 1 
ATOM   608  N  N   . GLY A 1 95  ? 1.562   -10.183 4.797   1.00 22.70 ? 91   GLY A N   1 
ATOM   609  C  CA  . GLY A 1 95  ? 2.549   -10.369 5.894   1.00 21.85 ? 91   GLY A CA  1 
ATOM   610  C  C   . GLY A 1 95  ? 3.212   -9.069  6.381   1.00 22.25 ? 91   GLY A C   1 
ATOM   611  O  O   . GLY A 1 95  ? 3.346   -8.811  7.595   1.00 22.55 ? 91   GLY A O   1 
ATOM   612  N  N   . TYR A 1 96  ? 3.632   -8.232  5.449   1.00 21.20 ? 92   TYR A N   1 
ATOM   613  C  CA  . TYR A 1 96  ? 4.225   -6.910  5.776   1.00 18.97 ? 92   TYR A CA  1 
ATOM   614  C  C   . TYR A 1 96  ? 3.206   -6.017  6.446   1.00 18.35 ? 92   TYR A C   1 
ATOM   615  O  O   . TYR A 1 96  ? 3.549   -5.303  7.421   1.00 17.73 ? 92   TYR A O   1 
ATOM   616  C  CB  . TYR A 1 96  ? 4.740   -6.176  4.495   1.00 18.66 ? 92   TYR A CB  1 
ATOM   617  C  CG  . TYR A 1 96  ? 5.825   -6.905  3.754   1.00 19.67 ? 92   TYR A CG  1 
ATOM   618  C  CD1 . TYR A 1 96  ? 5.957   -6.794  2.342   1.00 22.67 ? 92   TYR A CD1 1 
ATOM   619  C  CD2 . TYR A 1 96  ? 6.758   -7.684  4.432   1.00 20.56 ? 92   TYR A CD2 1 
ATOM   620  C  CE1 . TYR A 1 96  ? 6.993   -7.508  1.645   1.00 20.05 ? 92   TYR A CE1 1 
ATOM   621  C  CE2 . TYR A 1 96  ? 7.790   -8.392  3.734   1.00 25.01 ? 92   TYR A CE2 1 
ATOM   622  C  CZ  . TYR A 1 96  ? 7.880   -8.299  2.346   1.00 25.00 ? 92   TYR A CZ  1 
ATOM   623  O  OH  . TYR A 1 96  ? 8.863   -9.006  1.638   1.00 23.84 ? 92   TYR A OH  1 
ATOM   624  N  N   . ILE A 1 97  ? 1.950   -6.074  5.971   1.00 17.54 ? 93   ILE A N   1 
ATOM   625  C  CA  . ILE A 1 97  ? 0.929   -5.197  6.559   1.00 18.12 ? 93   ILE A CA  1 
ATOM   626  C  C   . ILE A 1 97  ? 0.766   -5.665  8.025   1.00 18.05 ? 93   ILE A C   1 
ATOM   627  O  O   . ILE A 1 97  ? 0.701   -4.853  8.984   1.00 19.23 ? 93   ILE A O   1 
ATOM   628  C  CB  . ILE A 1 97  ? -0.387  -5.204  5.743   1.00 17.02 ? 93   ILE A CB  1 
ATOM   629  C  CG1 . ILE A 1 97  ? -0.216  -4.350  4.454   1.00 20.77 ? 93   ILE A CG1 1 
ATOM   630  C  CG2 . ILE A 1 97  ? -1.547  -4.541  6.544   1.00 17.19 ? 93   ILE A CG2 1 
ATOM   631  C  CD1 . ILE A 1 97  ? -1.391  -4.444  3.472   1.00 16.36 ? 93   ILE A CD1 1 
ATOM   632  N  N   . GLN A 1 98  ? 0.629   -6.974  8.195   1.00 18.45 ? 94   GLN A N   1 
ATOM   633  C  CA  . GLN A 1 98  ? 0.569   -7.529  9.574   1.00 21.39 ? 94   GLN A CA  1 
ATOM   634  C  C   . GLN A 1 98  ? 1.667   -7.025  10.501  1.00 22.17 ? 94   GLN A C   1 
ATOM   635  O  O   . GLN A 1 98  ? 1.380   -6.598  11.636  1.00 25.28 ? 94   GLN A O   1 
ATOM   636  C  CB  . GLN A 1 98  ? 0.565   -9.054  9.523   1.00 20.67 ? 94   GLN A CB  1 
ATOM   637  C  CG  . GLN A 1 98  ? -0.757  -9.534  8.947   1.00 26.13 ? 94   GLN A CG  1 
ATOM   638  C  CD  . GLN A 1 98  ? -0.907  -11.040 9.062   1.00 36.91 ? 94   GLN A CD  1 
ATOM   639  O  OE1 . GLN A 1 98  ? 0.043   -11.805 8.830   1.00 36.10 ? 94   GLN A OE1 1 
ATOM   640  N  NE2 . GLN A 1 98  ? -2.094  -11.474 9.455   1.00 39.57 ? 94   GLN A NE2 1 
ATOM   641  N  N   . LYS A 1 99  ? 2.901   -7.060  10.033  1.00 22.63 ? 95   LYS A N   1 
ATOM   642  C  CA  . LYS A 1 99  ? 4.025   -6.689  10.884  1.00 23.35 ? 95   LYS A CA  1 
ATOM   643  C  C   . LYS A 1 99  ? 4.045   -5.200  11.131  1.00 22.83 ? 95   LYS A C   1 
ATOM   644  O  O   . LYS A 1 99  ? 4.394   -4.742  12.254  1.00 23.75 ? 95   LYS A O   1 
ATOM   645  C  CB  . LYS A 1 99  ? 5.324   -7.177  10.263  1.00 23.64 ? 95   LYS A CB  1 
ATOM   646  C  CG  . LYS A 1 99  ? 5.517   -8.694  10.348  1.00 29.35 ? 95   LYS A CG  1 
ATOM   647  C  CD  . LYS A 1 99  ? 7.007   -9.021  10.214  1.00 36.98 ? 95   LYS A CD  1 
ATOM   648  C  CE  . LYS A 1 99  ? 7.362   -10.514 10.415  1.00 42.35 ? 95   LYS A CE  1 
ATOM   649  N  NZ  . LYS A 1 99  ? 6.618   -11.464 9.493   1.00 42.35 ? 95   LYS A NZ  1 
ATOM   650  N  N   . ILE A 1 100 ? 3.587   -4.423  10.149  1.00 20.57 ? 96   ILE A N   1 
ATOM   651  C  CA  . ILE A 1 100 ? 3.474   -2.970  10.359  1.00 20.69 ? 96   ILE A CA  1 
ATOM   652  C  C   . ILE A 1 100 ? 2.356   -2.631  11.375  1.00 20.72 ? 96   ILE A C   1 
ATOM   653  O  O   . ILE A 1 100 ? 2.542   -1.821  12.316  1.00 20.88 ? 96   ILE A O   1 
ATOM   654  C  CB  . ILE A 1 100 ? 3.207   -2.203  8.992   1.00 19.49 ? 96   ILE A CB  1 
ATOM   655  C  CG1 . ILE A 1 100 ? 4.432   -2.295  8.059   1.00 18.94 ? 96   ILE A CG1 1 
ATOM   656  C  CG2 . ILE A 1 100 ? 2.657   -0.763  9.226   1.00 14.81 ? 96   ILE A CG2 1 
ATOM   657  C  CD1 . ILE A 1 100 ? 4.134   -2.004  6.507   1.00 22.99 ? 96   ILE A CD1 1 
ATOM   658  N  N   . LYS A 1 101 ? 1.194   -3.253  11.187  1.00 20.48 ? 97   LYS A N   1 
ATOM   659  C  CA  . LYS A 1 101 ? 0.066   -3.018  12.086  1.00 20.79 ? 97   LYS A CA  1 
ATOM   660  C  C   . LYS A 1 101 ? 0.287   -3.524  13.532  1.00 21.55 ? 97   LYS A C   1 
ATOM   661  O  O   . LYS A 1 101 ? -0.268  -2.952  14.479  1.00 22.71 ? 97   LYS A O   1 
ATOM   662  C  CB  . LYS A 1 101 ? -1.195  -3.662  11.498  1.00 21.27 ? 97   LYS A CB  1 
ATOM   663  C  CG  . LYS A 1 101 ? -1.826  -2.815  10.423  1.00 23.26 ? 97   LYS A CG  1 
ATOM   664  C  CD  . LYS A 1 101 ? -3.298  -3.205  10.326  1.00 23.33 ? 97   LYS A CD  1 
ATOM   665  C  CE  . LYS A 1 101 ? -3.899  -2.416  9.226   1.00 24.30 ? 97   LYS A CE  1 
ATOM   666  N  NZ  . LYS A 1 101 ? -5.417  -2.550  9.181   1.00 22.32 ? 97   LYS A NZ  1 
ATOM   667  N  N   . SER A 1 102 ? 1.062   -4.594  13.688  1.00 22.06 ? 98   SER A N   1 
ATOM   668  C  CA  . SER A 1 102 ? 1.362   -5.122  15.026  1.00 22.99 ? 98   SER A CA  1 
ATOM   669  C  C   . SER A 1 102 ? 2.517   -4.356  15.706  1.00 22.28 ? 98   SER A C   1 
ATOM   670  O  O   . SER A 1 102 ? 2.703   -4.472  16.905  1.00 22.27 ? 98   SER A O   1 
ATOM   671  C  CB  . SER A 1 102 ? 1.718   -6.591  14.887  1.00 22.27 ? 98   SER A CB  1 
ATOM   672  O  OG  . SER A 1 102 ? 3.034   -6.770  14.332  1.00 23.82 ? 98   SER A OG  1 
ATOM   673  N  N   . GLY A 1 103 ? 3.304   -3.611  14.936  1.00 22.31 ? 99   GLY A N   1 
ATOM   674  C  CA  . GLY A 1 103 ? 4.402   -2.801  15.473  1.00 22.94 ? 99   GLY A CA  1 
ATOM   675  C  C   . GLY A 1 103 ? 5.649   -3.638  15.523  1.00 24.76 ? 99   GLY A C   1 
ATOM   676  O  O   . GLY A 1 103 ? 6.700   -3.156  15.978  1.00 24.49 ? 99   GLY A O   1 
ATOM   677  N  N   . GLU A 1 104 ? 5.545   -4.868  15.017  1.00 24.62 ? 100  GLU A N   1 
ATOM   678  C  CA  A GLU A 1 104 ? 6.687   -5.774  14.930  0.50 25.98 ? 100  GLU A CA  1 
ATOM   679  C  CA  B GLU A 1 104 ? 6.670   -5.783  14.923  0.50 26.11 ? 100  GLU A CA  1 
ATOM   680  C  C   . GLU A 1 104 ? 7.841   -5.229  14.096  1.00 27.22 ? 100  GLU A C   1 
ATOM   681  O  O   . GLU A 1 104 ? 9.010   -5.369  14.483  1.00 27.84 ? 100  GLU A O   1 
ATOM   682  C  CB  A GLU A 1 104 ? 6.273   -7.146  14.408  0.50 25.88 ? 100  GLU A CB  1 
ATOM   683  C  CB  B GLU A 1 104 ? 6.183   -7.154  14.431  0.50 25.92 ? 100  GLU A CB  1 
ATOM   684  C  CG  A GLU A 1 104 ? 7.425   -8.144  14.371  0.50 25.78 ? 100  GLU A CG  1 
ATOM   685  C  CG  B GLU A 1 104 ? 5.294   -7.845  15.480  0.50 26.97 ? 100  GLU A CG  1 
ATOM   686  C  CD  A GLU A 1 104 ? 6.969   -9.542  14.009  0.50 29.04 ? 100  GLU A CD  1 
ATOM   687  C  CD  B GLU A 1 104 ? 4.552   -9.060  15.003  0.50 26.75 ? 100  GLU A CD  1 
ATOM   688  O  OE1 A GLU A 1 104 ? 5.777   -9.875  14.259  0.50 27.69 ? 100  GLU A OE1 1 
ATOM   689  O  OE1 B GLU A 1 104 ? 4.662   -10.081 15.703  0.50 31.67 ? 100  GLU A OE1 1 
ATOM   690  O  OE2 A GLU A 1 104 ? 7.803   -10.299 13.450  0.50 29.63 ? 100  GLU A OE2 1 
ATOM   691  O  OE2 B GLU A 1 104 ? 3.830   -9.017  13.980  0.50 27.86 ? 100  GLU A OE2 1 
ATOM   692  N  N   . GLU A 1 105 ? 7.512   -4.590  12.974  1.00 27.67 ? 101  GLU A N   1 
ATOM   693  C  CA  . GLU A 1 105 ? 8.441   -3.926  12.081  1.00 30.08 ? 101  GLU A CA  1 
ATOM   694  C  C   . GLU A 1 105 ? 7.824   -2.601  11.675  1.00 29.50 ? 101  GLU A C   1 
ATOM   695  O  O   . GLU A 1 105 ? 6.589   -2.504  11.611  1.00 31.64 ? 101  GLU A O   1 
ATOM   696  C  CB  . GLU A 1 105 ? 8.557   -4.714  10.757  1.00 30.02 ? 101  GLU A CB  1 
ATOM   697  C  CG  . GLU A 1 105 ? 9.244   -6.012  10.876  1.00 36.87 ? 101  GLU A CG  1 
ATOM   698  C  CD  . GLU A 1 105 ? 10.664  -5.844  11.337  1.00 42.13 ? 101  GLU A CD  1 
ATOM   699  O  OE1 . GLU A 1 105 ? 11.085  -6.657  12.192  1.00 47.80 ? 101  GLU A OE1 1 
ATOM   700  O  OE2 . GLU A 1 105 ? 11.339  -4.891  10.884  1.00 41.94 ? 101  GLU A OE2 1 
ATOM   701  N  N   . ASP A 1 106 ? 8.635   -1.593  11.359  1.00 28.50 ? 102  ASP A N   1 
ATOM   702  C  CA  . ASP A 1 106 ? 8.024   -0.384  10.756  1.00 27.69 ? 102  ASP A CA  1 
ATOM   703  C  C   . ASP A 1 106 ? 8.081   -0.333  9.251   1.00 26.06 ? 102  ASP A C   1 
ATOM   704  O  O   . ASP A 1 106 ? 8.866   -1.010  8.623   1.00 24.55 ? 102  ASP A O   1 
ATOM   705  C  CB  . ASP A 1 106 ? 8.453   0.936   11.379  1.00 30.34 ? 102  ASP A CB  1 
ATOM   706  C  CG  . ASP A 1 106 ? 9.952   1.088   11.529  1.00 37.35 ? 102  ASP A CG  1 
ATOM   707  O  OD1 . ASP A 1 106 ? 10.378  1.782   12.518  1.00 46.25 ? 102  ASP A OD1 1 
ATOM   708  O  OD2 . ASP A 1 106 ? 10.706  0.520   10.691  1.00 46.58 ? 102  ASP A OD2 1 
ATOM   709  N  N   . PHE A 1 107 ? 7.200   0.470   8.706   1.00 24.59 ? 103  PHE A N   1 
ATOM   710  C  CA  . PHE A 1 107 ? 7.027   0.584   7.280   1.00 23.93 ? 103  PHE A CA  1 
ATOM   711  C  C   . PHE A 1 107 ? 8.388   0.835   6.598   1.00 24.10 ? 103  PHE A C   1 
ATOM   712  O  O   . PHE A 1 107 ? 8.785   0.102   5.691   1.00 21.89 ? 103  PHE A O   1 
ATOM   713  C  CB  . PHE A 1 107 ? 6.032   1.692   6.996   1.00 24.74 ? 103  PHE A CB  1 
ATOM   714  C  CG  . PHE A 1 107 ? 5.822   1.937   5.509   1.00 26.98 ? 103  PHE A CG  1 
ATOM   715  C  CD1 . PHE A 1 107 ? 4.823   1.235   4.823   1.00 30.85 ? 103  PHE A CD1 1 
ATOM   716  C  CD2 . PHE A 1 107 ? 6.688   2.777   4.786   1.00 30.98 ? 103  PHE A CD2 1 
ATOM   717  C  CE1 . PHE A 1 107 ? 4.675   1.406   3.419   1.00 26.10 ? 103  PHE A CE1 1 
ATOM   718  C  CE2 . PHE A 1 107 ? 6.544   2.954   3.368   1.00 27.82 ? 103  PHE A CE2 1 
ATOM   719  C  CZ  . PHE A 1 107 ? 5.532   2.247   2.721   1.00 25.24 ? 103  PHE A CZ  1 
ATOM   720  N  N   . GLU A 1 108 ? 9.106   1.869   7.073   1.00 23.47 ? 104  GLU A N   1 
ATOM   721  C  CA  . GLU A 1 108 ? 10.406  2.299   6.482   1.00 24.42 ? 104  GLU A CA  1 
ATOM   722  C  C   . GLU A 1 108 ? 11.454  1.211   6.358   1.00 25.15 ? 104  GLU A C   1 
ATOM   723  O  O   . GLU A 1 108 ? 12.218  1.122   5.371   1.00 24.18 ? 104  GLU A O   1 
ATOM   724  C  CB  . GLU A 1 108 ? 10.977  3.497   7.281   1.00 24.77 ? 104  GLU A CB  1 
ATOM   725  C  CG  . GLU A 1 108 ? 10.122  4.722   7.203   1.00 23.77 ? 104  GLU A CG  1 
ATOM   726  C  CD  . GLU A 1 108 ? 9.089   4.791   8.309   1.00 25.94 ? 104  GLU A CD  1 
ATOM   727  O  OE1 . GLU A 1 108 ? 8.658   3.746   8.876   1.00 17.86 ? 104  GLU A OE1 1 
ATOM   728  O  OE2 . GLU A 1 108 ? 8.706   5.936   8.601   1.00 31.26 ? 104  GLU A OE2 1 
ATOM   729  N  N   . SER A 1 109 ? 11.566  0.444   7.427   1.00 23.96 ? 105  SER A N   1 
ATOM   730  C  CA  . SER A 1 109 ? 12.469  -0.680  7.498   1.00 24.65 ? 105  SER A CA  1 
ATOM   731  C  C   . SER A 1 109 ? 12.113  -1.812  6.498   1.00 23.06 ? 105  SER A C   1 
ATOM   732  O  O   . SER A 1 109 ? 12.965  -2.355  5.819   1.00 22.17 ? 105  SER A O   1 
ATOM   733  C  CB  . SER A 1 109 ? 12.385  -1.186  8.915   1.00 24.86 ? 105  SER A CB  1 
ATOM   734  O  OG  . SER A 1 109 ? 13.103  -2.375  9.050   1.00 28.17 ? 105  SER A OG  1 
ATOM   735  N  N   . LEU A 1 110 ? 10.836  -2.165  6.409   1.00 22.80 ? 106  LEU A N   1 
ATOM   736  C  CA  . LEU A 1 110 ? 10.415  -3.223  5.452   1.00 22.13 ? 106  LEU A CA  1 
ATOM   737  C  C   . LEU A 1 110 ? 10.581  -2.760  4.017   1.00 22.12 ? 106  LEU A C   1 
ATOM   738  O  O   . LEU A 1 110 ? 10.892  -3.550  3.130   1.00 22.46 ? 106  LEU A O   1 
ATOM   739  C  CB  . LEU A 1 110 ? 8.942   -3.608  5.696   1.00 19.37 ? 106  LEU A CB  1 
ATOM   740  C  CG  . LEU A 1 110 ? 8.642   -4.292  7.038   1.00 21.85 ? 106  LEU A CG  1 
ATOM   741  C  CD1 . LEU A 1 110 ? 7.198   -4.831  7.098   1.00 17.49 ? 106  LEU A CD1 1 
ATOM   742  C  CD2 . LEU A 1 110 ? 9.588   -5.442  7.251   1.00 18.34 ? 106  LEU A CD2 1 
ATOM   743  N  N   . ALA A 1 111 ? 10.311  -1.485  3.783   1.00 22.59 ? 107  ALA A N   1 
ATOM   744  C  CA  . ALA A 1 111 ? 10.436  -0.901  2.432   1.00 22.59 ? 107  ALA A CA  1 
ATOM   745  C  C   . ALA A 1 111 ? 11.894  -0.904  1.992   1.00 23.35 ? 107  ALA A C   1 
ATOM   746  O  O   . ALA A 1 111 ? 12.194  -1.253  0.831   1.00 19.86 ? 107  ALA A O   1 
ATOM   747  C  CB  . ALA A 1 111 ? 9.880   0.483   2.371   1.00 21.29 ? 107  ALA A CB  1 
ATOM   748  N  N   . SER A 1 112 ? 12.798  -0.504  2.909   1.00 23.14 ? 108  SER A N   1 
ATOM   749  C  CA  . SER A 1 112 ? 14.232  -0.466  2.619   1.00 21.34 ? 108  SER A CA  1 
ATOM   750  C  C   . SER A 1 112 ? 14.709  -1.847  2.297   1.00 22.88 ? 108  SER A C   1 
ATOM   751  O  O   . SER A 1 112 ? 15.539  -2.038  1.392   1.00 21.66 ? 108  SER A O   1 
ATOM   752  C  CB  . SER A 1 112 ? 14.979  0.006   3.878   1.00 22.26 ? 108  SER A CB  1 
ATOM   753  O  OG  . SER A 1 112 ? 14.775  1.406   3.992   1.00 22.17 ? 108  SER A OG  1 
ATOM   754  N  N   . GLN A 1 113 ? 14.246  -2.830  3.053   1.00 22.67 ? 109  GLN A N   1 
ATOM   755  C  CA  . GLN A 1 113 ? 14.721  -4.183  2.836   1.00 24.51 ? 109  GLN A CA  1 
ATOM   756  C  C   . GLN A 1 113 ? 14.055  -4.908  1.708   1.00 23.62 ? 109  GLN A C   1 
ATOM   757  O  O   . GLN A 1 113 ? 14.699  -5.763  1.156   1.00 24.92 ? 109  GLN A O   1 
ATOM   758  C  CB  . GLN A 1 113 ? 14.550  -5.030  4.088   1.00 24.83 ? 109  GLN A CB  1 
ATOM   759  C  CG  . GLN A 1 113 ? 15.316  -4.488  5.265   1.00 27.25 ? 109  GLN A CG  1 
ATOM   760  C  CD  . GLN A 1 113 ? 14.965  -5.223  6.527   1.00 29.47 ? 109  GLN A CD  1 
ATOM   761  O  OE1 . GLN A 1 113 ? 14.230  -4.728  7.358   1.00 32.89 ? 109  GLN A OE1 1 
ATOM   762  N  NE2 . GLN A 1 113 ? 15.491  -6.373  6.670   1.00 28.98 ? 109  GLN A NE2 1 
ATOM   763  N  N   . PHE A 1 114 ? 12.767  -4.636  1.410   1.00 22.58 ? 110  PHE A N   1 
ATOM   764  C  CA  . PHE A 1 114 ? 11.939  -5.562  0.595   1.00 22.29 ? 110  PHE A CA  1 
ATOM   765  C  C   . PHE A 1 114 ? 11.199  -4.984  -0.629  1.00 22.83 ? 110  PHE A C   1 
ATOM   766  O  O   . PHE A 1 114 ? 10.631  -5.741  -1.427  1.00 23.11 ? 110  PHE A O   1 
ATOM   767  C  CB  . PHE A 1 114 ? 10.907  -6.307  1.501   1.00 22.38 ? 110  PHE A CB  1 
ATOM   768  C  CG  . PHE A 1 114 ? 11.544  -7.108  2.587   1.00 24.14 ? 110  PHE A CG  1 
ATOM   769  C  CD1 . PHE A 1 114 ? 11.187  -6.923  3.952   1.00 25.81 ? 110  PHE A CD1 1 
ATOM   770  C  CD2 . PHE A 1 114 ? 12.546  -8.020  2.278   1.00 22.27 ? 110  PHE A CD2 1 
ATOM   771  C  CE1 . PHE A 1 114 ? 11.824  -7.711  4.998   1.00 22.39 ? 110  PHE A CE1 1 
ATOM   772  C  CE2 . PHE A 1 114 ? 13.244  -8.763  3.292   1.00 21.83 ? 110  PHE A CE2 1 
ATOM   773  C  CZ  . PHE A 1 114 ? 12.880  -8.631  4.664   1.00 23.97 ? 110  PHE A CZ  1 
ATOM   774  N  N   . SER A 1 115 ? 11.097  -3.673  -0.720  1.00 22.42 ? 111  SER A N   1 
ATOM   775  C  CA  . SER A 1 115 ? 10.507  -3.049  -1.876  1.00 23.04 ? 111  SER A CA  1 
ATOM   776  C  C   . SER A 1 115 ? 11.372  -3.294  -3.153  1.00 23.81 ? 111  SER A C   1 
ATOM   777  O  O   . SER A 1 115 ? 12.595  -3.107  -3.145  1.00 23.43 ? 111  SER A O   1 
ATOM   778  C  CB  . SER A 1 115 ? 10.388  -1.558  -1.702  1.00 21.26 ? 111  SER A CB  1 
ATOM   779  O  OG  . SER A 1 115 ? 9.575   -1.020  -2.719  1.00 22.57 ? 111  SER A OG  1 
ATOM   780  N  N   . ASP A 1 116 ? 10.675  -3.737  -4.198  1.00 23.14 ? 112  ASP A N   1 
ATOM   781  C  CA  . ASP A 1 116 ? 11.193  -3.948  -5.530  1.00 24.42 ? 112  ASP A CA  1 
ATOM   782  C  C   . ASP A 1 116 ? 11.219  -2.617  -6.267  1.00 25.62 ? 112  ASP A C   1 
ATOM   783  O  O   . ASP A 1 116 ? 11.483  -2.619  -7.469  1.00 29.39 ? 112  ASP A O   1 
ATOM   784  C  CB  . ASP A 1 116 ? 10.294  -4.954  -6.274  1.00 22.40 ? 112  ASP A CB  1 
ATOM   785  C  CG  . ASP A 1 116 ? 10.563  -6.398  -5.877  1.00 23.26 ? 112  ASP A CG  1 
ATOM   786  O  OD1 . ASP A 1 116 ? 11.736  -6.746  -5.712  1.00 24.22 ? 112  ASP A OD1 1 
ATOM   787  O  OD2 . ASP A 1 116 ? 9.606   -7.193  -5.636  1.00 23.75 ? 112  ASP A OD2 1 
ATOM   788  N  N   . CYS A 1 117 ? 10.854  -1.498  -5.616  1.00 24.45 ? 113  CYS A N   1 
ATOM   789  C  CA  . CYS A 1 117 ? 11.071  -0.162  -6.228  1.00 24.95 ? 113  CYS A CA  1 
ATOM   790  C  C   . CYS A 1 117 ? 12.477  0.457   -5.871  1.00 26.00 ? 113  CYS A C   1 
ATOM   791  O  O   . CYS A 1 117 ? 12.943  0.280   -4.746  1.00 26.79 ? 113  CYS A O   1 
ATOM   792  C  CB  . CYS A 1 117 ? 9.979   0.822   -5.781  1.00 24.31 ? 113  CYS A CB  1 
ATOM   793  S  SG  . CYS A 1 117 ? 10.109  2.415   -6.670  1.00 24.52 ? 113  CYS A SG  1 
ATOM   794  N  N   . SER A 1 118 ? 13.157  1.166   -6.791  1.00 24.81 ? 114  SER A N   1 
ATOM   795  C  CA  . SER A 1 118 ? 14.456  1.772   -6.375  1.00 25.84 ? 114  SER A CA  1 
ATOM   796  C  C   . SER A 1 118 ? 14.253  2.805   -5.208  1.00 25.09 ? 114  SER A C   1 
ATOM   797  O  O   . SER A 1 118 ? 15.203  3.100   -4.494  1.00 24.97 ? 114  SER A O   1 
ATOM   798  C  CB  . SER A 1 118 ? 15.159  2.499   -7.542  1.00 25.80 ? 114  SER A CB  1 
ATOM   799  O  OG  . SER A 1 118 ? 14.205  3.332   -8.180  1.00 29.36 ? 114  SER A OG  1 
ATOM   800  N  N   . SER A 1 119 ? 13.030  3.353   -5.060  1.00 24.15 ? 115  SER A N   1 
ATOM   801  C  CA  . SER A 1 119 ? 12.644  4.170   -3.924  1.00 22.35 ? 115  SER A CA  1 
ATOM   802  C  C   . SER A 1 119 ? 12.909  3.473   -2.581  1.00 21.49 ? 115  SER A C   1 
ATOM   803  O  O   . SER A 1 119 ? 12.966  4.175   -1.553  1.00 21.05 ? 115  SER A O   1 
ATOM   804  C  CB  . SER A 1 119 ? 11.188  4.645   -4.022  1.00 23.63 ? 115  SER A CB  1 
ATOM   805  O  OG  . SER A 1 119 ? 10.284  3.579   -3.760  1.00 23.77 ? 115  SER A OG  1 
ATOM   806  N  N   . ALA A 1 120 ? 13.141  2.146   -2.564  1.00 19.81 ? 116  ALA A N   1 
ATOM   807  C  CA  . ALA A 1 120 ? 13.569  1.422   -1.327  1.00 18.79 ? 116  ALA A CA  1 
ATOM   808  C  C   . ALA A 1 120 ? 14.803  2.093   -0.654  1.00 21.38 ? 116  ALA A C   1 
ATOM   809  O  O   . ALA A 1 120 ? 14.914  2.160   0.582   1.00 17.39 ? 116  ALA A O   1 
ATOM   810  C  CB  . ALA A 1 120 ? 13.901  -0.057  -1.615  1.00 18.07 ? 116  ALA A CB  1 
ATOM   811  N  N   . LYS A 1 121 ? 15.701  2.630   -1.493  1.00 20.37 ? 117  LYS A N   1 
ATOM   812  C  CA  . LYS A 1 121 ? 16.896  3.289   -0.974  1.00 23.76 ? 117  LYS A CA  1 
ATOM   813  C  C   . LYS A 1 121 ? 16.652  4.580   -0.164  1.00 22.58 ? 117  LYS A C   1 
ATOM   814  O  O   . LYS A 1 121 ? 17.551  4.996   0.582   1.00 21.99 ? 117  LYS A O   1 
ATOM   815  C  CB  . LYS A 1 121 ? 17.921  3.511   -2.084  1.00 24.25 ? 117  LYS A CB  1 
ATOM   816  C  CG  . LYS A 1 121 ? 18.007  2.304   -2.922  1.00 29.11 ? 117  LYS A CG  1 
ATOM   817  C  CD  . LYS A 1 121 ? 18.529  1.119   -2.180  1.00 33.49 ? 117  LYS A CD  1 
ATOM   818  C  CE  . LYS A 1 121 ? 18.403  -0.162  -3.036  1.00 35.77 ? 117  LYS A CE  1 
ATOM   819  N  NZ  . LYS A 1 121 ? 18.823  -1.293  -2.190  1.00 31.22 ? 117  LYS A NZ  1 
ATOM   820  N  N   . ALA A 1 122 ? 15.458  5.170   -0.315  1.00 22.19 ? 118  ALA A N   1 
ATOM   821  C  CA  . ALA A 1 122 ? 15.042  6.306   0.452   1.00 23.32 ? 118  ALA A CA  1 
ATOM   822  C  C   . ALA A 1 122 ? 13.869  5.928   1.381   1.00 22.67 ? 118  ALA A C   1 
ATOM   823  O  O   . ALA A 1 122 ? 12.938  6.709   1.525   1.00 22.73 ? 118  ALA A O   1 
ATOM   824  C  CB  . ALA A 1 122 ? 14.629  7.441   -0.493  1.00 23.27 ? 118  ALA A CB  1 
ATOM   825  N  N   . ARG A 1 123 ? 13.884  4.686   1.884   1.00 22.99 ? 119  ARG A N   1 
ATOM   826  C  CA  . ARG A 1 123 ? 12.856  4.127   2.801   1.00 24.92 ? 119  ARG A CA  1 
ATOM   827  C  C   . ARG A 1 123 ? 11.482  4.153   2.185   1.00 24.38 ? 119  ARG A C   1 
ATOM   828  O  O   . ARG A 1 123 ? 10.515  4.393   2.891   1.00 24.64 ? 119  ARG A O   1 
ATOM   829  C  CB  . ARG A 1 123 ? 12.823  4.841   4.212   1.00 24.88 ? 119  ARG A CB  1 
ATOM   830  C  CG  . ARG A 1 123 ? 14.195  5.133   4.840   1.00 26.54 ? 119  ARG A CG  1 
ATOM   831  C  CD  . ARG A 1 123 ? 14.193  5.829   6.237   1.00 33.54 ? 119  ARG A CD  1 
ATOM   832  N  NE  . ARG A 1 123 ? 15.408  5.347   6.923   1.00 40.95 ? 119  ARG A NE  1 
ATOM   833  C  CZ  . ARG A 1 123 ? 15.714  5.392   8.246   1.00 44.21 ? 119  ARG A CZ  1 
ATOM   834  N  NH1 . ARG A 1 123 ? 14.876  5.932   9.138   1.00 45.80 ? 119  ARG A NH1 1 
ATOM   835  N  NH2 . ARG A 1 123 ? 16.879  4.867   8.684   1.00 38.16 ? 119  ARG A NH2 1 
ATOM   836  N  N   . GLY A 1 124 ? 11.433  3.988   0.849   1.00 25.75 ? 120  GLY A N   1 
ATOM   837  C  CA  . GLY A 1 124 ? 10.209  4.006   0.043   1.00 25.48 ? 120  GLY A CA  1 
ATOM   838  C  C   . GLY A 1 124 ? 9.610   5.338   -0.300  1.00 26.19 ? 120  GLY A C   1 
ATOM   839  O  O   . GLY A 1 124 ? 8.559   5.405   -0.960  1.00 25.90 ? 120  GLY A O   1 
ATOM   840  N  N   . ASP A 1 125 ? 10.273  6.417   0.114   1.00 26.50 ? 121  ASP A N   1 
ATOM   841  C  CA  . ASP A 1 125 ? 9.770   7.762   -0.099  1.00 26.31 ? 121  ASP A CA  1 
ATOM   842  C  C   . ASP A 1 125 ? 9.807   8.174   -1.578  1.00 27.01 ? 121  ASP A C   1 
ATOM   843  O  O   . ASP A 1 125 ? 10.840  8.024   -2.232  1.00 27.38 ? 121  ASP A O   1 
ATOM   844  C  CB  . ASP A 1 125 ? 10.523  8.796   0.741   1.00 25.86 ? 121  ASP A CB  1 
ATOM   845  C  CG  . ASP A 1 125 ? 10.097  10.239  0.380   1.00 27.26 ? 121  ASP A CG  1 
ATOM   846  O  OD1 . ASP A 1 125 ? 8.887   10.562  0.292   1.00 27.25 ? 121  ASP A OD1 1 
ATOM   847  O  OD2 . ASP A 1 125 ? 10.994  11.097  0.168   1.00 31.50 ? 121  ASP A OD2 1 
ATOM   848  N  N   . LEU A 1 126 ? 8.657   8.603   -2.097  1.00 26.84 ? 122  LEU A N   1 
ATOM   849  C  CA  . LEU A 1 126 ? 8.545   9.056   -3.509  1.00 27.17 ? 122  LEU A CA  1 
ATOM   850  C  C   . LEU A 1 126 ? 8.563   10.556  -3.681  1.00 27.78 ? 122  LEU A C   1 
ATOM   851  O  O   . LEU A 1 126 ? 8.495   11.019  -4.801  1.00 28.84 ? 122  LEU A O   1 
ATOM   852  C  CB  . LEU A 1 126 ? 7.283   8.515   -4.212  1.00 25.66 ? 122  LEU A CB  1 
ATOM   853  C  CG  . LEU A 1 126 ? 7.174   6.999   -4.271  1.00 25.00 ? 122  LEU A CG  1 
ATOM   854  C  CD1 . LEU A 1 126 ? 5.687   6.661   -4.494  1.00 24.34 ? 122  LEU A CD1 1 
ATOM   855  C  CD2 . LEU A 1 126 ? 8.069   6.410   -5.325  1.00 23.95 ? 122  LEU A CD2 1 
ATOM   856  N  N   . GLY A 1 127 ? 8.588   11.326  -2.601  1.00 27.63 ? 123  GLY A N   1 
ATOM   857  C  CA  . GLY A 1 127 ? 8.302   12.760  -2.707  1.00 27.39 ? 123  GLY A CA  1 
ATOM   858  C  C   . GLY A 1 127 ? 6.864   13.136  -2.999  1.00 29.67 ? 123  GLY A C   1 
ATOM   859  O  O   . GLY A 1 127 ? 5.934   12.308  -3.006  1.00 29.76 ? 123  GLY A O   1 
ATOM   860  N  N   . ALA A 1 128 ? 6.676   14.414  -3.273  1.00 30.04 ? 124  ALA A N   1 
ATOM   861  C  CA  . ALA A 1 128 ? 5.351   14.951  -3.427  1.00 32.68 ? 124  ALA A CA  1 
ATOM   862  C  C   . ALA A 1 128 ? 4.967   14.811  -4.894  1.00 33.02 ? 124  ALA A C   1 
ATOM   863  O  O   . ALA A 1 128 ? 5.848   14.730  -5.752  1.00 34.79 ? 124  ALA A O   1 
ATOM   864  C  CB  . ALA A 1 128 ? 5.269   16.423  -2.930  1.00 31.86 ? 124  ALA A CB  1 
ATOM   865  N  N   . PHE A 1 129 ? 3.671   14.713  -5.168  1.00 33.13 ? 125  PHE A N   1 
ATOM   866  C  CA  . PHE A 1 129 ? 3.202   14.564  -6.542  1.00 33.64 ? 125  PHE A CA  1 
ATOM   867  C  C   . PHE A 1 129 ? 1.772   15.033  -6.602  1.00 33.85 ? 125  PHE A C   1 
ATOM   868  O  O   . PHE A 1 129 ? 1.119   15.212  -5.545  1.00 35.15 ? 125  PHE A O   1 
ATOM   869  C  CB  . PHE A 1 129 ? 3.392   13.121  -7.049  1.00 33.80 ? 125  PHE A CB  1 
ATOM   870  C  CG  . PHE A 1 129 ? 2.732   12.037  -6.147  1.00 36.55 ? 125  PHE A CG  1 
ATOM   871  C  CD1 . PHE A 1 129 ? 1.414   11.607  -6.381  1.00 38.67 ? 125  PHE A CD1 1 
ATOM   872  C  CD2 . PHE A 1 129 ? 3.449   11.451  -5.086  1.00 38.57 ? 125  PHE A CD2 1 
ATOM   873  C  CE1 . PHE A 1 129 ? 0.811   10.605  -5.569  1.00 38.97 ? 125  PHE A CE1 1 
ATOM   874  C  CE2 . PHE A 1 129 ? 2.862   10.446  -4.274  1.00 42.34 ? 125  PHE A CE2 1 
ATOM   875  C  CZ  . PHE A 1 129 ? 1.532   10.027  -4.520  1.00 38.56 ? 125  PHE A CZ  1 
ATOM   876  N  N   . SER A 1 130 ? 1.276   15.310  -7.811  1.00 34.38 ? 126  SER A N   1 
ATOM   877  C  CA  . SER A 1 130 ? -0.125  15.763  -7.980  1.00 35.37 ? 126  SER A CA  1 
ATOM   878  C  C   . SER A 1 130 ? -0.860  14.709  -8.768  1.00 34.71 ? 126  SER A C   1 
ATOM   879  O  O   . SER A 1 130 ? -0.265  13.734  -9.248  1.00 34.51 ? 126  SER A O   1 
ATOM   880  C  CB  . SER A 1 130 ? -0.193  17.110  -8.740  1.00 36.33 ? 126  SER A CB  1 
ATOM   881  O  OG  . SER A 1 130 ? 0.456   16.981  -10.010 1.00 39.57 ? 126  SER A OG  1 
ATOM   882  N  N   . ARG A 1 131 ? -2.159  14.898  -8.919  1.00 35.06 ? 127  ARG A N   1 
ATOM   883  C  CA  . ARG A 1 131 ? -2.886  14.039  -9.824  1.00 35.92 ? 127  ARG A CA  1 
ATOM   884  C  C   . ARG A 1 131 ? -2.336  14.237  -11.235 1.00 37.25 ? 127  ARG A C   1 
ATOM   885  O  O   . ARG A 1 131 ? -1.877  15.330  -11.580 1.00 37.85 ? 127  ARG A O   1 
ATOM   886  C  CB  . ARG A 1 131 ? -4.381  14.339  -9.771  1.00 35.91 ? 127  ARG A CB  1 
ATOM   887  C  CG  . ARG A 1 131 ? -5.042  13.964  -8.447  1.00 34.10 ? 127  ARG A CG  1 
ATOM   888  C  CD  . ARG A 1 131 ? -6.401  13.538  -8.713  1.00 33.71 ? 127  ARG A CD  1 
ATOM   889  N  NE  . ARG A 1 131 ? -7.159  13.213  -7.496  1.00 34.42 ? 127  ARG A NE  1 
ATOM   890  C  CZ  . ARG A 1 131 ? -7.564  11.981  -7.172  1.00 28.33 ? 127  ARG A CZ  1 
ATOM   891  N  NH1 . ARG A 1 131 ? -7.266  10.932  -7.938  1.00 28.81 ? 127  ARG A NH1 1 
ATOM   892  N  NH2 . ARG A 1 131 ? -8.253  11.805  -6.079  1.00 34.52 ? 127  ARG A NH2 1 
ATOM   893  N  N   . GLY A 1 132 ? -2.393  13.173  -12.032 1.00 38.17 ? 128  GLY A N   1 
ATOM   894  C  CA  . GLY A 1 132 ? -1.934  13.179  -13.378 1.00 38.70 ? 128  GLY A CA  1 
ATOM   895  C  C   . GLY A 1 132 ? -0.531  12.643  -13.534 1.00 39.89 ? 128  GLY A C   1 
ATOM   896  O  O   . GLY A 1 132 ? 0.006   12.694  -14.647 1.00 42.36 ? 128  GLY A O   1 
ATOM   897  N  N   . GLN A 1 133 ? 0.094   12.133  -12.461 1.00 39.66 ? 129  GLN A N   1 
ATOM   898  C  CA  . GLN A 1 133 ? 1.515   11.680  -12.526 1.00 38.35 ? 129  GLN A CA  1 
ATOM   899  C  C   . GLN A 1 133 ? 1.733   10.185  -12.339 1.00 37.91 ? 129  GLN A C   1 
ATOM   900  O  O   . GLN A 1 133 ? 2.608   9.600   -12.964 1.00 37.58 ? 129  GLN A O   1 
ATOM   901  C  CB  . GLN A 1 133 ? 2.388   12.408  -11.478 1.00 39.02 ? 129  GLN A CB  1 
ATOM   902  C  CG  . GLN A 1 133 ? 2.705   13.930  -11.696 1.00 39.97 ? 129  GLN A CG  1 
ATOM   903  C  CD  . GLN A 1 133 ? 3.572   14.497  -10.549 1.00 45.76 ? 129  GLN A CD  1 
ATOM   904  O  OE1 . GLN A 1 133 ? 3.310   15.614  -10.030 1.00 45.84 ? 129  GLN A OE1 1 
ATOM   905  N  NE2 . GLN A 1 133 ? 4.578   13.687  -10.093 1.00 46.37 ? 129  GLN A NE2 1 
ATOM   906  N  N   . MET A 1 134 ? 0.995   9.589   -11.398 1.00 35.98 ? 130  MET A N   1 
ATOM   907  C  CA  . MET A 1 134 ? 1.167   8.178   -11.042 1.00 34.57 ? 130  MET A CA  1 
ATOM   908  C  C   . MET A 1 134 ? 0.139   7.321   -11.786 1.00 32.86 ? 130  MET A C   1 
ATOM   909  O  O   . MET A 1 134 ? -0.834  7.835   -12.306 1.00 32.92 ? 130  MET A O   1 
ATOM   910  C  CB  . MET A 1 134 ? 1.008   8.001   -9.500  1.00 34.61 ? 130  MET A CB  1 
ATOM   911  C  CG  . MET A 1 134 ? 2.064   8.756   -8.649  1.00 32.85 ? 130  MET A CG  1 
ATOM   912  S  SD  . MET A 1 134 ? 3.805   8.221   -8.962  1.00 40.89 ? 130  MET A SD  1 
ATOM   913  C  CE  . MET A 1 134 ? 4.665   9.228   -7.772  1.00 40.45 ? 130  MET A CE  1 
ATOM   914  N  N   . ALA A 1 135 ? 0.390   6.035   -11.875 1.00 30.96 ? 131  ALA A N   1 
ATOM   915  C  CA  . ALA A 1 135 ? -0.633  5.085   -12.250 1.00 30.91 ? 131  ALA A CA  1 
ATOM   916  C  C   . ALA A 1 135 ? -1.926  5.308   -11.417 1.00 31.37 ? 131  ALA A C   1 
ATOM   917  O  O   . ALA A 1 135 ? -1.902  5.543   -10.182 1.00 30.38 ? 131  ALA A O   1 
ATOM   918  C  CB  . ALA A 1 135 ? -0.093  3.729   -12.075 1.00 30.62 ? 131  ALA A CB  1 
ATOM   919  N  N   . LYS A 1 136 ? -3.065  5.307   -12.106 1.00 30.76 ? 132  LYS A N   1 
ATOM   920  C  CA  . LYS A 1 136 ? -4.323  5.671   -11.485 1.00 30.32 ? 132  LYS A CA  1 
ATOM   921  C  C   . LYS A 1 136 ? -4.676  4.892   -10.186 1.00 28.43 ? 132  LYS A C   1 
ATOM   922  O  O   . LYS A 1 136 ? -5.045  5.509   -9.196  1.00 28.76 ? 132  LYS A O   1 
ATOM   923  C  CB  . LYS A 1 136 ? -5.447  5.629   -12.558 1.00 32.28 ? 132  LYS A CB  1 
ATOM   924  C  CG  . LYS A 1 136 ? -6.671  6.524   -12.267 1.00 33.05 ? 132  LYS A CG  1 
ATOM   925  C  CD  . LYS A 1 136 ? -6.415  8.017   -12.043 1.00 34.01 ? 132  LYS A CD  1 
ATOM   926  C  CE  . LYS A 1 136 ? -6.241  8.924   -13.350 1.00 37.59 ? 132  LYS A CE  1 
ATOM   927  N  NZ  . LYS A 1 136 ? -6.180  10.456  -13.039 1.00 32.98 ? 132  LYS A NZ  1 
ATOM   928  N  N   . PRO A 1 137 ? -4.560  3.541   -10.174 1.00 27.58 ? 133  PRO A N   1 
ATOM   929  C  CA  . PRO A 1 137 ? -4.921  2.947   -8.860  1.00 26.51 ? 133  PRO A CA  1 
ATOM   930  C  C   . PRO A 1 137 ? -4.096  3.550   -7.671  1.00 25.45 ? 133  PRO A C   1 
ATOM   931  O  O   . PRO A 1 137 ? -4.680  3.902   -6.631  1.00 24.81 ? 133  PRO A O   1 
ATOM   932  C  CB  . PRO A 1 137 ? -4.658  1.438   -9.079  1.00 26.34 ? 133  PRO A CB  1 
ATOM   933  C  CG  . PRO A 1 137 ? -4.663  1.243   -10.616 1.00 28.72 ? 133  PRO A CG  1 
ATOM   934  C  CD  . PRO A 1 137 ? -4.053  2.504   -11.121 1.00 28.09 ? 133  PRO A CD  1 
ATOM   935  N  N   . PHE A 1 138 ? -2.781  3.719   -7.878  1.00 24.55 ? 134  PHE A N   1 
ATOM   936  C  CA  . PHE A 1 138 ? -1.860  4.357   -6.916  1.00 23.77 ? 134  PHE A CA  1 
ATOM   937  C  C   . PHE A 1 138 ? -2.284  5.751   -6.613  1.00 24.38 ? 134  PHE A C   1 
ATOM   938  O  O   . PHE A 1 138 ? -2.343  6.139   -5.458  1.00 24.97 ? 134  PHE A O   1 
ATOM   939  C  CB  . PHE A 1 138 ? -0.442  4.409   -7.491  1.00 23.07 ? 134  PHE A CB  1 
ATOM   940  C  CG  . PHE A 1 138 ? 0.670   4.658   -6.432  1.00 23.86 ? 134  PHE A CG  1 
ATOM   941  C  CD1 . PHE A 1 138 ? 1.341   3.590   -5.863  1.00 21.51 ? 134  PHE A CD1 1 
ATOM   942  C  CD2 . PHE A 1 138 ? 1.014   5.946   -6.026  1.00 27.20 ? 134  PHE A CD2 1 
ATOM   943  C  CE1 . PHE A 1 138 ? 2.379   3.788   -4.905  1.00 22.18 ? 134  PHE A CE1 1 
ATOM   944  C  CE2 . PHE A 1 138 ? 2.038   6.168   -5.032  1.00 23.15 ? 134  PHE A CE2 1 
ATOM   945  C  CZ  . PHE A 1 138 ? 2.717   5.082   -4.486  1.00 22.45 ? 134  PHE A CZ  1 
ATOM   946  N  N   . GLU A 1 139 ? -2.511  6.545   -7.662  1.00 23.53 ? 135  GLU A N   1 
ATOM   947  C  CA  . GLU A 1 139 ? -2.874  7.916   -7.452  1.00 24.62 ? 135  GLU A CA  1 
ATOM   948  C  C   . GLU A 1 139 ? -4.152  8.005   -6.616  1.00 23.85 ? 135  GLU A C   1 
ATOM   949  O  O   . GLU A 1 139 ? -4.251  8.796   -5.646  1.00 25.05 ? 135  GLU A O   1 
ATOM   950  C  CB  . GLU A 1 139 ? -3.057  8.635   -8.794  1.00 23.93 ? 135  GLU A CB  1 
ATOM   951  C  CG  . GLU A 1 139 ? -3.740  9.986   -8.642  1.00 27.65 ? 135  GLU A CG  1 
ATOM   952  C  CD  . GLU A 1 139 ? -4.161  10.545  -10.013 1.00 30.73 ? 135  GLU A CD  1 
ATOM   953  O  OE1 . GLU A 1 139 ? -3.315  10.434  -10.914 1.00 26.44 ? 135  GLU A OE1 1 
ATOM   954  O  OE2 . GLU A 1 139 ? -5.327  11.064  -10.166 1.00 31.84 ? 135  GLU A OE2 1 
ATOM   955  N  N   . ASP A 1 140 ? -5.153  7.217   -6.987  1.00 23.00 ? 136  ASP A N   1 
ATOM   956  C  CA  . ASP A 1 140 ? -6.445  7.329   -6.296  1.00 22.93 ? 136  ASP A CA  1 
ATOM   957  C  C   . ASP A 1 140 ? -6.301  6.922   -4.837  1.00 22.39 ? 136  ASP A C   1 
ATOM   958  O  O   . ASP A 1 140 ? -6.840  7.590   -3.960  1.00 22.81 ? 136  ASP A O   1 
ATOM   959  C  CB  . ASP A 1 140 ? -7.489  6.443   -6.954  1.00 23.63 ? 136  ASP A CB  1 
ATOM   960  C  CG  . ASP A 1 140 ? -8.118  7.100   -8.198  1.00 26.39 ? 136  ASP A CG  1 
ATOM   961  O  OD1 . ASP A 1 140 ? -7.996  8.339   -8.380  1.00 26.29 ? 136  ASP A OD1 1 
ATOM   962  O  OD2 . ASP A 1 140 ? -8.714  6.348   -8.980  1.00 25.23 ? 136  ASP A OD2 1 
ATOM   963  N  N   . ALA A 1 141 ? -5.533  5.847   -4.587  1.00 22.47 ? 137  ALA A N   1 
ATOM   964  C  CA  . ALA A 1 141 ? -5.231  5.395   -3.216  1.00 20.38 ? 137  ALA A CA  1 
ATOM   965  C  C   . ALA A 1 141 ? -4.530  6.519   -2.432  1.00 20.56 ? 137  ALA A C   1 
ATOM   966  O  O   . ALA A 1 141 ? -4.968  6.869   -1.336  1.00 19.21 ? 137  ALA A O   1 
ATOM   967  C  CB  . ALA A 1 141 ? -4.366  4.094   -3.271  1.00 21.36 ? 137  ALA A CB  1 
ATOM   968  N  N   . SER A 1 142 ? -3.519  7.160   -3.040  1.00 21.97 ? 138  SER A N   1 
ATOM   969  C  CA  . SER A 1 142 ? -2.711  8.158   -2.359  1.00 22.78 ? 138  SER A CA  1 
ATOM   970  C  C   . SER A 1 142 ? -3.530  9.313   -1.973  1.00 24.53 ? 138  SER A C   1 
ATOM   971  O  O   . SER A 1 142 ? -3.479  9.733   -0.827  1.00 24.49 ? 138  SER A O   1 
ATOM   972  C  CB  . SER A 1 142 ? -1.552  8.676   -3.220  1.00 22.55 ? 138  SER A CB  1 
ATOM   973  O  OG  . SER A 1 142 ? -0.726  7.618   -3.560  1.00 19.73 ? 138  SER A OG  1 
ATOM   974  N  N   . PHE A 1 143 ? -4.357  9.804   -2.910  1.00 26.32 ? 139  PHE A N   1 
ATOM   975  C  CA  . PHE A 1 143 ? -5.261  10.947  -2.629  1.00 26.05 ? 139  PHE A CA  1 
ATOM   976  C  C   . PHE A 1 143 ? -6.450  10.716  -1.676  1.00 25.84 ? 139  PHE A C   1 
ATOM   977  O  O   . PHE A 1 143 ? -6.967  11.661  -1.088  1.00 26.29 ? 139  PHE A O   1 
ATOM   978  C  CB  . PHE A 1 143 ? -5.652  11.639  -3.965  1.00 24.77 ? 139  PHE A CB  1 
ATOM   979  C  CG  . PHE A 1 143 ? -4.545  12.500  -4.523  1.00 26.13 ? 139  PHE A CG  1 
ATOM   980  C  CD1 . PHE A 1 143 ? -3.495  11.937  -5.265  1.00 27.11 ? 139  PHE A CD1 1 
ATOM   981  C  CD2 . PHE A 1 143 ? -4.495  13.858  -4.233  1.00 29.66 ? 139  PHE A CD2 1 
ATOM   982  C  CE1 . PHE A 1 143 ? -2.455  12.720  -5.740  1.00 30.13 ? 139  PHE A CE1 1 
ATOM   983  C  CE2 . PHE A 1 143 ? -3.463  14.637  -4.701  1.00 27.97 ? 139  PHE A CE2 1 
ATOM   984  C  CZ  . PHE A 1 143 ? -2.453  14.089  -5.467  1.00 29.90 ? 139  PHE A CZ  1 
ATOM   985  N  N   . ALA A 1 144 ? -6.855  9.459   -1.495  1.00 24.78 ? 140  ALA A N   1 
ATOM   986  C  CA  . ALA A 1 144 ? -7.938  9.106   -0.555  1.00 24.12 ? 140  ALA A CA  1 
ATOM   987  C  C   . ALA A 1 144 ? -7.406  8.848   0.844   1.00 25.33 ? 140  ALA A C   1 
ATOM   988  O  O   . ALA A 1 144 ? -8.185  8.853   1.800   1.00 26.02 ? 140  ALA A O   1 
ATOM   989  C  CB  . ALA A 1 144 ? -8.656  7.831   -1.038  1.00 23.03 ? 140  ALA A CB  1 
ATOM   990  N  N   . LEU A 1 145 ? -6.091  8.642   0.996   1.00 25.61 ? 141  LEU A N   1 
ATOM   991  C  CA  . LEU A 1 145 ? -5.492  8.529   2.390   1.00 25.79 ? 141  LEU A CA  1 
ATOM   992  C  C   . LEU A 1 145 ? -5.421  9.897   3.030   1.00 26.38 ? 141  LEU A C   1 
ATOM   993  O  O   . LEU A 1 145 ? -5.243  10.878  2.341   1.00 27.73 ? 141  LEU A O   1 
ATOM   994  C  CB  . LEU A 1 145 ? -4.081  7.938   2.355   1.00 23.35 ? 141  LEU A CB  1 
ATOM   995  C  CG  . LEU A 1 145 ? -3.819  6.532   1.791   1.00 21.52 ? 141  LEU A CG  1 
ATOM   996  C  CD1 . LEU A 1 145 ? -2.323  6.357   1.522   1.00 19.92 ? 141  LEU A CD1 1 
ATOM   997  C  CD2 . LEU A 1 145 ? -4.271  5.469   2.710   1.00 24.80 ? 141  LEU A CD2 1 
ATOM   998  N  N   . ARG A 1 146 ? -5.563  9.971   4.350   1.00 28.28 ? 142  ARG A N   1 
ATOM   999  C  CA  . ARG A 1 146 ? -5.208  11.185  5.069   1.00 29.72 ? 142  ARG A CA  1 
ATOM   1000 C  C   . ARG A 1 146 ? -3.776  11.066  5.580   1.00 29.14 ? 142  ARG A C   1 
ATOM   1001 O  O   . ARG A 1 146 ? -3.221  9.969   5.571   1.00 26.82 ? 142  ARG A O   1 
ATOM   1002 C  CB  . ARG A 1 146 ? -6.221  11.528  6.163   1.00 31.12 ? 142  ARG A CB  1 
ATOM   1003 C  CG  . ARG A 1 146 ? -7.443  12.387  5.590   1.00 36.30 ? 142  ARG A CG  1 
ATOM   1004 C  CD  . ARG A 1 146 ? -8.577  11.442  5.176   1.00 42.03 ? 142  ARG A CD  1 
ATOM   1005 N  NE  . ARG A 1 146 ? -8.830  10.472  6.258   1.00 47.45 ? 142  ARG A NE  1 
ATOM   1006 C  CZ  . ARG A 1 146 ? -9.820  9.562   6.287   1.00 53.47 ? 142  ARG A CZ  1 
ATOM   1007 N  NH1 . ARG A 1 146 ? -10.715 9.451   5.260   1.00 53.02 ? 142  ARG A NH1 1 
ATOM   1008 N  NH2 . ARG A 1 146 ? -9.923  8.735   7.349   1.00 47.05 ? 142  ARG A NH2 1 
ATOM   1009 N  N   . THR A 1 147 ? -3.162  12.209  5.911   1.00 28.98 ? 143  THR A N   1 
ATOM   1010 C  CA  . THR A 1 147 ? -1.788  12.244  6.358   1.00 27.92 ? 143  THR A CA  1 
ATOM   1011 C  C   . THR A 1 147 ? -1.572  11.219  7.479   1.00 27.46 ? 143  THR A C   1 
ATOM   1012 O  O   . THR A 1 147 ? -2.368  11.165  8.399   1.00 27.46 ? 143  THR A O   1 
ATOM   1013 C  CB  . THR A 1 147 ? -1.355  13.657  6.784   1.00 28.21 ? 143  THR A CB  1 
ATOM   1014 O  OG1 . THR A 1 147 ? -1.378  14.466  5.619   1.00 32.43 ? 143  THR A OG1 1 
ATOM   1015 C  CG2 . THR A 1 147 ? 0.073   13.642  7.276   1.00 27.97 ? 143  THR A CG2 1 
ATOM   1016 N  N   . GLY A 1 148 ? -0.551  10.366  7.374   1.00 25.71 ? 144  GLY A N   1 
ATOM   1017 C  CA  . GLY A 1 148 ? -0.318  9.378   8.424   1.00 24.82 ? 144  GLY A CA  1 
ATOM   1018 C  C   . GLY A 1 148 ? -0.970  8.038   8.152   1.00 24.60 ? 144  GLY A C   1 
ATOM   1019 O  O   . GLY A 1 148 ? -0.527  7.037   8.739   1.00 25.42 ? 144  GLY A O   1 
ATOM   1020 N  N   . GLU A 1 149 ? -1.940  7.987   7.221   1.00 22.49 ? 145  GLU A N   1 
ATOM   1021 C  CA  . GLU A 1 149 ? -2.680  6.744   6.919   1.00 22.75 ? 145  GLU A CA  1 
ATOM   1022 C  C   . GLU A 1 149 ? -1.961  5.847   5.926   1.00 21.67 ? 145  GLU A C   1 
ATOM   1023 O  O   . GLU A 1 149 ? -1.157  6.325   5.110   1.00 22.21 ? 145  GLU A O   1 
ATOM   1024 C  CB  . GLU A 1 149 ? -4.109  7.015   6.467   1.00 22.30 ? 145  GLU A CB  1 
ATOM   1025 C  CG  . GLU A 1 149 ? -5.057  7.488   7.564   1.00 25.41 ? 145  GLU A CG  1 
ATOM   1026 C  CD  . GLU A 1 149 ? -6.500  7.695   6.996   1.00 34.33 ? 145  GLU A CD  1 
ATOM   1027 O  OE1 . GLU A 1 149 ? -6.658  8.114   5.801   1.00 32.08 ? 145  GLU A OE1 1 
ATOM   1028 O  OE2 . GLU A 1 149 ? -7.465  7.412   7.735   1.00 34.99 ? 145  GLU A OE2 1 
ATOM   1029 N  N   . MET A 1 150 ? -2.169  4.544   6.096   1.00 21.01 ? 146  MET A N   1 
ATOM   1030 C  CA  . MET A 1 150 ? -1.597  3.525   5.286   1.00 20.40 ? 146  MET A CA  1 
ATOM   1031 C  C   . MET A 1 150 ? -2.701  2.748   4.500   1.00 20.14 ? 146  MET A C   1 
ATOM   1032 O  O   . MET A 1 150 ? -3.805  2.505   4.991   1.00 17.66 ? 146  MET A O   1 
ATOM   1033 C  CB  . MET A 1 150 ? -0.742  2.555   6.098   1.00 21.48 ? 146  MET A CB  1 
ATOM   1034 C  CG  . MET A 1 150 ? 0.187   1.700   5.233   1.00 18.83 ? 146  MET A CG  1 
ATOM   1035 S  SD  . MET A 1 150 ? 0.976   0.492   6.325   1.00 22.08 ? 146  MET A SD  1 
ATOM   1036 C  CE  . MET A 1 150 ? -0.328  -0.636  6.900   1.00 23.38 ? 146  MET A CE  1 
ATOM   1037 N  N   . SER A 1 151 ? -2.392  2.436   3.263   1.00 19.68 ? 147  SER A N   1 
ATOM   1038 C  CA  . SER A 1 151 ? -3.315  1.729   2.386   1.00 19.80 ? 147  SER A CA  1 
ATOM   1039 C  C   . SER A 1 151 ? -3.288  0.218   2.740   1.00 20.82 ? 147  SER A C   1 
ATOM   1040 O  O   . SER A 1 151 ? -2.419  -0.237  3.465   1.00 21.17 ? 147  SER A O   1 
ATOM   1041 C  CB  . SER A 1 151 ? -2.918  1.951   0.919   1.00 19.64 ? 147  SER A CB  1 
ATOM   1042 O  OG  . SER A 1 151 ? -1.815  1.071   0.561   1.00 16.30 ? 147  SER A OG  1 
ATOM   1043 N  N   . GLY A 1 152 ? -4.257  -0.545  2.251   1.00 21.18 ? 148  GLY A N   1 
ATOM   1044 C  CA  . GLY A 1 152 ? -3.994  -1.962  2.014   1.00 20.50 ? 148  GLY A CA  1 
ATOM   1045 C  C   . GLY A 1 152 ? -3.269  -2.223  0.688   1.00 22.16 ? 148  GLY A C   1 
ATOM   1046 O  O   . GLY A 1 152 ? -2.635  -1.328  0.147   1.00 22.50 ? 148  GLY A O   1 
ATOM   1047 N  N   . PRO A 1 153 ? -3.295  -3.484  0.223   1.00 22.74 ? 149  PRO A N   1 
ATOM   1048 C  CA  . PRO A 1 153 ? -2.712  -3.916  -1.087  1.00 23.69 ? 149  PRO A CA  1 
ATOM   1049 C  C   . PRO A 1 153 ? -3.385  -3.119  -2.184  1.00 23.82 ? 149  PRO A C   1 
ATOM   1050 O  O   . PRO A 1 153 ? -4.638  -3.006  -2.224  1.00 24.27 ? 149  PRO A O   1 
ATOM   1051 C  CB  . PRO A 1 153 ? -3.048  -5.436  -1.179  1.00 23.58 ? 149  PRO A CB  1 
ATOM   1052 C  CG  . PRO A 1 153 ? -3.202  -5.907  0.308   1.00 22.37 ? 149  PRO A CG  1 
ATOM   1053 C  CD  . PRO A 1 153 ? -3.974  -4.615  0.924   1.00 22.81 ? 149  PRO A CD  1 
ATOM   1054 N  N   . VAL A 1 154 ? -2.564  -2.501  -3.026  1.00 21.60 ? 150  VAL A N   1 
ATOM   1055 C  CA  . VAL A 1 154 ? -3.059  -1.657  -4.090  1.00 20.20 ? 150  VAL A CA  1 
ATOM   1056 C  C   . VAL A 1 154 ? -2.368  -2.233  -5.363  1.00 20.78 ? 150  VAL A C   1 
ATOM   1057 O  O   . VAL A 1 154 ? -1.125  -2.315  -5.400  1.00 21.65 ? 150  VAL A O   1 
ATOM   1058 C  CB  . VAL A 1 154 ? -2.685  -0.194  -3.886  1.00 20.86 ? 150  VAL A CB  1 
ATOM   1059 C  CG1 . VAL A 1 154 ? -3.091  0.639   -5.118  1.00 18.73 ? 150  VAL A CG1 1 
ATOM   1060 C  CG2 . VAL A 1 154 ? -3.429  0.373   -2.736  1.00 21.36 ? 150  VAL A CG2 1 
ATOM   1061 N  N   . PHE A 1 155 ? -3.163  -2.650  -6.361  1.00 21.02 ? 151  PHE A N   1 
ATOM   1062 C  CA  . PHE A 1 155 ? -2.635  -3.379  -7.511  1.00 22.34 ? 151  PHE A CA  1 
ATOM   1063 C  C   . PHE A 1 155 ? -2.412  -2.373  -8.634  1.00 22.92 ? 151  PHE A C   1 
ATOM   1064 O  O   . PHE A 1 155 ? -3.305  -1.556  -8.952  1.00 24.41 ? 151  PHE A O   1 
ATOM   1065 C  CB  . PHE A 1 155 ? -3.629  -4.450  -7.982  1.00 21.36 ? 151  PHE A CB  1 
ATOM   1066 C  CG  . PHE A 1 155 ? -3.838  -5.535  -6.969  1.00 23.23 ? 151  PHE A CG  1 
ATOM   1067 C  CD1 . PHE A 1 155 ? -4.600  -5.275  -5.819  1.00 23.41 ? 151  PHE A CD1 1 
ATOM   1068 C  CD2 . PHE A 1 155 ? -3.251  -6.787  -7.128  1.00 20.46 ? 151  PHE A CD2 1 
ATOM   1069 C  CE1 . PHE A 1 155 ? -4.826  -6.289  -4.836  1.00 23.84 ? 151  PHE A CE1 1 
ATOM   1070 C  CE2 . PHE A 1 155 ? -3.493  -7.786  -6.166  1.00 18.10 ? 151  PHE A CE2 1 
ATOM   1071 C  CZ  . PHE A 1 155 ? -4.263  -7.529  -5.017  1.00 21.85 ? 151  PHE A CZ  1 
ATOM   1072 N  N   . THR A 1 156 ? -1.214  -2.394  -9.203  1.00 24.07 ? 152  THR A N   1 
ATOM   1073 C  CA  . THR A 1 156 ? -1.017  -1.610  -10.479 1.00 24.44 ? 152  THR A CA  1 
ATOM   1074 C  C   . THR A 1 156 ? -0.301  -2.539  -11.437 1.00 23.93 ? 152  THR A C   1 
ATOM   1075 O  O   . THR A 1 156 ? 0.113   -3.628  -11.014 1.00 23.90 ? 152  THR A O   1 
ATOM   1076 C  CB  . THR A 1 156 ? -0.155  -0.355  -10.287 1.00 25.18 ? 152  THR A CB  1 
ATOM   1077 O  OG1 . THR A 1 156 ? 1.175   -0.758  -10.020 1.00 25.19 ? 152  THR A OG1 1 
ATOM   1078 C  CG2 . THR A 1 156 ? -0.659  0.587   -9.177  1.00 26.83 ? 152  THR A CG2 1 
ATOM   1079 N  N   . ASP A 1 157 ? -0.047  -2.126  -12.680 1.00 26.27 ? 153  ASP A N   1 
ATOM   1080 C  CA  . ASP A 1 157 ? 0.829   -2.936  -13.567 1.00 28.28 ? 153  ASP A CA  1 
ATOM   1081 C  C   . ASP A 1 157 ? 2.248   -3.145  -13.067 1.00 28.29 ? 153  ASP A C   1 
ATOM   1082 O  O   . ASP A 1 157 ? 2.914   -4.108  -13.517 1.00 29.61 ? 153  ASP A O   1 
ATOM   1083 C  CB  . ASP A 1 157 ? 0.876   -2.383  -15.002 1.00 29.52 ? 153  ASP A CB  1 
ATOM   1084 C  CG  . ASP A 1 157 ? -0.397  -2.692  -15.783 1.00 34.97 ? 153  ASP A CG  1 
ATOM   1085 O  OD1 . ASP A 1 157 ? -1.063  -3.724  -15.496 1.00 38.98 ? 153  ASP A OD1 1 
ATOM   1086 O  OD2 . ASP A 1 157 ? -0.752  -1.889  -16.670 1.00 41.02 ? 153  ASP A OD2 1 
ATOM   1087 N  N   . SER A 1 158 ? 2.727   -2.277  -12.136 1.00 28.36 ? 154  SER A N   1 
ATOM   1088 C  CA  . SER A 1 158 ? 4.054   -2.467  -11.544 1.00 25.43 ? 154  SER A CA  1 
ATOM   1089 C  C   . SER A 1 158 ? 4.142   -3.662  -10.677 1.00 25.82 ? 154  SER A C   1 
ATOM   1090 O  O   . SER A 1 158 ? 5.151   -4.373  -10.732 1.00 25.17 ? 154  SER A O   1 
ATOM   1091 C  CB  . SER A 1 158 ? 4.521   -1.281  -10.724 1.00 23.18 ? 154  SER A CB  1 
ATOM   1092 O  OG  . SER A 1 158 ? 4.306   -0.158  -11.503 1.00 22.99 ? 154  SER A OG  1 
ATOM   1093 N  N   . GLY A 1 159 ? 3.077   -3.888  -9.888  1.00 26.11 ? 155  GLY A N   1 
ATOM   1094 C  CA  . GLY A 1 159 ? 3.043   -4.964  -8.938  1.00 24.52 ? 155  GLY A CA  1 
ATOM   1095 C  C   . GLY A 1 159 ? 2.009   -4.597  -7.886  1.00 23.13 ? 155  GLY A C   1 
ATOM   1096 O  O   . GLY A 1 159 ? 0.995   -3.970  -8.198  1.00 22.54 ? 155  GLY A O   1 
ATOM   1097 N  N   . ILE A 1 160 ? 2.303   -4.953  -6.623  1.00 22.26 ? 156  ILE A N   1 
ATOM   1098 C  CA  . ILE A 1 160 ? 1.331   -4.717  -5.505  1.00 21.54 ? 156  ILE A CA  1 
ATOM   1099 C  C   . ILE A 1 160 ? 2.057   -3.801  -4.531  1.00 20.68 ? 156  ILE A C   1 
ATOM   1100 O  O   . ILE A 1 160 ? 3.184   -4.096  -4.135  1.00 21.20 ? 156  ILE A O   1 
ATOM   1101 C  CB  . ILE A 1 160 ? 0.872   -6.030  -4.783  1.00 18.84 ? 156  ILE A CB  1 
ATOM   1102 C  CG1 . ILE A 1 160 ? 0.297   -7.040  -5.787  1.00 23.49 ? 156  ILE A CG1 1 
ATOM   1103 C  CG2 . ILE A 1 160 ? -0.248  -5.743  -3.761  1.00 20.74 ? 156  ILE A CG2 1 
ATOM   1104 C  CD1 . ILE A 1 160 ? 0.155   -8.493  -5.232  1.00 19.28 ? 156  ILE A CD1 1 
ATOM   1105 N  N   . HIS A 1 161 ? 1.388   -2.715  -4.199  1.00 19.78 ? 157  HIS A N   1 
ATOM   1106 C  CA  . HIS A 1 161 ? 1.887   -1.693  -3.272  1.00 20.19 ? 157  HIS A CA  1 
ATOM   1107 C  C   . HIS A 1 161 ? 1.139   -1.647  -1.927  1.00 19.59 ? 157  HIS A C   1 
ATOM   1108 O  O   . HIS A 1 161 ? -0.085  -2.030  -1.846  1.00 19.04 ? 157  HIS A O   1 
ATOM   1109 C  CB  . HIS A 1 161 ? 1.761   -0.298  -3.887  1.00 18.25 ? 157  HIS A CB  1 
ATOM   1110 C  CG  . HIS A 1 161 ? 2.067   -0.219  -5.349  1.00 23.15 ? 157  HIS A CG  1 
ATOM   1111 N  ND1 . HIS A 1 161 ? 3.137   0.502   -5.847  1.00 24.61 ? 157  HIS A ND1 1 
ATOM   1112 C  CD2 . HIS A 1 161 ? 1.390   -0.689  -6.433  1.00 23.77 ? 157  HIS A CD2 1 
ATOM   1113 C  CE1 . HIS A 1 161 ? 3.113   0.459   -7.171  1.00 26.05 ? 157  HIS A CE1 1 
ATOM   1114 N  NE2 . HIS A 1 161 ? 2.074   -0.273  -7.548  1.00 22.40 ? 157  HIS A NE2 1 
ATOM   1115 N  N   . ILE A 1 162 ? 1.906   -1.216  -0.911  1.00 18.11 ? 158  ILE A N   1 
ATOM   1116 C  CA  . ILE A 1 162 ? 1.428   -0.649  0.317   1.00 19.06 ? 158  ILE A CA  1 
ATOM   1117 C  C   . ILE A 1 162 ? 1.912   0.769   0.321   1.00 20.13 ? 158  ILE A C   1 
ATOM   1118 O  O   . ILE A 1 162 ? 3.123   1.031   0.139   1.00 20.89 ? 158  ILE A O   1 
ATOM   1119 C  CB  . ILE A 1 162 ? 2.058   -1.313  1.617   1.00 19.41 ? 158  ILE A CB  1 
ATOM   1120 C  CG1 . ILE A 1 162 ? 1.907   -2.812  1.571   1.00 18.30 ? 158  ILE A CG1 1 
ATOM   1121 C  CG2 . ILE A 1 162 ? 1.343   -0.770  2.813   1.00 19.17 ? 158  ILE A CG2 1 
ATOM   1122 C  CD1 . ILE A 1 162 ? 2.822   -3.634  2.551   1.00 22.73 ? 158  ILE A CD1 1 
ATOM   1123 N  N   . ILE A 1 163 ? 0.978   1.682   0.522   1.00 18.03 ? 159  ILE A N   1 
ATOM   1124 C  CA  . ILE A 1 163 ? 1.256   3.080   0.379   1.00 20.61 ? 159  ILE A CA  1 
ATOM   1125 C  C   . ILE A 1 163 ? 1.064   3.795   1.724   1.00 19.52 ? 159  ILE A C   1 
ATOM   1126 O  O   . ILE A 1 163 ? 0.098   3.530   2.424   1.00 20.30 ? 159  ILE A O   1 
ATOM   1127 C  CB  . ILE A 1 163 ? 0.287   3.756   -0.633  1.00 19.11 ? 159  ILE A CB  1 
ATOM   1128 C  CG1 . ILE A 1 163 ? 0.317   2.987   -1.969  1.00 23.15 ? 159  ILE A CG1 1 
ATOM   1129 C  CG2 . ILE A 1 163 ? 0.709   5.165   -0.850  1.00 16.50 ? 159  ILE A CG2 1 
ATOM   1130 C  CD1 . ILE A 1 163 ? -0.836  3.419   -3.015  1.00 18.75 ? 159  ILE A CD1 1 
ATOM   1131 N  N   . LEU A 1 164 ? 2.001   4.682   2.065   1.00 19.78 ? 160  LEU A N   1 
ATOM   1132 C  CA  . LEU A 1 164 ? 1.911   5.419   3.333   1.00 19.06 ? 160  LEU A CA  1 
ATOM   1133 C  C   . LEU A 1 164 ? 1.892   6.880   2.966   1.00 19.78 ? 160  LEU A C   1 
ATOM   1134 O  O   . LEU A 1 164 ? 2.759   7.388   2.212   1.00 20.36 ? 160  LEU A O   1 
ATOM   1135 C  CB  . LEU A 1 164 ? 3.081   5.068   4.279   1.00 18.31 ? 160  LEU A CB  1 
ATOM   1136 C  CG  . LEU A 1 164 ? 3.217   5.945   5.578   1.00 20.23 ? 160  LEU A CG  1 
ATOM   1137 C  CD1 . LEU A 1 164 ? 2.096   5.529   6.706   1.00 19.27 ? 160  LEU A CD1 1 
ATOM   1138 C  CD2 . LEU A 1 164 ? 4.579   5.849   6.204   1.00 23.57 ? 160  LEU A CD2 1 
ATOM   1139 N  N   . ARG A 1 165 ? 0.821   7.555   3.375   1.00 21.16 ? 161  ARG A N   1 
ATOM   1140 C  CA  . ARG A 1 165 ? 0.733   8.985   3.087   1.00 22.87 ? 161  ARG A CA  1 
ATOM   1141 C  C   . ARG A 1 165 ? 1.430   9.750   4.198   1.00 23.00 ? 161  ARG A C   1 
ATOM   1142 O  O   . ARG A 1 165 ? 1.061   9.632   5.387   1.00 24.21 ? 161  ARG A O   1 
ATOM   1143 C  CB  . ARG A 1 165 ? -0.699  9.484   2.871   1.00 20.45 ? 161  ARG A CB  1 
ATOM   1144 C  CG  . ARG A 1 165 ? -0.558  10.947  2.416   1.00 23.47 ? 161  ARG A CG  1 
ATOM   1145 C  CD  . ARG A 1 165 ? -1.909  11.597  2.331   1.00 24.24 ? 161  ARG A CD  1 
ATOM   1146 N  NE  . ARG A 1 165 ? -1.790  13.040  2.212   1.00 30.05 ? 161  ARG A NE  1 
ATOM   1147 C  CZ  . ARG A 1 165 ? -2.834  13.868  2.269   1.00 32.92 ? 161  ARG A CZ  1 
ATOM   1148 N  NH1 . ARG A 1 165 ? -4.079  13.380  2.426   1.00 32.01 ? 161  ARG A NH1 1 
ATOM   1149 N  NH2 . ARG A 1 165 ? -2.636  15.198  2.162   1.00 36.16 ? 161  ARG A NH2 1 
ATOM   1150 N  N   . THR A 1 166 ? 2.479   10.470  3.847   1.00 23.92 ? 162  THR A N   1 
ATOM   1151 C  CA  . THR A 1 166 ? 3.231   11.183  4.887   1.00 25.75 ? 162  THR A CA  1 
ATOM   1152 C  C   . THR A 1 166 ? 2.963   12.702  4.955   1.00 27.63 ? 162  THR A C   1 
ATOM   1153 O  O   . THR A 1 166 ? 3.333   13.320  5.932   1.00 29.78 ? 162  THR A O   1 
ATOM   1154 C  CB  . THR A 1 166 ? 4.754   10.997  4.682   1.00 25.20 ? 162  THR A CB  1 
ATOM   1155 O  OG1 . THR A 1 166 ? 5.104   11.546  3.391   1.00 26.94 ? 162  THR A OG1 1 
ATOM   1156 C  CG2 . THR A 1 166 ? 5.126   9.554   4.805   1.00 23.45 ? 162  THR A CG2 1 
ATOM   1157 N  N   . GLU A 1 167 ? 2.372   13.306  3.921   1.00 28.16 ? 163  GLU A N   1 
ATOM   1158 C  CA  . GLU A 1 167 ? 2.090   14.736  3.894   1.00 27.86 ? 163  GLU A CA  1 
ATOM   1159 C  C   . GLU A 1 167 ? 0.991   14.962  2.894   1.00 27.70 ? 163  GLU A C   1 
ATOM   1160 O  O   . GLU A 1 167 ? 0.744   14.104  2.012   1.00 28.66 ? 163  GLU A O   1 
ATOM   1161 C  CB  . GLU A 1 167 ? 3.303   15.539  3.424   1.00 29.44 ? 163  GLU A CB  1 
ATOM   1162 C  CG  . GLU A 1 167 ? 4.508   15.631  4.373   1.00 29.78 ? 163  GLU A CG  1 
ATOM   1163 C  CD  . GLU A 1 167 ? 5.701   16.354  3.686   1.00 34.92 ? 163  GLU A CD  1 
ATOM   1164 O  OE1 . GLU A 1 167 ? 5.496   17.006  2.632   1.00 38.84 ? 163  GLU A OE1 1 
ATOM   1165 O  OE2 . GLU A 1 167 ? 6.827   16.270  4.196   1.00 38.86 ? 163  GLU A OE2 1 
ATOM   1166 O  OXT . GLU A 1 167 ? 0.342   16.009  2.926   1.00 25.65 ? 163  GLU A OXT 1 
HETATM 1167 C  C35 . 12P B 2 .   ? -5.359  0.449   9.041   1.00 39.79 ? 1164 12P A C35 1 
HETATM 1168 O  O34 . 12P B 2 .   ? -5.211  1.041   7.731   1.00 41.91 ? 1164 12P A O34 1 
HETATM 1169 C  C33 . 12P B 2 .   ? -4.561  0.171   6.792   1.00 32.79 ? 1164 12P A C33 1 
HETATM 1170 C  C32 . 12P B 2 .   ? -5.311  -1.146  6.580   1.00 20.89 ? 1164 12P A C32 1 
HETATM 1171 O  O31 . 12P B 2 .   ? -4.580  -1.942  5.625   1.00 28.85 ? 1164 12P A O31 1 
HETATM 1172 C  C30 . 12P B 2 .   ? -5.237  -3.190  5.404   1.00 23.61 ? 1164 12P A C30 1 
HETATM 1173 C  C29 . 12P B 2 .   ? -4.868  -4.045  6.589   1.00 12.74 ? 1164 12P A C29 1 
HETATM 1174 O  O28 . 12P B 2 .   ? -5.491  -5.322  6.541   1.00 28.07 ? 1164 12P A O28 1 
HETATM 1175 C  C27 . 12P B 2 .   ? -5.051  -6.117  7.692   1.00 21.87 ? 1164 12P A C27 1 
HETATM 1176 C  C26 . 12P B 2 .   ? -5.524  -5.463  8.958   1.00 17.29 ? 1164 12P A C26 1 
HETATM 1177 O  O25 . 12P B 2 .   ? -5.675  -6.398  10.034  1.00 28.40 ? 1164 12P A O25 1 
HETATM 1178 C  C24 . 12P B 2 .   ? -6.203  -5.703  11.180  1.00 23.63 ? 1164 12P A C24 1 
HETATM 1179 C  C23 . 12P B 2 .   ? -7.643  -5.469  10.831  1.00 20.32 ? 1164 12P A C23 1 
HETATM 1180 O  O22 . 12P B 2 .   ? -8.307  -4.686  11.794  1.00 25.76 ? 1164 12P A O22 1 
HETATM 1181 C  C21 . 12P B 2 .   ? -9.739  -4.622  11.533  1.00 23.91 ? 1164 12P A C21 1 
HETATM 1182 C  C20 . 12P B 2 .   ? -10.202 -5.934  10.946  1.00 23.01 ? 1164 12P A C20 1 
HETATM 1183 O  O19 . 12P B 2 .   ? -11.568 -5.748  10.657  1.00 29.50 ? 1164 12P A O19 1 
HETATM 1184 C  C18 . 12P B 2 .   ? -11.997 -6.973  10.033  1.00 29.08 ? 1164 12P A C18 1 
HETATM 1185 C  C17 . 12P B 2 .   ? -11.365 -6.977  8.670   1.00 28.00 ? 1164 12P A C17 1 
HETATM 1186 O  O16 . 12P B 2 .   ? -11.577 -8.191  7.946   1.00 38.52 ? 1164 12P A O16 1 
HETATM 1187 C  C15 . 12P B 2 .   ? -11.344 -8.097  6.492   1.00 34.70 ? 1164 12P A C15 1 
HETATM 1188 C  C14 . 12P B 2 .   ? -9.926  -8.177  5.976   1.00 32.67 ? 1164 12P A C14 1 
HETATM 1189 O  O14 . 4G2 C 3 .   ? 7.272   -1.056  -12.836 1.00 30.82 ? 1165 4G2 A O14 1 
HETATM 1190 C  C12 . 4G2 C 3 .   ? 8.263   -0.703  -12.199 1.00 28.51 ? 1165 4G2 A C12 1 
HETATM 1191 O  O13 . 4G2 C 3 .   ? 9.362   -1.119  -12.560 1.00 29.04 ? 1165 4G2 A O13 1 
HETATM 1192 C  C10 . 4G2 C 3 .   ? 8.092   0.300   -11.037 1.00 29.17 ? 1165 4G2 A C10 1 
HETATM 1193 C  C9  . 4G2 C 3 .   ? 9.041   0.713   -10.101 1.00 28.23 ? 1165 4G2 A C9  1 
HETATM 1194 N  N8  . 4G2 C 3 .   ? 8.427   1.595   -9.325  1.00 28.55 ? 1165 4G2 A N8  1 
HETATM 1195 C  C7  . 4G2 C 3 .   ? 7.168   1.777   -9.761  1.00 31.02 ? 1165 4G2 A C7  1 
HETATM 1196 N  N11 . 4G2 C 3 .   ? 6.949   0.996   -10.828 1.00 28.48 ? 1165 4G2 A N11 1 
HETATM 1197 C  C6  . 4G2 C 3 .   ? 6.260   2.654   -9.211  1.00 30.26 ? 1165 4G2 A C6  1 
HETATM 1198 C  C1  . 4G2 C 3 .   ? 4.953   2.577   -9.613  1.00 33.14 ? 1165 4G2 A C1  1 
HETATM 1199 C  C2  . 4G2 C 3 .   ? 4.028   3.500   -9.059  1.00 33.68 ? 1165 4G2 A C2  1 
HETATM 1200 C  C3  . 4G2 C 3 .   ? 4.430   4.475   -8.120  1.00 34.96 ? 1165 4G2 A C3  1 
HETATM 1201 C  C4  . 4G2 C 3 .   ? 5.780   4.573   -7.757  1.00 33.25 ? 1165 4G2 A C4  1 
HETATM 1202 C  C5  . 4G2 C 3 .   ? 6.685   3.648   -8.319  1.00 30.39 ? 1165 4G2 A C5  1 
HETATM 1203 CL CL1 . 4G2 C 3 .   ? 2.365   3.417   -9.544  1.00 31.96 ? 1165 4G2 A CL1 1 
HETATM 1204 C  C15 . 4G2 C 3 .   ? 10.507  0.254   -9.924  1.00 34.25 ? 1165 4G2 A C15 1 
HETATM 1205 O  O   . HOH D 4 .   ? -9.110  -8.492  11.519  1.00 26.38 ? 2001 HOH A O   1 
HETATM 1206 O  O   . HOH D 4 .   ? -7.482  -8.745  5.608   1.00 38.11 ? 2002 HOH A O   1 
HETATM 1207 O  O   . HOH D 4 .   ? -21.887 7.070   6.077   1.00 42.78 ? 2003 HOH A O   1 
HETATM 1208 O  O   . HOH D 4 .   ? -17.630 11.399  1.765   1.00 42.95 ? 2004 HOH A O   1 
HETATM 1209 O  O   . HOH D 4 .   ? -17.160 7.889   -1.743  1.00 43.08 ? 2005 HOH A O   1 
HETATM 1210 O  O   . HOH D 4 .   ? -17.288 10.062  -0.930  1.00 46.47 ? 2006 HOH A O   1 
HETATM 1211 O  O   . HOH D 4 .   ? -17.877 5.010   -1.004  1.00 38.04 ? 2007 HOH A O   1 
HETATM 1212 O  O   . HOH D 4 .   ? -12.350 -9.401  2.593   1.00 48.60 ? 2008 HOH A O   1 
HETATM 1213 O  O   . HOH D 4 .   ? -11.647 -10.258 -1.005  1.00 45.50 ? 2009 HOH A O   1 
HETATM 1214 O  O   . HOH D 4 .   ? -10.223 -8.880  1.722   1.00 47.79 ? 2010 HOH A O   1 
HETATM 1215 O  O   . HOH D 4 .   ? -22.802 -3.277  8.389   1.00 49.59 ? 2011 HOH A O   1 
HETATM 1216 O  O   . HOH D 4 .   ? -9.319  -3.979  18.321  1.00 24.16 ? 2012 HOH A O   1 
HETATM 1217 O  O   . HOH D 4 .   ? -17.792 0.196   16.007  1.00 41.25 ? 2013 HOH A O   1 
HETATM 1218 O  O   . HOH D 4 .   ? -14.503 -10.359 7.375   1.00 29.09 ? 2014 HOH A O   1 
HETATM 1219 O  O   . HOH D 4 .   ? -5.938  -6.570  3.118   1.00 33.06 ? 2015 HOH A O   1 
HETATM 1220 O  O   . HOH D 4 .   ? -9.587  -5.912  1.798   1.00 45.76 ? 2016 HOH A O   1 
HETATM 1221 O  O   . HOH D 4 .   ? -6.727  -2.803  15.425  1.00 35.19 ? 2017 HOH A O   1 
HETATM 1222 O  O   . HOH D 4 .   ? -5.373  1.113   11.413  1.00 45.82 ? 2018 HOH A O   1 
HETATM 1223 O  O   . HOH D 4 .   ? -8.087  -12.442 -8.254  1.00 29.20 ? 2019 HOH A O   1 
HETATM 1224 O  O   . HOH D 4 .   ? -23.065 -9.506  13.636  1.00 41.96 ? 2020 HOH A O   1 
HETATM 1225 O  O   . HOH D 4 .   ? -14.588 -2.431  17.191  1.00 27.43 ? 2021 HOH A O   1 
HETATM 1226 O  O   . HOH D 4 .   ? -11.226 -5.432  18.137  1.00 44.54 ? 2022 HOH A O   1 
HETATM 1227 O  O   . HOH D 4 .   ? -10.602 -7.745  17.311  1.00 27.23 ? 2023 HOH A O   1 
HETATM 1228 O  O   . HOH D 4 .   ? -13.003 -8.917  16.406  1.00 43.69 ? 2024 HOH A O   1 
HETATM 1229 O  O   . HOH D 4 .   ? -20.101 -4.071  16.061  1.00 45.03 ? 2025 HOH A O   1 
HETATM 1230 O  O   . HOH D 4 .   ? -16.007 -1.404  15.132  1.00 27.14 ? 2026 HOH A O   1 
HETATM 1231 O  O   . HOH D 4 .   ? -18.495 2.385   15.177  1.00 39.33 ? 2027 HOH A O   1 
HETATM 1232 O  O   . HOH D 4 .   ? -11.033 2.154   -6.486  1.00 46.42 ? 2028 HOH A O   1 
HETATM 1233 O  O   . HOH D 4 .   ? -11.061 -2.069  -3.588  1.00 25.70 ? 2029 HOH A O   1 
HETATM 1234 O  O   . HOH D 4 .   ? -7.230  2.752   -5.912  1.00 26.88 ? 2030 HOH A O   1 
HETATM 1235 O  O   . HOH D 4 .   ? 9.176   6.599   -9.000  1.00 36.34 ? 2031 HOH A O   1 
HETATM 1236 O  O   . HOH D 4 .   ? -7.999  4.532   3.592   1.00 22.93 ? 2032 HOH A O   1 
HETATM 1237 O  O   . HOH D 4 .   ? -8.113  -4.415  3.869   1.00 23.29 ? 2033 HOH A O   1 
HETATM 1238 O  O   . HOH D 4 .   ? -8.757  -6.047  8.280   1.00 26.90 ? 2034 HOH A O   1 
HETATM 1239 O  O   . HOH D 4 .   ? -6.816  4.587   8.297   1.00 35.05 ? 2035 HOH A O   1 
HETATM 1240 O  O   . HOH D 4 .   ? 10.735  -15.387 -5.534  1.00 47.47 ? 2036 HOH A O   1 
HETATM 1241 O  O   . HOH D 4 .   ? 6.692   -16.208 -1.662  1.00 42.60 ? 2037 HOH A O   1 
HETATM 1242 O  O   . HOH D 4 .   ? -8.181  -1.512  13.679  1.00 28.94 ? 2038 HOH A O   1 
HETATM 1243 O  O   . HOH D 4 .   ? -7.369  2.976   13.146  0.50 32.04 ? 2039 HOH A O   1 
HETATM 1244 O  O   . HOH D 4 .   ? -8.445  1.466   18.779  1.00 28.93 ? 2040 HOH A O   1 
HETATM 1245 O  O   . HOH D 4 .   ? -10.436 -1.484  17.938  1.00 26.55 ? 2041 HOH A O   1 
HETATM 1246 O  O   . HOH D 4 .   ? -6.758  -15.370 -6.606  1.00 37.96 ? 2042 HOH A O   1 
HETATM 1247 O  O   . HOH D 4 .   ? -21.742 4.621   8.767   1.00 48.77 ? 2043 HOH A O   1 
HETATM 1248 O  O   . HOH D 4 .   ? -6.425  -6.338  -1.063  1.00 34.90 ? 2044 HOH A O   1 
HETATM 1249 O  O   . HOH D 4 .   ? 9.229   -9.491  7.145   1.00 45.23 ? 2045 HOH A O   1 
HETATM 1250 O  O   . HOH D 4 .   ? -3.622  17.016  -7.660  1.00 33.16 ? 2046 HOH A O   1 
HETATM 1251 O  O   . HOH D 4 .   ? 7.908   10.467  7.020   1.00 38.55 ? 2047 HOH A O   1 
HETATM 1252 O  O   . HOH D 4 .   ? 0.043   17.571  0.829   1.00 41.26 ? 2048 HOH A O   1 
HETATM 1253 O  O   . HOH D 4 .   ? 9.458   6.605   3.859   1.00 25.93 ? 2049 HOH A O   1 
HETATM 1254 O  O   . HOH D 4 .   ? 8.631   10.933  4.373   1.00 28.70 ? 2050 HOH A O   1 
HETATM 1255 O  O   . HOH D 4 .   ? -3.834  8.271   -15.498 1.00 40.86 ? 2051 HOH A O   1 
HETATM 1256 O  O   . HOH D 4 .   ? 6.456   4.970   -11.812 1.00 49.01 ? 2052 HOH A O   1 
HETATM 1257 O  O   . HOH D 4 .   ? -10.470 10.810  -2.657  1.00 38.43 ? 2053 HOH A O   1 
HETATM 1258 O  O   . HOH D 4 .   ? -4.430  -0.390  -13.749 1.00 36.34 ? 2054 HOH A O   1 
HETATM 1259 O  O   . HOH D 4 .   ? 15.930  -3.819  -12.657 1.00 52.22 ? 2055 HOH A O   1 
HETATM 1260 O  O   . HOH D 4 .   ? -6.927  18.585  2.566   1.00 50.60 ? 2056 HOH A O   1 
HETATM 1261 O  O   . HOH D 4 .   ? 14.382  -1.799  -8.812  1.00 44.99 ? 2057 HOH A O   1 
HETATM 1262 O  O   . HOH D 4 .   ? 14.014  -11.039 -3.818  1.00 32.97 ? 2058 HOH A O   1 
HETATM 1263 O  O   . HOH D 4 .   ? 16.545  -10.540 -3.262  1.00 41.61 ? 2059 HOH A O   1 
HETATM 1264 O  O   . HOH D 4 .   ? 19.434  -11.657 -9.169  1.00 45.99 ? 2060 HOH A O   1 
HETATM 1265 O  O   . HOH D 4 .   ? 22.756  -8.938  -16.019 1.00 33.30 ? 2061 HOH A O   1 
HETATM 1266 O  O   . HOH D 4 .   ? 18.596  -8.153  -16.606 1.00 43.23 ? 2062 HOH A O   1 
HETATM 1267 O  O   . HOH D 4 .   ? 21.221  -11.876 -11.393 1.00 45.30 ? 2063 HOH A O   1 
HETATM 1268 O  O   . HOH D 4 .   ? 15.066  -15.488 -9.976  1.00 60.29 ? 2064 HOH A O   1 
HETATM 1269 O  O   . HOH D 4 .   ? 17.151  -13.552 -10.612 1.00 34.86 ? 2065 HOH A O   1 
HETATM 1270 O  O   . HOH D 4 .   ? 10.370  -13.869 -7.304  1.00 31.92 ? 2066 HOH A O   1 
HETATM 1271 O  O   . HOH D 4 .   ? 10.979  -11.732 -0.874  1.00 31.34 ? 2067 HOH A O   1 
HETATM 1272 O  O   . HOH D 4 .   ? 12.321  -9.617  -5.159  1.00 23.19 ? 2068 HOH A O   1 
HETATM 1273 O  O   . HOH D 4 .   ? 9.397   -14.442 -3.074  1.00 40.21 ? 2069 HOH A O   1 
HETATM 1274 O  O   . HOH D 4 .   ? 0.846   -18.971 -6.586  1.00 37.46 ? 2070 HOH A O   1 
HETATM 1275 O  O   . HOH D 4 .   ? -5.170  -12.353 -10.860 1.00 38.58 ? 2071 HOH A O   1 
HETATM 1276 O  O   . HOH D 4 .   ? 1.289   -13.977 -11.607 1.00 39.22 ? 2072 HOH A O   1 
HETATM 1277 O  O   . HOH D 4 .   ? -2.312  -8.988  -14.085 1.00 57.63 ? 2073 HOH A O   1 
HETATM 1278 O  O   . HOH D 4 .   ? -3.947  -12.236 -6.545  1.00 27.90 ? 2074 HOH A O   1 
HETATM 1279 O  O   . HOH D 4 .   ? -1.510  -15.499 -8.876  1.00 32.96 ? 2075 HOH A O   1 
HETATM 1280 O  O   . HOH D 4 .   ? -4.291  -15.900 -4.190  1.00 51.50 ? 2076 HOH A O   1 
HETATM 1281 O  O   . HOH D 4 .   ? -2.248  -14.588 -1.725  1.00 38.31 ? 2077 HOH A O   1 
HETATM 1282 O  O   . HOH D 4 .   ? 4.445   -15.533 -0.725  1.00 32.41 ? 2078 HOH A O   1 
HETATM 1283 O  O   . HOH D 4 .   ? 0.743   -13.527 4.183   1.00 40.16 ? 2079 HOH A O   1 
HETATM 1284 O  O   . HOH D 4 .   ? 4.539   -13.338 4.342   1.00 32.32 ? 2080 HOH A O   1 
HETATM 1285 O  O   . HOH D 4 .   ? 5.560   -11.077 4.252   1.00 27.76 ? 2081 HOH A O   1 
HETATM 1286 O  O   . HOH D 4 .   ? -5.617  -9.302  0.691   1.00 38.38 ? 2082 HOH A O   1 
HETATM 1287 O  O   . HOH D 4 .   ? -2.714  -7.995  6.252   1.00 25.76 ? 2083 HOH A O   1 
HETATM 1288 O  O   . HOH D 4 .   ? -3.593  -7.184  3.991   1.00 34.28 ? 2084 HOH A O   1 
HETATM 1289 O  O   . HOH D 4 .   ? 8.991   -9.448  -0.800  1.00 27.58 ? 2085 HOH A O   1 
HETATM 1290 O  O   . HOH D 4 .   ? 10.267  -10.914 2.868   1.00 32.41 ? 2086 HOH A O   1 
HETATM 1291 O  O   . HOH D 4 .   ? 4.352   -11.360 8.661   1.00 37.85 ? 2087 HOH A O   1 
HETATM 1292 O  O   . HOH D 4 .   ? 6.523   -10.404 6.947   1.00 31.61 ? 2088 HOH A O   1 
HETATM 1293 O  O   . HOH D 4 .   ? 4.336   0.109   12.567  1.00 24.34 ? 2089 HOH A O   1 
HETATM 1294 O  O   . HOH D 4 .   ? -2.034  -1.302  13.994  1.00 27.87 ? 2090 HOH A O   1 
HETATM 1295 O  O   . HOH D 4 .   ? -6.436  -1.582  11.587  1.00 28.78 ? 2091 HOH A O   1 
HETATM 1296 O  O   . HOH D 4 .   ? 2.502   -10.390 12.434  1.00 33.56 ? 2092 HOH A O   1 
HETATM 1297 O  O   . HOH D 4 .   ? 10.007  -9.034  11.602  1.00 45.44 ? 2093 HOH A O   1 
HETATM 1298 O  O   . HOH D 4 .   ? 13.201  0.621   12.250  1.00 40.64 ? 2094 HOH A O   1 
HETATM 1299 O  O   . HOH D 4 .   ? 9.020   7.915   6.903   1.00 44.94 ? 2095 HOH A O   1 
HETATM 1300 O  O   . HOH D 4 .   ? 16.371  3.357   2.940   1.00 28.45 ? 2096 HOH A O   1 
HETATM 1301 O  O   . HOH D 4 .   ? 17.449  -0.802  0.284   1.00 24.14 ? 2097 HOH A O   1 
HETATM 1302 O  O   . HOH D 4 .   ? 14.608  2.151   6.735   1.00 32.95 ? 2098 HOH A O   1 
HETATM 1303 O  O   . HOH D 4 .   ? 16.726  -8.013  5.024   1.00 31.37 ? 2099 HOH A O   1 
HETATM 1304 O  O   . HOH D 4 .   ? 9.853   -7.827  -2.785  1.00 24.97 ? 2100 HOH A O   1 
HETATM 1305 O  O   . HOH D 4 .   ? 9.944   1.357   -2.084  1.00 18.77 ? 2101 HOH A O   1 
HETATM 1306 O  O   . HOH D 4 .   ? 14.451  5.114   -10.793 1.00 48.03 ? 2102 HOH A O   1 
HETATM 1307 O  O   . HOH D 4 .   ? 17.022  4.801   -9.740  1.00 49.03 ? 2103 HOH A O   1 
HETATM 1308 O  O   . HOH D 4 .   ? 15.505  7.096   -4.982  1.00 41.42 ? 2104 HOH A O   1 
HETATM 1309 O  O   . HOH D 4 .   ? 10.548  4.722   -9.566  1.00 40.34 ? 2105 HOH A O   1 
HETATM 1310 O  O   . HOH D 4 .   ? 13.278  1.146   -11.319 1.00 40.64 ? 2106 HOH A O   1 
HETATM 1311 O  O   . HOH D 4 .   ? 18.246  6.801   2.515   1.00 23.61 ? 2107 HOH A O   1 
HETATM 1312 O  O   . HOH D 4 .   ? 17.546  5.656   4.842   1.00 31.88 ? 2108 HOH A O   1 
HETATM 1313 O  O   . HOH D 4 .   ? 12.600  5.677   9.144   1.00 49.38 ? 2109 HOH A O   1 
HETATM 1314 O  O   . HOH D 4 .   ? 7.178   10.060  2.162   1.00 25.54 ? 2110 HOH A O   1 
HETATM 1315 O  O   . HOH D 4 .   ? 13.338  10.760  -0.903  1.00 46.80 ? 2111 HOH A O   1 
HETATM 1316 O  O   . HOH D 4 .   ? 8.917   8.641   -8.347  1.00 34.81 ? 2112 HOH A O   1 
HETATM 1317 O  O   . HOH D 4 .   ? 6.187   11.573  -10.929 1.00 43.06 ? 2113 HOH A O   1 
HETATM 1318 O  O   . HOH D 4 .   ? -0.571  10.954  -9.846  1.00 32.31 ? 2114 HOH A O   1 
HETATM 1319 O  O   . HOH D 4 .   ? -2.733  9.289   -13.280 1.00 34.67 ? 2115 HOH A O   1 
HETATM 1320 O  O   . HOH D 4 .   ? 3.554   4.990   -12.161 1.00 41.56 ? 2116 HOH A O   1 
HETATM 1321 O  O   . HOH D 4 .   ? -2.907  4.552   -14.781 1.00 35.13 ? 2117 HOH A O   1 
HETATM 1322 O  O   . HOH D 4 .   ? -9.190  9.165   -10.542 1.00 40.03 ? 2118 HOH A O   1 
HETATM 1323 O  O   . HOH D 4 .   ? -8.717  9.282   -4.582  1.00 30.79 ? 2119 HOH A O   1 
HETATM 1324 O  O   . HOH D 4 .   ? -10.780 9.459   2.099   1.00 30.28 ? 2120 HOH A O   1 
HETATM 1325 O  O   . HOH D 4 .   ? -10.099 11.941  1.723   1.00 35.52 ? 2121 HOH A O   1 
HETATM 1326 O  O   . HOH D 4 .   ? -5.118  14.942  5.952   1.00 39.62 ? 2122 HOH A O   1 
HETATM 1327 O  O   . HOH D 4 .   ? -8.462  7.221   4.155   1.00 23.36 ? 2123 HOH A O   1 
HETATM 1328 O  O   . HOH D 4 .   ? -5.973  4.072   5.527   1.00 28.39 ? 2124 HOH A O   1 
HETATM 1329 O  O   . HOH D 4 .   ? -6.062  -1.570  -8.901  1.00 26.58 ? 2125 HOH A O   1 
HETATM 1330 O  O   . HOH D 4 .   ? -3.411  -2.672  -12.959 1.00 52.70 ? 2126 HOH A O   1 
HETATM 1331 O  O   . HOH D 4 .   ? -1.636  0.569   -13.210 1.00 37.92 ? 2127 HOH A O   1 
HETATM 1332 O  O   . HOH D 4 .   ? 2.713   1.224   -13.248 1.00 31.86 ? 2128 HOH A O   1 
HETATM 1333 O  O   . HOH D 4 .   ? -0.174  -6.084  -9.642  1.00 33.03 ? 2129 HOH A O   1 
HETATM 1334 O  O   . HOH D 4 .   ? -4.532  17.586  2.636   1.00 43.61 ? 2130 HOH A O   1 
HETATM 1335 O  O   . HOH D 4 .   ? -6.212  15.418  3.420   1.00 44.13 ? 2131 HOH A O   1 
HETATM 1336 O  O   . HOH D 4 .   ? 3.128   9.161   7.728   1.00 49.44 ? 2132 HOH A O   1 
HETATM 1337 O  O   . HOH D 4 .   ? 8.940   18.167  4.369   1.00 41.18 ? 2133 HOH A O   1 
HETATM 1338 O  O   . HOH D 4 .   ? 3.161   17.752  0.252   1.00 42.18 ? 2134 HOH A O   1 
HETATM 1339 O  O   . HOH D 4 .   ? -7.759  -8.894  8.967   1.00 36.75 ? 2135 HOH A O   1 
HETATM 1340 O  O   . HOH D 4 .   ? 6.905   -3.816  -13.075 1.00 30.16 ? 2136 HOH A O   1 
# 
loop_
_pdbx_poly_seq_scheme.asym_id 
_pdbx_poly_seq_scheme.entity_id 
_pdbx_poly_seq_scheme.seq_id 
_pdbx_poly_seq_scheme.mon_id 
_pdbx_poly_seq_scheme.ndb_seq_num 
_pdbx_poly_seq_scheme.pdb_seq_num 
_pdbx_poly_seq_scheme.auth_seq_num 
_pdbx_poly_seq_scheme.pdb_mon_id 
_pdbx_poly_seq_scheme.auth_mon_id 
_pdbx_poly_seq_scheme.pdb_strand_id 
_pdbx_poly_seq_scheme.pdb_ins_code 
_pdbx_poly_seq_scheme.hetero 
A 1 1   GLY 1   -3  ?   ?   ?   A . n 
A 1 2   SER 2   -2  ?   ?   ?   A . n 
A 1 3   HIS 3   -1  ?   ?   ?   A . n 
A 1 4   GLY 4   0   ?   ?   ?   A . n 
A 1 5   MET 5   1   ?   ?   ?   A . n 
A 1 6   ALA 6   2   ?   ?   ?   A . n 
A 1 7   ASP 7   3   ?   ?   ?   A . n 
A 1 8   GLU 8   4   ?   ?   ?   A . n 
A 1 9   GLU 9   5   ?   ?   ?   A . n 
A 1 10  LYS 10  6   ?   ?   ?   A . n 
A 1 11  LEU 11  7   7   LEU LEU A . n 
A 1 12  PRO 12  8   8   PRO PRO A . n 
A 1 13  PRO 13  9   9   PRO PRO A . n 
A 1 14  GLY 14  10  10  GLY GLY A . n 
A 1 15  TRP 15  11  11  TRP TRP A . n 
A 1 16  GLU 16  12  12  GLU GLU A . n 
A 1 17  LYS 17  13  13  LYS LYS A . n 
A 1 18  ALA 18  14  14  ALA ALA A . n 
A 1 19  MET 19  15  15  MET MET A . n 
A 1 20  SER 20  16  16  SER SER A . n 
A 1 21  ARG 21  17  17  ARG ARG A . n 
A 1 22  SER 22  18  18  SER SER A . n 
A 1 23  SER 23  19  19  SER SER A . n 
A 1 24  GLY 24  20  20  GLY GLY A . n 
A 1 25  ARG 25  21  21  ARG ARG A . n 
A 1 26  VAL 26  22  22  VAL VAL A . n 
A 1 27  TYR 27  23  23  TYR TYR A . n 
A 1 28  TYR 28  24  24  TYR TYR A . n 
A 1 29  PHE 29  25  25  PHE PHE A . n 
A 1 30  ASN 30  26  26  ASN ASN A . n 
A 1 31  HIS 31  27  27  HIS HIS A . n 
A 1 32  ILE 32  28  28  ILE ILE A . n 
A 1 33  THR 33  29  29  THR THR A . n 
A 1 34  ASN 34  30  30  ASN ASN A . n 
A 1 35  ALA 35  31  31  ALA ALA A . n 
A 1 36  SER 36  32  32  SER SER A . n 
A 1 37  GLN 37  33  33  GLN GLN A . n 
A 1 38  TRP 38  34  34  TRP TRP A . n 
A 1 39  GLU 39  35  35  GLU GLU A . n 
A 1 40  ARG 40  36  36  ARG ARG A . n 
A 1 41  PRO 41  37  37  PRO PRO A . n 
A 1 42  SER 42  38  38  SER SER A . n 
A 1 43  GLY 43  39  ?   ?   ?   A . n 
A 1 44  ASN 44  40  ?   ?   ?   A . n 
A 1 45  SER 45  41  ?   ?   ?   A . n 
A 1 46  SER 46  42  ?   ?   ?   A . n 
A 1 47  SER 47  43  ?   ?   ?   A . n 
A 1 48  GLY 48  44  ?   ?   ?   A . n 
A 1 49  GLY 49  45  ?   ?   ?   A . n 
A 1 50  LYS 50  46  ?   ?   ?   A . n 
A 1 51  ASN 51  47  ?   ?   ?   A . n 
A 1 52  GLY 52  48  ?   ?   ?   A . n 
A 1 53  GLN 53  49  ?   ?   ?   A . n 
A 1 54  GLY 54  50  ?   ?   ?   A . n 
A 1 55  GLU 55  51  51  GLU GLU A . n 
A 1 56  PRO 56  52  52  PRO PRO A . n 
A 1 57  ALA 57  53  53  ALA ALA A . n 
A 1 58  ARG 58  54  54  ARG ARG A . n 
A 1 59  VAL 59  55  55  VAL VAL A . n 
A 1 60  ARG 60  56  56  ARG ARG A . n 
A 1 61  CYS 61  57  57  CYS CYS A . n 
A 1 62  SER 62  58  58  SER SER A . n 
A 1 63  HIS 63  59  59  HIS HIS A . n 
A 1 64  LEU 64  60  60  LEU LEU A . n 
A 1 65  LEU 65  61  61  LEU LEU A . n 
A 1 66  VAL 66  62  62  VAL VAL A . n 
A 1 67  LYS 67  63  63  LYS LYS A . n 
A 1 68  HIS 68  64  64  HIS HIS A . n 
A 1 69  SER 69  65  65  SER SER A . n 
A 1 70  GLN 70  66  66  GLN GLN A . n 
A 1 71  SER 71  67  67  SER SER A . n 
A 1 72  ARG 72  68  68  ARG ARG A . n 
A 1 73  ARG 73  69  69  ARG ARG A . n 
A 1 74  PRO 74  70  70  PRO PRO A . n 
A 1 75  SER 75  71  71  SER SER A . n 
A 1 76  SER 76  72  72  SER SER A . n 
A 1 77  TRP 77  73  73  TRP TRP A . n 
A 1 78  ARG 78  74  74  ARG ARG A . n 
A 1 79  GLN 79  75  75  GLN GLN A . n 
A 1 80  GLU 80  76  76  GLU GLU A . n 
A 1 81  LYS 81  77  77  LYS LYS A . n 
A 1 82  ILE 82  78  78  ILE ILE A . n 
A 1 83  THR 83  79  79  THR THR A . n 
A 1 84  ARG 84  80  80  ARG ARG A . n 
A 1 85  THR 85  81  81  THR THR A . n 
A 1 86  LYS 86  82  82  LYS LYS A . n 
A 1 87  GLU 87  83  83  GLU GLU A . n 
A 1 88  GLU 88  84  84  GLU GLU A . n 
A 1 89  ALA 89  85  85  ALA ALA A . n 
A 1 90  LEU 90  86  86  LEU LEU A . n 
A 1 91  GLU 91  87  87  GLU GLU A . n 
A 1 92  LEU 92  88  88  LEU LEU A . n 
A 1 93  ILE 93  89  89  ILE ILE A . n 
A 1 94  ASN 94  90  90  ASN ASN A . n 
A 1 95  GLY 95  91  91  GLY GLY A . n 
A 1 96  TYR 96  92  92  TYR TYR A . n 
A 1 97  ILE 97  93  93  ILE ILE A . n 
A 1 98  GLN 98  94  94  GLN GLN A . n 
A 1 99  LYS 99  95  95  LYS LYS A . n 
A 1 100 ILE 100 96  96  ILE ILE A . n 
A 1 101 LYS 101 97  97  LYS LYS A . n 
A 1 102 SER 102 98  98  SER SER A . n 
A 1 103 GLY 103 99  99  GLY GLY A . n 
A 1 104 GLU 104 100 100 GLU GLU A . n 
A 1 105 GLU 105 101 101 GLU GLU A . n 
A 1 106 ASP 106 102 102 ASP ASP A . n 
A 1 107 PHE 107 103 103 PHE PHE A . n 
A 1 108 GLU 108 104 104 GLU GLU A . n 
A 1 109 SER 109 105 105 SER SER A . n 
A 1 110 LEU 110 106 106 LEU LEU A . n 
A 1 111 ALA 111 107 107 ALA ALA A . n 
A 1 112 SER 112 108 108 SER SER A . n 
A 1 113 GLN 113 109 109 GLN GLN A . n 
A 1 114 PHE 114 110 110 PHE PHE A . n 
A 1 115 SER 115 111 111 SER SER A . n 
A 1 116 ASP 116 112 112 ASP ASP A . n 
A 1 117 CYS 117 113 113 CYS CYS A . n 
A 1 118 SER 118 114 114 SER SER A . n 
A 1 119 SER 119 115 115 SER SER A . n 
A 1 120 ALA 120 116 116 ALA ALA A . n 
A 1 121 LYS 121 117 117 LYS LYS A . n 
A 1 122 ALA 122 118 118 ALA ALA A . n 
A 1 123 ARG 123 119 119 ARG ARG A . n 
A 1 124 GLY 124 120 120 GLY GLY A . n 
A 1 125 ASP 125 121 121 ASP ASP A . n 
A 1 126 LEU 126 122 122 LEU LEU A . n 
A 1 127 GLY 127 123 123 GLY GLY A . n 
A 1 128 ALA 128 124 124 ALA ALA A . n 
A 1 129 PHE 129 125 125 PHE PHE A . n 
A 1 130 SER 130 126 126 SER SER A . n 
A 1 131 ARG 131 127 127 ARG ARG A . n 
A 1 132 GLY 132 128 128 GLY GLY A . n 
A 1 133 GLN 133 129 129 GLN GLN A . n 
A 1 134 MET 134 130 130 MET MET A . n 
A 1 135 ALA 135 131 131 ALA ALA A . n 
A 1 136 LYS 136 132 132 LYS LYS A . n 
A 1 137 PRO 137 133 133 PRO PRO A . n 
A 1 138 PHE 138 134 134 PHE PHE A . n 
A 1 139 GLU 139 135 135 GLU GLU A . n 
A 1 140 ASP 140 136 136 ASP ASP A . n 
A 1 141 ALA 141 137 137 ALA ALA A . n 
A 1 142 SER 142 138 138 SER SER A . n 
A 1 143 PHE 143 139 139 PHE PHE A . n 
A 1 144 ALA 144 140 140 ALA ALA A . n 
A 1 145 LEU 145 141 141 LEU LEU A . n 
A 1 146 ARG 146 142 142 ARG ARG A . n 
A 1 147 THR 147 143 143 THR THR A . n 
A 1 148 GLY 148 144 144 GLY GLY A . n 
A 1 149 GLU 149 145 145 GLU GLU A . n 
A 1 150 MET 150 146 146 MET MET A . n 
A 1 151 SER 151 147 147 SER SER A . n 
A 1 152 GLY 152 148 148 GLY GLY A . n 
A 1 153 PRO 153 149 149 PRO PRO A . n 
A 1 154 VAL 154 150 150 VAL VAL A . n 
A 1 155 PHE 155 151 151 PHE PHE A . n 
A 1 156 THR 156 152 152 THR THR A . n 
A 1 157 ASP 157 153 153 ASP ASP A . n 
A 1 158 SER 158 154 154 SER SER A . n 
A 1 159 GLY 159 155 155 GLY GLY A . n 
A 1 160 ILE 160 156 156 ILE ILE A . n 
A 1 161 HIS 161 157 157 HIS HIS A . n 
A 1 162 ILE 162 158 158 ILE ILE A . n 
A 1 163 ILE 163 159 159 ILE ILE A . n 
A 1 164 LEU 164 160 160 LEU LEU A . n 
A 1 165 ARG 165 161 161 ARG ARG A . n 
A 1 166 THR 166 162 162 THR THR A . n 
A 1 167 GLU 167 163 163 GLU GLU A . n 
# 
loop_
_pdbx_nonpoly_scheme.asym_id 
_pdbx_nonpoly_scheme.entity_id 
_pdbx_nonpoly_scheme.mon_id 
_pdbx_nonpoly_scheme.ndb_seq_num 
_pdbx_nonpoly_scheme.pdb_seq_num 
_pdbx_nonpoly_scheme.auth_seq_num 
_pdbx_nonpoly_scheme.pdb_mon_id 
_pdbx_nonpoly_scheme.auth_mon_id 
_pdbx_nonpoly_scheme.pdb_strand_id 
_pdbx_nonpoly_scheme.pdb_ins_code 
B 2 12P 1   1164 1164 12P 12P A . 
C 3 4G2 1   1165 1165 4G2 4G2 A . 
D 4 HOH 1   2001 2001 HOH HOH A . 
D 4 HOH 2   2002 2002 HOH HOH A . 
D 4 HOH 3   2003 2003 HOH HOH A . 
D 4 HOH 4   2004 2004 HOH HOH A . 
D 4 HOH 5   2005 2005 HOH HOH A . 
D 4 HOH 6   2006 2006 HOH HOH A . 
D 4 HOH 7   2007 2007 HOH HOH A . 
D 4 HOH 8   2008 2008 HOH HOH A . 
D 4 HOH 9   2009 2009 HOH HOH A . 
D 4 HOH 10  2010 2010 HOH HOH A . 
D 4 HOH 11  2011 2011 HOH HOH A . 
D 4 HOH 12  2012 2012 HOH HOH A . 
D 4 HOH 13  2013 2013 HOH HOH A . 
D 4 HOH 14  2014 2014 HOH HOH A . 
D 4 HOH 15  2015 2015 HOH HOH A . 
D 4 HOH 16  2016 2016 HOH HOH A . 
D 4 HOH 17  2017 2017 HOH HOH A . 
D 4 HOH 18  2018 2018 HOH HOH A . 
D 4 HOH 19  2019 2019 HOH HOH A . 
D 4 HOH 20  2020 2020 HOH HOH A . 
D 4 HOH 21  2021 2021 HOH HOH A . 
D 4 HOH 22  2022 2022 HOH HOH A . 
D 4 HOH 23  2023 2023 HOH HOH A . 
D 4 HOH 24  2024 2024 HOH HOH A . 
D 4 HOH 25  2025 2025 HOH HOH A . 
D 4 HOH 26  2026 2026 HOH HOH A . 
D 4 HOH 27  2027 2027 HOH HOH A . 
D 4 HOH 28  2028 2028 HOH HOH A . 
D 4 HOH 29  2029 2029 HOH HOH A . 
D 4 HOH 30  2030 2030 HOH HOH A . 
D 4 HOH 31  2031 2031 HOH HOH A . 
D 4 HOH 32  2032 2032 HOH HOH A . 
D 4 HOH 33  2033 2033 HOH HOH A . 
D 4 HOH 34  2034 2034 HOH HOH A . 
D 4 HOH 35  2035 2035 HOH HOH A . 
D 4 HOH 36  2036 2036 HOH HOH A . 
D 4 HOH 37  2037 2037 HOH HOH A . 
D 4 HOH 38  2038 2038 HOH HOH A . 
D 4 HOH 39  2039 2039 HOH HOH A . 
D 4 HOH 40  2040 2040 HOH HOH A . 
D 4 HOH 41  2041 2041 HOH HOH A . 
D 4 HOH 42  2042 2042 HOH HOH A . 
D 4 HOH 43  2043 2043 HOH HOH A . 
D 4 HOH 44  2044 2044 HOH HOH A . 
D 4 HOH 45  2045 2045 HOH HOH A . 
D 4 HOH 46  2046 2046 HOH HOH A . 
D 4 HOH 47  2047 2047 HOH HOH A . 
D 4 HOH 48  2048 2048 HOH HOH A . 
D 4 HOH 49  2049 2049 HOH HOH A . 
D 4 HOH 50  2050 2050 HOH HOH A . 
D 4 HOH 51  2051 2051 HOH HOH A . 
D 4 HOH 52  2052 2052 HOH HOH A . 
D 4 HOH 53  2053 2053 HOH HOH A . 
D 4 HOH 54  2054 2054 HOH HOH A . 
D 4 HOH 55  2055 2055 HOH HOH A . 
D 4 HOH 56  2056 2056 HOH HOH A . 
D 4 HOH 57  2057 2057 HOH HOH A . 
D 4 HOH 58  2058 2058 HOH HOH A . 
D 4 HOH 59  2059 2059 HOH HOH A . 
D 4 HOH 60  2060 2060 HOH HOH A . 
D 4 HOH 61  2061 2061 HOH HOH A . 
D 4 HOH 62  2062 2062 HOH HOH A . 
D 4 HOH 63  2063 2063 HOH HOH A . 
D 4 HOH 64  2064 2064 HOH HOH A . 
D 4 HOH 65  2065 2065 HOH HOH A . 
D 4 HOH 66  2066 2066 HOH HOH A . 
D 4 HOH 67  2067 2067 HOH HOH A . 
D 4 HOH 68  2068 2068 HOH HOH A . 
D 4 HOH 69  2069 2069 HOH HOH A . 
D 4 HOH 70  2070 2070 HOH HOH A . 
D 4 HOH 71  2071 2071 HOH HOH A . 
D 4 HOH 72  2072 2072 HOH HOH A . 
D 4 HOH 73  2073 2073 HOH HOH A . 
D 4 HOH 74  2074 2074 HOH HOH A . 
D 4 HOH 75  2075 2075 HOH HOH A . 
D 4 HOH 76  2076 2076 HOH HOH A . 
D 4 HOH 77  2077 2077 HOH HOH A . 
D 4 HOH 78  2078 2078 HOH HOH A . 
D 4 HOH 79  2079 2079 HOH HOH A . 
D 4 HOH 80  2080 2080 HOH HOH A . 
D 4 HOH 81  2081 2081 HOH HOH A . 
D 4 HOH 82  2082 2082 HOH HOH A . 
D 4 HOH 83  2083 2083 HOH HOH A . 
D 4 HOH 84  2084 2084 HOH HOH A . 
D 4 HOH 85  2085 2085 HOH HOH A . 
D 4 HOH 86  2086 2086 HOH HOH A . 
D 4 HOH 87  2087 2087 HOH HOH A . 
D 4 HOH 88  2088 2088 HOH HOH A . 
D 4 HOH 89  2089 2089 HOH HOH A . 
D 4 HOH 90  2090 2090 HOH HOH A . 
D 4 HOH 91  2091 2091 HOH HOH A . 
D 4 HOH 92  2092 2092 HOH HOH A . 
D 4 HOH 93  2093 2093 HOH HOH A . 
D 4 HOH 94  2094 2094 HOH HOH A . 
D 4 HOH 95  2095 2095 HOH HOH A . 
D 4 HOH 96  2096 2096 HOH HOH A . 
D 4 HOH 97  2097 2097 HOH HOH A . 
D 4 HOH 98  2098 2098 HOH HOH A . 
D 4 HOH 99  2099 2099 HOH HOH A . 
D 4 HOH 100 2100 2100 HOH HOH A . 
D 4 HOH 101 2101 2101 HOH HOH A . 
D 4 HOH 102 2102 2102 HOH HOH A . 
D 4 HOH 103 2103 2103 HOH HOH A . 
D 4 HOH 104 2104 2104 HOH HOH A . 
D 4 HOH 105 2105 2105 HOH HOH A . 
D 4 HOH 106 2106 2106 HOH HOH A . 
D 4 HOH 107 2107 2107 HOH HOH A . 
D 4 HOH 108 2108 2108 HOH HOH A . 
D 4 HOH 109 2109 2109 HOH HOH A . 
D 4 HOH 110 2110 2110 HOH HOH A . 
D 4 HOH 111 2111 2111 HOH HOH A . 
D 4 HOH 112 2112 2112 HOH HOH A . 
D 4 HOH 113 2113 2113 HOH HOH A . 
D 4 HOH 114 2114 2114 HOH HOH A . 
D 4 HOH 115 2115 2115 HOH HOH A . 
D 4 HOH 116 2116 2116 HOH HOH A . 
D 4 HOH 117 2117 2117 HOH HOH A . 
D 4 HOH 118 2118 2118 HOH HOH A . 
D 4 HOH 119 2119 2119 HOH HOH A . 
D 4 HOH 120 2120 2120 HOH HOH A . 
D 4 HOH 121 2121 2121 HOH HOH A . 
D 4 HOH 122 2122 2122 HOH HOH A . 
D 4 HOH 123 2123 2123 HOH HOH A . 
D 4 HOH 124 2124 2124 HOH HOH A . 
D 4 HOH 125 2125 2125 HOH HOH A . 
D 4 HOH 126 2126 2126 HOH HOH A . 
D 4 HOH 127 2127 2127 HOH HOH A . 
D 4 HOH 128 2128 2128 HOH HOH A . 
D 4 HOH 129 2129 2129 HOH HOH A . 
D 4 HOH 130 2130 2130 HOH HOH A . 
D 4 HOH 131 2131 2131 HOH HOH A . 
D 4 HOH 132 2132 2132 HOH HOH A . 
D 4 HOH 133 2133 2133 HOH HOH A . 
D 4 HOH 134 2134 2134 HOH HOH A . 
D 4 HOH 135 2135 2135 HOH HOH A . 
D 4 HOH 136 2136 2136 HOH HOH A . 
# 
_pdbx_struct_assembly.id                   1 
_pdbx_struct_assembly.details              author_and_software_defined_assembly 
_pdbx_struct_assembly.method_details       PISA 
_pdbx_struct_assembly.oligomeric_details   monomeric 
_pdbx_struct_assembly.oligomeric_count     1 
# 
_pdbx_struct_assembly_gen.assembly_id       1 
_pdbx_struct_assembly_gen.oper_expression   1 
_pdbx_struct_assembly_gen.asym_id_list      A,B,C,D 
# 
_pdbx_struct_oper_list.id                   1 
_pdbx_struct_oper_list.type                 'identity operation' 
_pdbx_struct_oper_list.name                 1_555 
_pdbx_struct_oper_list.symmetry_operation   x,y,z 
_pdbx_struct_oper_list.matrix[1][1]         1.0000000000 
_pdbx_struct_oper_list.matrix[1][2]         0.0000000000 
_pdbx_struct_oper_list.matrix[1][3]         0.0000000000 
_pdbx_struct_oper_list.vector[1]            0.0000000000 
_pdbx_struct_oper_list.matrix[2][1]         0.0000000000 
_pdbx_struct_oper_list.matrix[2][2]         1.0000000000 
_pdbx_struct_oper_list.matrix[2][3]         0.0000000000 
_pdbx_struct_oper_list.vector[2]            0.0000000000 
_pdbx_struct_oper_list.matrix[3][1]         0.0000000000 
_pdbx_struct_oper_list.matrix[3][2]         0.0000000000 
_pdbx_struct_oper_list.matrix[3][3]         1.0000000000 
_pdbx_struct_oper_list.vector[3]            0.0000000000 
# 
loop_
_pdbx_audit_revision_history.ordinal 
_pdbx_audit_revision_history.data_content_type 
_pdbx_audit_revision_history.major_revision 
_pdbx_audit_revision_history.minor_revision 
_pdbx_audit_revision_history.revision_date 
1 'Structure model' 1 0 2011-01-12 
2 'Structure model' 1 1 2011-05-08 
3 'Structure model' 1 2 2011-07-13 
4 'Structure model' 1 3 2019-01-30 
5 'Structure model' 1 4 2019-02-06 
6 'Structure model' 1 5 2023-12-20 
# 
_pdbx_audit_revision_details.ordinal             1 
_pdbx_audit_revision_details.revision_ordinal    1 
_pdbx_audit_revision_details.data_content_type   'Structure model' 
_pdbx_audit_revision_details.provider            repository 
_pdbx_audit_revision_details.type                'Initial release' 
_pdbx_audit_revision_details.description         ? 
_pdbx_audit_revision_details.details             ? 
# 
loop_
_pdbx_audit_revision_group.ordinal 
_pdbx_audit_revision_group.revision_ordinal 
_pdbx_audit_revision_group.data_content_type 
_pdbx_audit_revision_group.group 
1  2 'Structure model' 'Version format compliance' 
2  3 'Structure model' 'Version format compliance' 
3  4 'Structure model' 'Data collection'           
4  4 'Structure model' 'Experimental preparation'  
5  4 'Structure model' Other                       
6  5 'Structure model' 'Data collection'           
7  5 'Structure model' 'Experimental preparation'  
8  6 'Structure model' 'Data collection'           
9  6 'Structure model' 'Database references'       
10 6 'Structure model' 'Derived calculations'      
11 6 'Structure model' Other                       
12 6 'Structure model' 'Refinement description'    
# 
loop_
_pdbx_audit_revision_category.ordinal 
_pdbx_audit_revision_category.revision_ordinal 
_pdbx_audit_revision_category.data_content_type 
_pdbx_audit_revision_category.category 
1  4 'Structure model' exptl_crystal_grow            
2  4 'Structure model' pdbx_database_proc            
3  4 'Structure model' pdbx_database_status          
4  5 'Structure model' exptl_crystal_grow            
5  6 'Structure model' chem_comp_atom                
6  6 'Structure model' chem_comp_bond                
7  6 'Structure model' database_2                    
8  6 'Structure model' pdbx_database_status          
9  6 'Structure model' pdbx_initial_refinement_model 
10 6 'Structure model' struct_site                   
# 
loop_
_pdbx_audit_revision_item.ordinal 
_pdbx_audit_revision_item.revision_ordinal 
_pdbx_audit_revision_item.data_content_type 
_pdbx_audit_revision_item.item 
1 4 'Structure model' '_exptl_crystal_grow.method'                  
2 4 'Structure model' '_pdbx_database_status.recvd_author_approval' 
3 5 'Structure model' '_exptl_crystal_grow.temp'                    
4 6 'Structure model' '_database_2.pdbx_DOI'                        
5 6 'Structure model' '_database_2.pdbx_database_accession'         
6 6 'Structure model' '_pdbx_database_status.status_code_sf'        
7 6 'Structure model' '_struct_site.pdbx_auth_asym_id'              
8 6 'Structure model' '_struct_site.pdbx_auth_comp_id'              
9 6 'Structure model' '_struct_site.pdbx_auth_seq_id'               
# 
loop_
_software.name 
_software.classification 
_software.version 
_software.citation_id 
_software.pdbx_ordinal 
_software.date 
_software.type 
_software.location 
_software.language 
REFMAC refinement       5.5.0109 ? 1 ? ? ? ? 
d*TREK 'data reduction' .        ? 2 ? ? ? ? 
d*TREK 'data scaling'   .        ? 3 ? ? ? ? 
AMoRE  phasing          .        ? 4 ? ? ? ? 
# 
_pdbx_entry_details.entry_id                 2XP6 
_pdbx_entry_details.compound_details         'ENGINEERED RESIDUE IN CHAIN A, GLN 131 TO ALA' 
_pdbx_entry_details.source_details           ? 
_pdbx_entry_details.nonpolymer_details       ? 
_pdbx_entry_details.sequence_details         ? 
_pdbx_entry_details.has_ligand_of_interest   ? 
# 
loop_
_pdbx_validate_close_contact.id 
_pdbx_validate_close_contact.PDB_model_num 
_pdbx_validate_close_contact.auth_atom_id_1 
_pdbx_validate_close_contact.auth_asym_id_1 
_pdbx_validate_close_contact.auth_comp_id_1 
_pdbx_validate_close_contact.auth_seq_id_1 
_pdbx_validate_close_contact.PDB_ins_code_1 
_pdbx_validate_close_contact.label_alt_id_1 
_pdbx_validate_close_contact.auth_atom_id_2 
_pdbx_validate_close_contact.auth_asym_id_2 
_pdbx_validate_close_contact.auth_comp_id_2 
_pdbx_validate_close_contact.auth_seq_id_2 
_pdbx_validate_close_contact.PDB_ins_code_2 
_pdbx_validate_close_contact.label_alt_id_2 
_pdbx_validate_close_contact.dist 
1 1 NH2 A ARG 21   ? ? O A HOH 2024 ? ? 2.05 
2 1 O   A HOH 2031 ? ? O A HOH 2112 ? ? 2.16 
# 
loop_
_pdbx_validate_rmsd_bond.id 
_pdbx_validate_rmsd_bond.PDB_model_num 
_pdbx_validate_rmsd_bond.auth_atom_id_1 
_pdbx_validate_rmsd_bond.auth_asym_id_1 
_pdbx_validate_rmsd_bond.auth_comp_id_1 
_pdbx_validate_rmsd_bond.auth_seq_id_1 
_pdbx_validate_rmsd_bond.PDB_ins_code_1 
_pdbx_validate_rmsd_bond.label_alt_id_1 
_pdbx_validate_rmsd_bond.auth_atom_id_2 
_pdbx_validate_rmsd_bond.auth_asym_id_2 
_pdbx_validate_rmsd_bond.auth_comp_id_2 
_pdbx_validate_rmsd_bond.auth_seq_id_2 
_pdbx_validate_rmsd_bond.PDB_ins_code_2 
_pdbx_validate_rmsd_bond.label_alt_id_2 
_pdbx_validate_rmsd_bond.bond_value 
_pdbx_validate_rmsd_bond.bond_target_value 
_pdbx_validate_rmsd_bond.bond_deviation 
_pdbx_validate_rmsd_bond.bond_standard_deviation 
_pdbx_validate_rmsd_bond.linker_flag 
1 1 CB A GLU 87 ? ? CG A GLU 87 ? ? 1.648 1.517 0.131 0.019 N 
2 1 CG A GLU 87 ? ? CD A GLU 87 ? ? 1.645 1.515 0.130 0.015 N 
# 
_pdbx_validate_rmsd_angle.id                         1 
_pdbx_validate_rmsd_angle.PDB_model_num              1 
_pdbx_validate_rmsd_angle.auth_atom_id_1             NE 
_pdbx_validate_rmsd_angle.auth_asym_id_1             A 
_pdbx_validate_rmsd_angle.auth_comp_id_1             ARG 
_pdbx_validate_rmsd_angle.auth_seq_id_1              21 
_pdbx_validate_rmsd_angle.PDB_ins_code_1             ? 
_pdbx_validate_rmsd_angle.label_alt_id_1             ? 
_pdbx_validate_rmsd_angle.auth_atom_id_2             CZ 
_pdbx_validate_rmsd_angle.auth_asym_id_2             A 
_pdbx_validate_rmsd_angle.auth_comp_id_2             ARG 
_pdbx_validate_rmsd_angle.auth_seq_id_2              21 
_pdbx_validate_rmsd_angle.PDB_ins_code_2             ? 
_pdbx_validate_rmsd_angle.label_alt_id_2             ? 
_pdbx_validate_rmsd_angle.auth_atom_id_3             NH2 
_pdbx_validate_rmsd_angle.auth_asym_id_3             A 
_pdbx_validate_rmsd_angle.auth_comp_id_3             ARG 
_pdbx_validate_rmsd_angle.auth_seq_id_3              21 
_pdbx_validate_rmsd_angle.PDB_ins_code_3             ? 
_pdbx_validate_rmsd_angle.label_alt_id_3             ? 
_pdbx_validate_rmsd_angle.angle_value                116.85 
_pdbx_validate_rmsd_angle.angle_target_value         120.30 
_pdbx_validate_rmsd_angle.angle_deviation            -3.45 
_pdbx_validate_rmsd_angle.angle_standard_deviation   0.50 
_pdbx_validate_rmsd_angle.linker_flag                N 
# 
_pdbx_validate_torsion.id              1 
_pdbx_validate_torsion.PDB_model_num   1 
_pdbx_validate_torsion.auth_comp_id    ASN 
_pdbx_validate_torsion.auth_asym_id    A 
_pdbx_validate_torsion.auth_seq_id     30 
_pdbx_validate_torsion.PDB_ins_code    ? 
_pdbx_validate_torsion.label_alt_id    ? 
_pdbx_validate_torsion.phi             54.41 
_pdbx_validate_torsion.psi             19.94 
# 
_pdbx_validate_peptide_omega.id               1 
_pdbx_validate_peptide_omega.PDB_model_num    1 
_pdbx_validate_peptide_omega.auth_comp_id_1   PRO 
_pdbx_validate_peptide_omega.auth_asym_id_1   A 
_pdbx_validate_peptide_omega.auth_seq_id_1    37 
_pdbx_validate_peptide_omega.PDB_ins_code_1   ? 
_pdbx_validate_peptide_omega.label_alt_id_1   ? 
_pdbx_validate_peptide_omega.auth_comp_id_2   SER 
_pdbx_validate_peptide_omega.auth_asym_id_2   A 
_pdbx_validate_peptide_omega.auth_seq_id_2    38 
_pdbx_validate_peptide_omega.PDB_ins_code_2   ? 
_pdbx_validate_peptide_omega.label_alt_id_2   ? 
_pdbx_validate_peptide_omega.omega            33.55 
# 
loop_
_pdbx_distant_solvent_atoms.id 
_pdbx_distant_solvent_atoms.PDB_model_num 
_pdbx_distant_solvent_atoms.auth_atom_id 
_pdbx_distant_solvent_atoms.label_alt_id 
_pdbx_distant_solvent_atoms.auth_asym_id 
_pdbx_distant_solvent_atoms.auth_comp_id 
_pdbx_distant_solvent_atoms.auth_seq_id 
_pdbx_distant_solvent_atoms.PDB_ins_code 
_pdbx_distant_solvent_atoms.neighbor_macromolecule_distance 
_pdbx_distant_solvent_atoms.neighbor_ligand_distance 
1 1 O ? A HOH 2009 ? 7.93 .    
2 1 O ? A HOH 2010 ? .    6.41 
3 1 O ? A HOH 2019 ? 6.03 .    
# 
loop_
_pdbx_unobs_or_zero_occ_atoms.id 
_pdbx_unobs_or_zero_occ_atoms.PDB_model_num 
_pdbx_unobs_or_zero_occ_atoms.polymer_flag 
_pdbx_unobs_or_zero_occ_atoms.occupancy_flag 
_pdbx_unobs_or_zero_occ_atoms.auth_asym_id 
_pdbx_unobs_or_zero_occ_atoms.auth_comp_id 
_pdbx_unobs_or_zero_occ_atoms.auth_seq_id 
_pdbx_unobs_or_zero_occ_atoms.PDB_ins_code 
_pdbx_unobs_or_zero_occ_atoms.auth_atom_id 
_pdbx_unobs_or_zero_occ_atoms.label_alt_id 
_pdbx_unobs_or_zero_occ_atoms.label_asym_id 
_pdbx_unobs_or_zero_occ_atoms.label_comp_id 
_pdbx_unobs_or_zero_occ_atoms.label_seq_id 
_pdbx_unobs_or_zero_occ_atoms.label_atom_id 
1  1 N 1 A 12P 1164 ? O37 ? B 12P 1 O37 
2  1 N 1 A 12P 1164 ? C36 ? B 12P 1 C36 
3  1 N 1 A 12P 1164 ? O13 ? B 12P 1 O13 
4  1 N 1 A 12P 1164 ? C12 ? B 12P 1 C12 
5  1 N 1 A 12P 1164 ? C11 ? B 12P 1 C11 
6  1 N 1 A 12P 1164 ? O10 ? B 12P 1 O10 
7  1 N 1 A 12P 1164 ? C9  ? B 12P 1 C9  
8  1 N 1 A 12P 1164 ? C8  ? B 12P 1 C8  
9  1 N 1 A 12P 1164 ? O7  ? B 12P 1 O7  
10 1 N 1 A 12P 1164 ? C6  ? B 12P 1 C6  
11 1 N 1 A 12P 1164 ? C5  ? B 12P 1 C5  
12 1 N 1 A 12P 1164 ? O4  ? B 12P 1 O4  
13 1 N 1 A 12P 1164 ? C3  ? B 12P 1 C3  
14 1 N 1 A 12P 1164 ? C2  ? B 12P 1 C2  
15 1 N 1 A 12P 1164 ? O1  ? B 12P 1 O1  
# 
loop_
_pdbx_unobs_or_zero_occ_residues.id 
_pdbx_unobs_or_zero_occ_residues.PDB_model_num 
_pdbx_unobs_or_zero_occ_residues.polymer_flag 
_pdbx_unobs_or_zero_occ_residues.occupancy_flag 
_pdbx_unobs_or_zero_occ_residues.auth_asym_id 
_pdbx_unobs_or_zero_occ_residues.auth_comp_id 
_pdbx_unobs_or_zero_occ_residues.auth_seq_id 
_pdbx_unobs_or_zero_occ_residues.PDB_ins_code 
_pdbx_unobs_or_zero_occ_residues.label_asym_id 
_pdbx_unobs_or_zero_occ_residues.label_comp_id 
_pdbx_unobs_or_zero_occ_residues.label_seq_id 
1  1 Y 1 A GLY -3 ? A GLY 1  
2  1 Y 1 A SER -2 ? A SER 2  
3  1 Y 1 A HIS -1 ? A HIS 3  
4  1 Y 1 A GLY 0  ? A GLY 4  
5  1 Y 1 A MET 1  ? A MET 5  
6  1 Y 1 A ALA 2  ? A ALA 6  
7  1 Y 1 A ASP 3  ? A ASP 7  
8  1 Y 1 A GLU 4  ? A GLU 8  
9  1 Y 1 A GLU 5  ? A GLU 9  
10 1 Y 1 A LYS 6  ? A LYS 10 
11 1 Y 1 A GLY 39 ? A GLY 43 
12 1 Y 1 A ASN 40 ? A ASN 44 
13 1 Y 1 A SER 41 ? A SER 45 
14 1 Y 1 A SER 42 ? A SER 46 
15 1 Y 1 A SER 43 ? A SER 47 
16 1 Y 1 A GLY 44 ? A GLY 48 
17 1 Y 1 A GLY 45 ? A GLY 49 
18 1 Y 1 A LYS 46 ? A LYS 50 
19 1 Y 1 A ASN 47 ? A ASN 51 
20 1 Y 1 A GLY 48 ? A GLY 52 
21 1 Y 1 A GLN 49 ? A GLN 53 
22 1 Y 1 A GLY 50 ? A GLY 54 
# 
loop_
_chem_comp_atom.comp_id 
_chem_comp_atom.atom_id 
_chem_comp_atom.type_symbol 
_chem_comp_atom.pdbx_aromatic_flag 
_chem_comp_atom.pdbx_stereo_config 
_chem_comp_atom.pdbx_ordinal 
12P O37  O  N N 1   
12P C36  C  N N 2   
12P C35  C  N N 3   
12P O34  O  N N 4   
12P C33  C  N N 5   
12P C32  C  N N 6   
12P O31  O  N N 7   
12P C30  C  N N 8   
12P C29  C  N N 9   
12P O28  O  N N 10  
12P C27  C  N N 11  
12P C26  C  N N 12  
12P O25  O  N N 13  
12P C24  C  N N 14  
12P C23  C  N N 15  
12P O22  O  N N 16  
12P C21  C  N N 17  
12P C20  C  N N 18  
12P O19  O  N N 19  
12P C18  C  N N 20  
12P C17  C  N N 21  
12P O16  O  N N 22  
12P C15  C  N N 23  
12P C14  C  N N 24  
12P O13  O  N N 25  
12P C12  C  N N 26  
12P C11  C  N N 27  
12P O10  O  N N 28  
12P C9   C  N N 29  
12P C8   C  N N 30  
12P O7   O  N N 31  
12P C6   C  N N 32  
12P C5   C  N N 33  
12P O4   O  N N 34  
12P C3   C  N N 35  
12P C2   C  N N 36  
12P O1   O  N N 37  
12P H37  H  N N 38  
12P H361 H  N N 39  
12P H362 H  N N 40  
12P H351 H  N N 41  
12P H352 H  N N 42  
12P H331 H  N N 43  
12P H332 H  N N 44  
12P H321 H  N N 45  
12P H322 H  N N 46  
12P H301 H  N N 47  
12P H302 H  N N 48  
12P H291 H  N N 49  
12P H292 H  N N 50  
12P H271 H  N N 51  
12P H272 H  N N 52  
12P H261 H  N N 53  
12P H262 H  N N 54  
12P H241 H  N N 55  
12P H242 H  N N 56  
12P H231 H  N N 57  
12P H232 H  N N 58  
12P H211 H  N N 59  
12P H212 H  N N 60  
12P H201 H  N N 61  
12P H202 H  N N 62  
12P H181 H  N N 63  
12P H182 H  N N 64  
12P H171 H  N N 65  
12P H172 H  N N 66  
12P H151 H  N N 67  
12P H152 H  N N 68  
12P H141 H  N N 69  
12P H142 H  N N 70  
12P H121 H  N N 71  
12P H122 H  N N 72  
12P H111 H  N N 73  
12P H112 H  N N 74  
12P H91  H  N N 75  
12P H92  H  N N 76  
12P H81  H  N N 77  
12P H82  H  N N 78  
12P H61  H  N N 79  
12P H62  H  N N 80  
12P H51  H  N N 81  
12P H52  H  N N 82  
12P H31  H  N N 83  
12P H32  H  N N 84  
12P H21  H  N N 85  
12P H22  H  N N 86  
12P HO1  H  N N 87  
4G2 O14  O  N N 88  
4G2 C12  C  N N 89  
4G2 O13  O  N N 90  
4G2 C10  C  Y N 91  
4G2 C9   C  Y N 92  
4G2 N8   N  Y N 93  
4G2 C7   C  Y N 94  
4G2 N11  N  Y N 95  
4G2 C6   C  Y N 96  
4G2 C1   C  Y N 97  
4G2 C2   C  Y N 98  
4G2 C3   C  Y N 99  
4G2 C4   C  Y N 100 
4G2 C5   C  Y N 101 
4G2 CL1  CL N N 102 
4G2 C15  C  N N 103 
4G2 H13  H  N N 104 
4G2 H8   H  N N 105 
4G2 H151 H  N N 106 
4G2 H152 H  N N 107 
4G2 H153 H  N N 108 
4G2 H1   H  N N 109 
4G2 H5   H  N N 110 
4G2 H3   H  N N 111 
4G2 H4   H  N N 112 
ALA N    N  N N 113 
ALA CA   C  N S 114 
ALA C    C  N N 115 
ALA O    O  N N 116 
ALA CB   C  N N 117 
ALA OXT  O  N N 118 
ALA H    H  N N 119 
ALA H2   H  N N 120 
ALA HA   H  N N 121 
ALA HB1  H  N N 122 
ALA HB2  H  N N 123 
ALA HB3  H  N N 124 
ALA HXT  H  N N 125 
ARG N    N  N N 126 
ARG CA   C  N S 127 
ARG C    C  N N 128 
ARG O    O  N N 129 
ARG CB   C  N N 130 
ARG CG   C  N N 131 
ARG CD   C  N N 132 
ARG NE   N  N N 133 
ARG CZ   C  N N 134 
ARG NH1  N  N N 135 
ARG NH2  N  N N 136 
ARG OXT  O  N N 137 
ARG H    H  N N 138 
ARG H2   H  N N 139 
ARG HA   H  N N 140 
ARG HB2  H  N N 141 
ARG HB3  H  N N 142 
ARG HG2  H  N N 143 
ARG HG3  H  N N 144 
ARG HD2  H  N N 145 
ARG HD3  H  N N 146 
ARG HE   H  N N 147 
ARG HH11 H  N N 148 
ARG HH12 H  N N 149 
ARG HH21 H  N N 150 
ARG HH22 H  N N 151 
ARG HXT  H  N N 152 
ASN N    N  N N 153 
ASN CA   C  N S 154 
ASN C    C  N N 155 
ASN O    O  N N 156 
ASN CB   C  N N 157 
ASN CG   C  N N 158 
ASN OD1  O  N N 159 
ASN ND2  N  N N 160 
ASN OXT  O  N N 161 
ASN H    H  N N 162 
ASN H2   H  N N 163 
ASN HA   H  N N 164 
ASN HB2  H  N N 165 
ASN HB3  H  N N 166 
ASN HD21 H  N N 167 
ASN HD22 H  N N 168 
ASN HXT  H  N N 169 
ASP N    N  N N 170 
ASP CA   C  N S 171 
ASP C    C  N N 172 
ASP O    O  N N 173 
ASP CB   C  N N 174 
ASP CG   C  N N 175 
ASP OD1  O  N N 176 
ASP OD2  O  N N 177 
ASP OXT  O  N N 178 
ASP H    H  N N 179 
ASP H2   H  N N 180 
ASP HA   H  N N 181 
ASP HB2  H  N N 182 
ASP HB3  H  N N 183 
ASP HD2  H  N N 184 
ASP HXT  H  N N 185 
CYS N    N  N N 186 
CYS CA   C  N R 187 
CYS C    C  N N 188 
CYS O    O  N N 189 
CYS CB   C  N N 190 
CYS SG   S  N N 191 
CYS OXT  O  N N 192 
CYS H    H  N N 193 
CYS H2   H  N N 194 
CYS HA   H  N N 195 
CYS HB2  H  N N 196 
CYS HB3  H  N N 197 
CYS HG   H  N N 198 
CYS HXT  H  N N 199 
GLN N    N  N N 200 
GLN CA   C  N S 201 
GLN C    C  N N 202 
GLN O    O  N N 203 
GLN CB   C  N N 204 
GLN CG   C  N N 205 
GLN CD   C  N N 206 
GLN OE1  O  N N 207 
GLN NE2  N  N N 208 
GLN OXT  O  N N 209 
GLN H    H  N N 210 
GLN H2   H  N N 211 
GLN HA   H  N N 212 
GLN HB2  H  N N 213 
GLN HB3  H  N N 214 
GLN HG2  H  N N 215 
GLN HG3  H  N N 216 
GLN HE21 H  N N 217 
GLN HE22 H  N N 218 
GLN HXT  H  N N 219 
GLU N    N  N N 220 
GLU CA   C  N S 221 
GLU C    C  N N 222 
GLU O    O  N N 223 
GLU CB   C  N N 224 
GLU CG   C  N N 225 
GLU CD   C  N N 226 
GLU OE1  O  N N 227 
GLU OE2  O  N N 228 
GLU OXT  O  N N 229 
GLU H    H  N N 230 
GLU H2   H  N N 231 
GLU HA   H  N N 232 
GLU HB2  H  N N 233 
GLU HB3  H  N N 234 
GLU HG2  H  N N 235 
GLU HG3  H  N N 236 
GLU HE2  H  N N 237 
GLU HXT  H  N N 238 
GLY N    N  N N 239 
GLY CA   C  N N 240 
GLY C    C  N N 241 
GLY O    O  N N 242 
GLY OXT  O  N N 243 
GLY H    H  N N 244 
GLY H2   H  N N 245 
GLY HA2  H  N N 246 
GLY HA3  H  N N 247 
GLY HXT  H  N N 248 
HIS N    N  N N 249 
HIS CA   C  N S 250 
HIS C    C  N N 251 
HIS O    O  N N 252 
HIS CB   C  N N 253 
HIS CG   C  Y N 254 
HIS ND1  N  Y N 255 
HIS CD2  C  Y N 256 
HIS CE1  C  Y N 257 
HIS NE2  N  Y N 258 
HIS OXT  O  N N 259 
HIS H    H  N N 260 
HIS H2   H  N N 261 
HIS HA   H  N N 262 
HIS HB2  H  N N 263 
HIS HB3  H  N N 264 
HIS HD1  H  N N 265 
HIS HD2  H  N N 266 
HIS HE1  H  N N 267 
HIS HE2  H  N N 268 
HIS HXT  H  N N 269 
HOH O    O  N N 270 
HOH H1   H  N N 271 
HOH H2   H  N N 272 
ILE N    N  N N 273 
ILE CA   C  N S 274 
ILE C    C  N N 275 
ILE O    O  N N 276 
ILE CB   C  N S 277 
ILE CG1  C  N N 278 
ILE CG2  C  N N 279 
ILE CD1  C  N N 280 
ILE OXT  O  N N 281 
ILE H    H  N N 282 
ILE H2   H  N N 283 
ILE HA   H  N N 284 
ILE HB   H  N N 285 
ILE HG12 H  N N 286 
ILE HG13 H  N N 287 
ILE HG21 H  N N 288 
ILE HG22 H  N N 289 
ILE HG23 H  N N 290 
ILE HD11 H  N N 291 
ILE HD12 H  N N 292 
ILE HD13 H  N N 293 
ILE HXT  H  N N 294 
LEU N    N  N N 295 
LEU CA   C  N S 296 
LEU C    C  N N 297 
LEU O    O  N N 298 
LEU CB   C  N N 299 
LEU CG   C  N N 300 
LEU CD1  C  N N 301 
LEU CD2  C  N N 302 
LEU OXT  O  N N 303 
LEU H    H  N N 304 
LEU H2   H  N N 305 
LEU HA   H  N N 306 
LEU HB2  H  N N 307 
LEU HB3  H  N N 308 
LEU HG   H  N N 309 
LEU HD11 H  N N 310 
LEU HD12 H  N N 311 
LEU HD13 H  N N 312 
LEU HD21 H  N N 313 
LEU HD22 H  N N 314 
LEU HD23 H  N N 315 
LEU HXT  H  N N 316 
LYS N    N  N N 317 
LYS CA   C  N S 318 
LYS C    C  N N 319 
LYS O    O  N N 320 
LYS CB   C  N N 321 
LYS CG   C  N N 322 
LYS CD   C  N N 323 
LYS CE   C  N N 324 
LYS NZ   N  N N 325 
LYS OXT  O  N N 326 
LYS H    H  N N 327 
LYS H2   H  N N 328 
LYS HA   H  N N 329 
LYS HB2  H  N N 330 
LYS HB3  H  N N 331 
LYS HG2  H  N N 332 
LYS HG3  H  N N 333 
LYS HD2  H  N N 334 
LYS HD3  H  N N 335 
LYS HE2  H  N N 336 
LYS HE3  H  N N 337 
LYS HZ1  H  N N 338 
LYS HZ2  H  N N 339 
LYS HZ3  H  N N 340 
LYS HXT  H  N N 341 
MET N    N  N N 342 
MET CA   C  N S 343 
MET C    C  N N 344 
MET O    O  N N 345 
MET CB   C  N N 346 
MET CG   C  N N 347 
MET SD   S  N N 348 
MET CE   C  N N 349 
MET OXT  O  N N 350 
MET H    H  N N 351 
MET H2   H  N N 352 
MET HA   H  N N 353 
MET HB2  H  N N 354 
MET HB3  H  N N 355 
MET HG2  H  N N 356 
MET HG3  H  N N 357 
MET HE1  H  N N 358 
MET HE2  H  N N 359 
MET HE3  H  N N 360 
MET HXT  H  N N 361 
PHE N    N  N N 362 
PHE CA   C  N S 363 
PHE C    C  N N 364 
PHE O    O  N N 365 
PHE CB   C  N N 366 
PHE CG   C  Y N 367 
PHE CD1  C  Y N 368 
PHE CD2  C  Y N 369 
PHE CE1  C  Y N 370 
PHE CE2  C  Y N 371 
PHE CZ   C  Y N 372 
PHE OXT  O  N N 373 
PHE H    H  N N 374 
PHE H2   H  N N 375 
PHE HA   H  N N 376 
PHE HB2  H  N N 377 
PHE HB3  H  N N 378 
PHE HD1  H  N N 379 
PHE HD2  H  N N 380 
PHE HE1  H  N N 381 
PHE HE2  H  N N 382 
PHE HZ   H  N N 383 
PHE HXT  H  N N 384 
PRO N    N  N N 385 
PRO CA   C  N S 386 
PRO C    C  N N 387 
PRO O    O  N N 388 
PRO CB   C  N N 389 
PRO CG   C  N N 390 
PRO CD   C  N N 391 
PRO OXT  O  N N 392 
PRO H    H  N N 393 
PRO HA   H  N N 394 
PRO HB2  H  N N 395 
PRO HB3  H  N N 396 
PRO HG2  H  N N 397 
PRO HG3  H  N N 398 
PRO HD2  H  N N 399 
PRO HD3  H  N N 400 
PRO HXT  H  N N 401 
SER N    N  N N 402 
SER CA   C  N S 403 
SER C    C  N N 404 
SER O    O  N N 405 
SER CB   C  N N 406 
SER OG   O  N N 407 
SER OXT  O  N N 408 
SER H    H  N N 409 
SER H2   H  N N 410 
SER HA   H  N N 411 
SER HB2  H  N N 412 
SER HB3  H  N N 413 
SER HG   H  N N 414 
SER HXT  H  N N 415 
THR N    N  N N 416 
THR CA   C  N S 417 
THR C    C  N N 418 
THR O    O  N N 419 
THR CB   C  N R 420 
THR OG1  O  N N 421 
THR CG2  C  N N 422 
THR OXT  O  N N 423 
THR H    H  N N 424 
THR H2   H  N N 425 
THR HA   H  N N 426 
THR HB   H  N N 427 
THR HG1  H  N N 428 
THR HG21 H  N N 429 
THR HG22 H  N N 430 
THR HG23 H  N N 431 
THR HXT  H  N N 432 
TRP N    N  N N 433 
TRP CA   C  N S 434 
TRP C    C  N N 435 
TRP O    O  N N 436 
TRP CB   C  N N 437 
TRP CG   C  Y N 438 
TRP CD1  C  Y N 439 
TRP CD2  C  Y N 440 
TRP NE1  N  Y N 441 
TRP CE2  C  Y N 442 
TRP CE3  C  Y N 443 
TRP CZ2  C  Y N 444 
TRP CZ3  C  Y N 445 
TRP CH2  C  Y N 446 
TRP OXT  O  N N 447 
TRP H    H  N N 448 
TRP H2   H  N N 449 
TRP HA   H  N N 450 
TRP HB2  H  N N 451 
TRP HB3  H  N N 452 
TRP HD1  H  N N 453 
TRP HE1  H  N N 454 
TRP HE3  H  N N 455 
TRP HZ2  H  N N 456 
TRP HZ3  H  N N 457 
TRP HH2  H  N N 458 
TRP HXT  H  N N 459 
TYR N    N  N N 460 
TYR CA   C  N S 461 
TYR C    C  N N 462 
TYR O    O  N N 463 
TYR CB   C  N N 464 
TYR CG   C  Y N 465 
TYR CD1  C  Y N 466 
TYR CD2  C  Y N 467 
TYR CE1  C  Y N 468 
TYR CE2  C  Y N 469 
TYR CZ   C  Y N 470 
TYR OH   O  N N 471 
TYR OXT  O  N N 472 
TYR H    H  N N 473 
TYR H2   H  N N 474 
TYR HA   H  N N 475 
TYR HB2  H  N N 476 
TYR HB3  H  N N 477 
TYR HD1  H  N N 478 
TYR HD2  H  N N 479 
TYR HE1  H  N N 480 
TYR HE2  H  N N 481 
TYR HH   H  N N 482 
TYR HXT  H  N N 483 
VAL N    N  N N 484 
VAL CA   C  N S 485 
VAL C    C  N N 486 
VAL O    O  N N 487 
VAL CB   C  N N 488 
VAL CG1  C  N N 489 
VAL CG2  C  N N 490 
VAL OXT  O  N N 491 
VAL H    H  N N 492 
VAL H2   H  N N 493 
VAL HA   H  N N 494 
VAL HB   H  N N 495 
VAL HG11 H  N N 496 
VAL HG12 H  N N 497 
VAL HG13 H  N N 498 
VAL HG21 H  N N 499 
VAL HG22 H  N N 500 
VAL HG23 H  N N 501 
VAL HXT  H  N N 502 
# 
loop_
_chem_comp_bond.comp_id 
_chem_comp_bond.atom_id_1 
_chem_comp_bond.atom_id_2 
_chem_comp_bond.value_order 
_chem_comp_bond.pdbx_aromatic_flag 
_chem_comp_bond.pdbx_stereo_config 
_chem_comp_bond.pdbx_ordinal 
12P O37 C36  sing N N 1   
12P O37 H37  sing N N 2   
12P C36 C35  sing N N 3   
12P C36 H361 sing N N 4   
12P C36 H362 sing N N 5   
12P C35 O34  sing N N 6   
12P C35 H351 sing N N 7   
12P C35 H352 sing N N 8   
12P O34 C33  sing N N 9   
12P C33 C32  sing N N 10  
12P C33 H331 sing N N 11  
12P C33 H332 sing N N 12  
12P C32 O31  sing N N 13  
12P C32 H321 sing N N 14  
12P C32 H322 sing N N 15  
12P O31 C30  sing N N 16  
12P C30 C29  sing N N 17  
12P C30 H301 sing N N 18  
12P C30 H302 sing N N 19  
12P C29 O28  sing N N 20  
12P C29 H291 sing N N 21  
12P C29 H292 sing N N 22  
12P O28 C27  sing N N 23  
12P C27 C26  sing N N 24  
12P C27 H271 sing N N 25  
12P C27 H272 sing N N 26  
12P C26 O25  sing N N 27  
12P C26 H261 sing N N 28  
12P C26 H262 sing N N 29  
12P O25 C24  sing N N 30  
12P C24 C23  sing N N 31  
12P C24 H241 sing N N 32  
12P C24 H242 sing N N 33  
12P C23 O22  sing N N 34  
12P C23 H231 sing N N 35  
12P C23 H232 sing N N 36  
12P O22 C21  sing N N 37  
12P C21 C20  sing N N 38  
12P C21 H211 sing N N 39  
12P C21 H212 sing N N 40  
12P C20 O19  sing N N 41  
12P C20 H201 sing N N 42  
12P C20 H202 sing N N 43  
12P O19 C18  sing N N 44  
12P C18 C17  sing N N 45  
12P C18 H181 sing N N 46  
12P C18 H182 sing N N 47  
12P C17 O16  sing N N 48  
12P C17 H171 sing N N 49  
12P C17 H172 sing N N 50  
12P O16 C15  sing N N 51  
12P C15 C14  sing N N 52  
12P C15 H151 sing N N 53  
12P C15 H152 sing N N 54  
12P C14 O13  sing N N 55  
12P C14 H141 sing N N 56  
12P C14 H142 sing N N 57  
12P O13 C12  sing N N 58  
12P C12 C11  sing N N 59  
12P C12 H121 sing N N 60  
12P C12 H122 sing N N 61  
12P C11 O10  sing N N 62  
12P C11 H111 sing N N 63  
12P C11 H112 sing N N 64  
12P O10 C9   sing N N 65  
12P C9  C8   sing N N 66  
12P C9  H91  sing N N 67  
12P C9  H92  sing N N 68  
12P C8  O7   sing N N 69  
12P C8  H81  sing N N 70  
12P C8  H82  sing N N 71  
12P O7  C6   sing N N 72  
12P C6  C5   sing N N 73  
12P C6  H61  sing N N 74  
12P C6  H62  sing N N 75  
12P C5  O4   sing N N 76  
12P C5  H51  sing N N 77  
12P C5  H52  sing N N 78  
12P O4  C3   sing N N 79  
12P C3  C2   sing N N 80  
12P C3  H31  sing N N 81  
12P C3  H32  sing N N 82  
12P C2  O1   sing N N 83  
12P C2  H21  sing N N 84  
12P C2  H22  sing N N 85  
12P O1  HO1  sing N N 86  
4G2 O14 C12  doub N N 87  
4G2 C12 O13  sing N N 88  
4G2 C12 C10  sing N N 89  
4G2 C10 C9   doub Y N 90  
4G2 C10 N11  sing Y N 91  
4G2 C9  N8   sing Y N 92  
4G2 C9  C15  sing N N 93  
4G2 N8  C7   sing Y N 94  
4G2 C7  N11  doub Y N 95  
4G2 C7  C6   sing Y N 96  
4G2 C6  C1   sing Y N 97  
4G2 C6  C5   doub Y N 98  
4G2 C1  C2   doub Y N 99  
4G2 C2  C3   sing Y N 100 
4G2 C2  CL1  sing N N 101 
4G2 C3  C4   doub Y N 102 
4G2 C4  C5   sing Y N 103 
4G2 O13 H13  sing N N 104 
4G2 N8  H8   sing N N 105 
4G2 C15 H151 sing N N 106 
4G2 C15 H152 sing N N 107 
4G2 C15 H153 sing N N 108 
4G2 C1  H1   sing N N 109 
4G2 C5  H5   sing N N 110 
4G2 C3  H3   sing N N 111 
4G2 C4  H4   sing N N 112 
ALA N   CA   sing N N 113 
ALA N   H    sing N N 114 
ALA N   H2   sing N N 115 
ALA CA  C    sing N N 116 
ALA CA  CB   sing N N 117 
ALA CA  HA   sing N N 118 
ALA C   O    doub N N 119 
ALA C   OXT  sing N N 120 
ALA CB  HB1  sing N N 121 
ALA CB  HB2  sing N N 122 
ALA CB  HB3  sing N N 123 
ALA OXT HXT  sing N N 124 
ARG N   CA   sing N N 125 
ARG N   H    sing N N 126 
ARG N   H2   sing N N 127 
ARG CA  C    sing N N 128 
ARG CA  CB   sing N N 129 
ARG CA  HA   sing N N 130 
ARG C   O    doub N N 131 
ARG C   OXT  sing N N 132 
ARG CB  CG   sing N N 133 
ARG CB  HB2  sing N N 134 
ARG CB  HB3  sing N N 135 
ARG CG  CD   sing N N 136 
ARG CG  HG2  sing N N 137 
ARG CG  HG3  sing N N 138 
ARG CD  NE   sing N N 139 
ARG CD  HD2  sing N N 140 
ARG CD  HD3  sing N N 141 
ARG NE  CZ   sing N N 142 
ARG NE  HE   sing N N 143 
ARG CZ  NH1  sing N N 144 
ARG CZ  NH2  doub N N 145 
ARG NH1 HH11 sing N N 146 
ARG NH1 HH12 sing N N 147 
ARG NH2 HH21 sing N N 148 
ARG NH2 HH22 sing N N 149 
ARG OXT HXT  sing N N 150 
ASN N   CA   sing N N 151 
ASN N   H    sing N N 152 
ASN N   H2   sing N N 153 
ASN CA  C    sing N N 154 
ASN CA  CB   sing N N 155 
ASN CA  HA   sing N N 156 
ASN C   O    doub N N 157 
ASN C   OXT  sing N N 158 
ASN CB  CG   sing N N 159 
ASN CB  HB2  sing N N 160 
ASN CB  HB3  sing N N 161 
ASN CG  OD1  doub N N 162 
ASN CG  ND2  sing N N 163 
ASN ND2 HD21 sing N N 164 
ASN ND2 HD22 sing N N 165 
ASN OXT HXT  sing N N 166 
ASP N   CA   sing N N 167 
ASP N   H    sing N N 168 
ASP N   H2   sing N N 169 
ASP CA  C    sing N N 170 
ASP CA  CB   sing N N 171 
ASP CA  HA   sing N N 172 
ASP C   O    doub N N 173 
ASP C   OXT  sing N N 174 
ASP CB  CG   sing N N 175 
ASP CB  HB2  sing N N 176 
ASP CB  HB3  sing N N 177 
ASP CG  OD1  doub N N 178 
ASP CG  OD2  sing N N 179 
ASP OD2 HD2  sing N N 180 
ASP OXT HXT  sing N N 181 
CYS N   CA   sing N N 182 
CYS N   H    sing N N 183 
CYS N   H2   sing N N 184 
CYS CA  C    sing N N 185 
CYS CA  CB   sing N N 186 
CYS CA  HA   sing N N 187 
CYS C   O    doub N N 188 
CYS C   OXT  sing N N 189 
CYS CB  SG   sing N N 190 
CYS CB  HB2  sing N N 191 
CYS CB  HB3  sing N N 192 
CYS SG  HG   sing N N 193 
CYS OXT HXT  sing N N 194 
GLN N   CA   sing N N 195 
GLN N   H    sing N N 196 
GLN N   H2   sing N N 197 
GLN CA  C    sing N N 198 
GLN CA  CB   sing N N 199 
GLN CA  HA   sing N N 200 
GLN C   O    doub N N 201 
GLN C   OXT  sing N N 202 
GLN CB  CG   sing N N 203 
GLN CB  HB2  sing N N 204 
GLN CB  HB3  sing N N 205 
GLN CG  CD   sing N N 206 
GLN CG  HG2  sing N N 207 
GLN CG  HG3  sing N N 208 
GLN CD  OE1  doub N N 209 
GLN CD  NE2  sing N N 210 
GLN NE2 HE21 sing N N 211 
GLN NE2 HE22 sing N N 212 
GLN OXT HXT  sing N N 213 
GLU N   CA   sing N N 214 
GLU N   H    sing N N 215 
GLU N   H2   sing N N 216 
GLU CA  C    sing N N 217 
GLU CA  CB   sing N N 218 
GLU CA  HA   sing N N 219 
GLU C   O    doub N N 220 
GLU C   OXT  sing N N 221 
GLU CB  CG   sing N N 222 
GLU CB  HB2  sing N N 223 
GLU CB  HB3  sing N N 224 
GLU CG  CD   sing N N 225 
GLU CG  HG2  sing N N 226 
GLU CG  HG3  sing N N 227 
GLU CD  OE1  doub N N 228 
GLU CD  OE2  sing N N 229 
GLU OE2 HE2  sing N N 230 
GLU OXT HXT  sing N N 231 
GLY N   CA   sing N N 232 
GLY N   H    sing N N 233 
GLY N   H2   sing N N 234 
GLY CA  C    sing N N 235 
GLY CA  HA2  sing N N 236 
GLY CA  HA3  sing N N 237 
GLY C   O    doub N N 238 
GLY C   OXT  sing N N 239 
GLY OXT HXT  sing N N 240 
HIS N   CA   sing N N 241 
HIS N   H    sing N N 242 
HIS N   H2   sing N N 243 
HIS CA  C    sing N N 244 
HIS CA  CB   sing N N 245 
HIS CA  HA   sing N N 246 
HIS C   O    doub N N 247 
HIS C   OXT  sing N N 248 
HIS CB  CG   sing N N 249 
HIS CB  HB2  sing N N 250 
HIS CB  HB3  sing N N 251 
HIS CG  ND1  sing Y N 252 
HIS CG  CD2  doub Y N 253 
HIS ND1 CE1  doub Y N 254 
HIS ND1 HD1  sing N N 255 
HIS CD2 NE2  sing Y N 256 
HIS CD2 HD2  sing N N 257 
HIS CE1 NE2  sing Y N 258 
HIS CE1 HE1  sing N N 259 
HIS NE2 HE2  sing N N 260 
HIS OXT HXT  sing N N 261 
HOH O   H1   sing N N 262 
HOH O   H2   sing N N 263 
ILE N   CA   sing N N 264 
ILE N   H    sing N N 265 
ILE N   H2   sing N N 266 
ILE CA  C    sing N N 267 
ILE CA  CB   sing N N 268 
ILE CA  HA   sing N N 269 
ILE C   O    doub N N 270 
ILE C   OXT  sing N N 271 
ILE CB  CG1  sing N N 272 
ILE CB  CG2  sing N N 273 
ILE CB  HB   sing N N 274 
ILE CG1 CD1  sing N N 275 
ILE CG1 HG12 sing N N 276 
ILE CG1 HG13 sing N N 277 
ILE CG2 HG21 sing N N 278 
ILE CG2 HG22 sing N N 279 
ILE CG2 HG23 sing N N 280 
ILE CD1 HD11 sing N N 281 
ILE CD1 HD12 sing N N 282 
ILE CD1 HD13 sing N N 283 
ILE OXT HXT  sing N N 284 
LEU N   CA   sing N N 285 
LEU N   H    sing N N 286 
LEU N   H2   sing N N 287 
LEU CA  C    sing N N 288 
LEU CA  CB   sing N N 289 
LEU CA  HA   sing N N 290 
LEU C   O    doub N N 291 
LEU C   OXT  sing N N 292 
LEU CB  CG   sing N N 293 
LEU CB  HB2  sing N N 294 
LEU CB  HB3  sing N N 295 
LEU CG  CD1  sing N N 296 
LEU CG  CD2  sing N N 297 
LEU CG  HG   sing N N 298 
LEU CD1 HD11 sing N N 299 
LEU CD1 HD12 sing N N 300 
LEU CD1 HD13 sing N N 301 
LEU CD2 HD21 sing N N 302 
LEU CD2 HD22 sing N N 303 
LEU CD2 HD23 sing N N 304 
LEU OXT HXT  sing N N 305 
LYS N   CA   sing N N 306 
LYS N   H    sing N N 307 
LYS N   H2   sing N N 308 
LYS CA  C    sing N N 309 
LYS CA  CB   sing N N 310 
LYS CA  HA   sing N N 311 
LYS C   O    doub N N 312 
LYS C   OXT  sing N N 313 
LYS CB  CG   sing N N 314 
LYS CB  HB2  sing N N 315 
LYS CB  HB3  sing N N 316 
LYS CG  CD   sing N N 317 
LYS CG  HG2  sing N N 318 
LYS CG  HG3  sing N N 319 
LYS CD  CE   sing N N 320 
LYS CD  HD2  sing N N 321 
LYS CD  HD3  sing N N 322 
LYS CE  NZ   sing N N 323 
LYS CE  HE2  sing N N 324 
LYS CE  HE3  sing N N 325 
LYS NZ  HZ1  sing N N 326 
LYS NZ  HZ2  sing N N 327 
LYS NZ  HZ3  sing N N 328 
LYS OXT HXT  sing N N 329 
MET N   CA   sing N N 330 
MET N   H    sing N N 331 
MET N   H2   sing N N 332 
MET CA  C    sing N N 333 
MET CA  CB   sing N N 334 
MET CA  HA   sing N N 335 
MET C   O    doub N N 336 
MET C   OXT  sing N N 337 
MET CB  CG   sing N N 338 
MET CB  HB2  sing N N 339 
MET CB  HB3  sing N N 340 
MET CG  SD   sing N N 341 
MET CG  HG2  sing N N 342 
MET CG  HG3  sing N N 343 
MET SD  CE   sing N N 344 
MET CE  HE1  sing N N 345 
MET CE  HE2  sing N N 346 
MET CE  HE3  sing N N 347 
MET OXT HXT  sing N N 348 
PHE N   CA   sing N N 349 
PHE N   H    sing N N 350 
PHE N   H2   sing N N 351 
PHE CA  C    sing N N 352 
PHE CA  CB   sing N N 353 
PHE CA  HA   sing N N 354 
PHE C   O    doub N N 355 
PHE C   OXT  sing N N 356 
PHE CB  CG   sing N N 357 
PHE CB  HB2  sing N N 358 
PHE CB  HB3  sing N N 359 
PHE CG  CD1  doub Y N 360 
PHE CG  CD2  sing Y N 361 
PHE CD1 CE1  sing Y N 362 
PHE CD1 HD1  sing N N 363 
PHE CD2 CE2  doub Y N 364 
PHE CD2 HD2  sing N N 365 
PHE CE1 CZ   doub Y N 366 
PHE CE1 HE1  sing N N 367 
PHE CE2 CZ   sing Y N 368 
PHE CE2 HE2  sing N N 369 
PHE CZ  HZ   sing N N 370 
PHE OXT HXT  sing N N 371 
PRO N   CA   sing N N 372 
PRO N   CD   sing N N 373 
PRO N   H    sing N N 374 
PRO CA  C    sing N N 375 
PRO CA  CB   sing N N 376 
PRO CA  HA   sing N N 377 
PRO C   O    doub N N 378 
PRO C   OXT  sing N N 379 
PRO CB  CG   sing N N 380 
PRO CB  HB2  sing N N 381 
PRO CB  HB3  sing N N 382 
PRO CG  CD   sing N N 383 
PRO CG  HG2  sing N N 384 
PRO CG  HG3  sing N N 385 
PRO CD  HD2  sing N N 386 
PRO CD  HD3  sing N N 387 
PRO OXT HXT  sing N N 388 
SER N   CA   sing N N 389 
SER N   H    sing N N 390 
SER N   H2   sing N N 391 
SER CA  C    sing N N 392 
SER CA  CB   sing N N 393 
SER CA  HA   sing N N 394 
SER C   O    doub N N 395 
SER C   OXT  sing N N 396 
SER CB  OG   sing N N 397 
SER CB  HB2  sing N N 398 
SER CB  HB3  sing N N 399 
SER OG  HG   sing N N 400 
SER OXT HXT  sing N N 401 
THR N   CA   sing N N 402 
THR N   H    sing N N 403 
THR N   H2   sing N N 404 
THR CA  C    sing N N 405 
THR CA  CB   sing N N 406 
THR CA  HA   sing N N 407 
THR C   O    doub N N 408 
THR C   OXT  sing N N 409 
THR CB  OG1  sing N N 410 
THR CB  CG2  sing N N 411 
THR CB  HB   sing N N 412 
THR OG1 HG1  sing N N 413 
THR CG2 HG21 sing N N 414 
THR CG2 HG22 sing N N 415 
THR CG2 HG23 sing N N 416 
THR OXT HXT  sing N N 417 
TRP N   CA   sing N N 418 
TRP N   H    sing N N 419 
TRP N   H2   sing N N 420 
TRP CA  C    sing N N 421 
TRP CA  CB   sing N N 422 
TRP CA  HA   sing N N 423 
TRP C   O    doub N N 424 
TRP C   OXT  sing N N 425 
TRP CB  CG   sing N N 426 
TRP CB  HB2  sing N N 427 
TRP CB  HB3  sing N N 428 
TRP CG  CD1  doub Y N 429 
TRP CG  CD2  sing Y N 430 
TRP CD1 NE1  sing Y N 431 
TRP CD1 HD1  sing N N 432 
TRP CD2 CE2  doub Y N 433 
TRP CD2 CE3  sing Y N 434 
TRP NE1 CE2  sing Y N 435 
TRP NE1 HE1  sing N N 436 
TRP CE2 CZ2  sing Y N 437 
TRP CE3 CZ3  doub Y N 438 
TRP CE3 HE3  sing N N 439 
TRP CZ2 CH2  doub Y N 440 
TRP CZ2 HZ2  sing N N 441 
TRP CZ3 CH2  sing Y N 442 
TRP CZ3 HZ3  sing N N 443 
TRP CH2 HH2  sing N N 444 
TRP OXT HXT  sing N N 445 
TYR N   CA   sing N N 446 
TYR N   H    sing N N 447 
TYR N   H2   sing N N 448 
TYR CA  C    sing N N 449 
TYR CA  CB   sing N N 450 
TYR CA  HA   sing N N 451 
TYR C   O    doub N N 452 
TYR C   OXT  sing N N 453 
TYR CB  CG   sing N N 454 
TYR CB  HB2  sing N N 455 
TYR CB  HB3  sing N N 456 
TYR CG  CD1  doub Y N 457 
TYR CG  CD2  sing Y N 458 
TYR CD1 CE1  sing Y N 459 
TYR CD1 HD1  sing N N 460 
TYR CD2 CE2  doub Y N 461 
TYR CD2 HD2  sing N N 462 
TYR CE1 CZ   doub Y N 463 
TYR CE1 HE1  sing N N 464 
TYR CE2 CZ   sing Y N 465 
TYR CE2 HE2  sing N N 466 
TYR CZ  OH   sing N N 467 
TYR OH  HH   sing N N 468 
TYR OXT HXT  sing N N 469 
VAL N   CA   sing N N 470 
VAL N   H    sing N N 471 
VAL N   H2   sing N N 472 
VAL CA  C    sing N N 473 
VAL CA  CB   sing N N 474 
VAL CA  HA   sing N N 475 
VAL C   O    doub N N 476 
VAL C   OXT  sing N N 477 
VAL CB  CG1  sing N N 478 
VAL CB  CG2  sing N N 479 
VAL CB  HB   sing N N 480 
VAL CG1 HG11 sing N N 481 
VAL CG1 HG12 sing N N 482 
VAL CG1 HG13 sing N N 483 
VAL CG2 HG21 sing N N 484 
VAL CG2 HG22 sing N N 485 
VAL CG2 HG23 sing N N 486 
VAL OXT HXT  sing N N 487 
# 
loop_
_pdbx_entity_nonpoly.entity_id 
_pdbx_entity_nonpoly.name 
_pdbx_entity_nonpoly.comp_id 
2 'DODECAETHYLENE GLYCOL'                                       12P 
3 '2-(3-CHLORO-PHENYL)-5-METHYL-1H-IMIDAZOLE-4-CARBOXYLIC ACID' 4G2 
4 water                                                         HOH 
# 
_pdbx_initial_refinement_model.id               1 
_pdbx_initial_refinement_model.entity_id_list   ? 
_pdbx_initial_refinement_model.type             'experimental model' 
_pdbx_initial_refinement_model.source_name      PDB 
_pdbx_initial_refinement_model.accession_code   3KCE 
_pdbx_initial_refinement_model.details          'PDB ENTRY 3KCE' 
# 
